data_2KHR
#
_entry.id   2KHR
#
_entity_poly.entity_id   1
_entity_poly.type   'polypeptide(L)'
_entity_poly.pdbx_seq_one_letter_code
;GSHMSTNPFDDDNGAFFVLVNDEDQHSLWPVFADIPAGWRVVHGEASRAACLDYVEKNWTDLRPKSLRDAMVED
;
_entity_poly.pdbx_strand_id   A
#
# COMPACT_ATOMS: atom_id res chain seq x y z
N GLY A 1 1.83 -0.71 28.45
CA GLY A 1 2.54 0.58 28.24
C GLY A 1 2.05 1.30 27.01
N SER A 2 2.89 1.38 25.99
CA SER A 2 2.54 2.06 24.77
C SER A 2 2.33 1.07 23.63
N HIS A 3 1.22 1.20 22.93
CA HIS A 3 0.95 0.34 21.78
C HIS A 3 1.13 1.14 20.49
N MET A 4 1.63 2.36 20.64
CA MET A 4 1.89 3.24 19.50
C MET A 4 2.90 2.60 18.56
N SER A 5 2.42 2.15 17.41
CA SER A 5 3.26 1.53 16.43
C SER A 5 3.69 2.56 15.38
N THR A 6 4.79 3.24 15.64
CA THR A 6 5.29 4.25 14.74
C THR A 6 6.11 3.65 13.61
N ASN A 7 6.80 2.55 13.89
CA ASN A 7 7.52 1.83 12.85
C ASN A 7 6.98 0.42 12.68
N PRO A 8 6.12 0.22 11.66
CA PRO A 8 5.62 -1.10 11.30
C PRO A 8 6.46 -1.72 10.19
N PHE A 9 7.27 -0.91 9.53
CA PHE A 9 8.09 -1.36 8.43
C PHE A 9 9.55 -1.36 8.83
N ASP A 10 10.06 -2.54 9.18
CA ASP A 10 11.46 -2.68 9.53
C ASP A 10 12.33 -2.61 8.28
N ASP A 11 11.99 -3.44 7.30
CA ASP A 11 12.69 -3.47 6.03
C ASP A 11 11.78 -4.07 4.97
N ASP A 12 11.86 -3.56 3.74
CA ASP A 12 10.99 -4.02 2.65
C ASP A 12 11.56 -5.28 2.00
N ASN A 13 10.79 -6.36 2.05
CA ASN A 13 11.28 -7.66 1.59
C ASN A 13 10.79 -8.01 0.20
N GLY A 14 9.48 -8.22 0.05
CA GLY A 14 8.96 -8.71 -1.22
C GLY A 14 7.86 -7.84 -1.80
N ALA A 15 6.81 -8.49 -2.31
CA ALA A 15 5.70 -7.79 -2.94
C ALA A 15 4.95 -6.90 -1.95
N PHE A 16 4.10 -6.03 -2.47
CA PHE A 16 3.38 -5.06 -1.66
C PHE A 16 2.10 -4.65 -2.36
N PHE A 17 1.07 -4.38 -1.58
CA PHE A 17 -0.21 -3.93 -2.11
C PHE A 17 -0.57 -2.56 -1.55
N VAL A 18 -1.43 -1.84 -2.25
CA VAL A 18 -1.96 -0.59 -1.74
C VAL A 18 -3.23 -0.88 -0.96
N LEU A 19 -3.09 -0.94 0.35
CA LEU A 19 -4.18 -1.36 1.22
C LEU A 19 -4.66 -0.21 2.09
N VAL A 20 -5.95 0.04 2.07
CA VAL A 20 -6.54 1.07 2.91
C VAL A 20 -7.71 0.49 3.69
N ASN A 21 -7.74 0.70 4.98
CA ASN A 21 -8.87 0.24 5.79
C ASN A 21 -9.75 1.43 6.16
N ASP A 22 -10.88 1.16 6.78
CA ASP A 22 -11.89 2.18 7.06
C ASP A 22 -11.35 3.26 8.02
N GLU A 23 -10.35 2.89 8.82
CA GLU A 23 -9.77 3.82 9.79
C GLU A 23 -8.43 4.38 9.29
N ASP A 24 -8.11 4.13 8.03
CA ASP A 24 -6.84 4.55 7.48
C ASP A 24 -7.05 5.58 6.37
N GLN A 25 -5.98 5.97 5.69
CA GLN A 25 -6.07 6.94 4.61
C GLN A 25 -5.36 6.43 3.36
N HIS A 26 -4.12 5.96 3.53
CA HIS A 26 -3.40 5.30 2.45
C HIS A 26 -2.16 4.57 3.01
N SER A 27 -2.05 3.29 2.68
CA SER A 27 -0.96 2.49 3.23
C SER A 27 -0.45 1.46 2.22
N LEU A 28 0.84 1.21 2.26
CA LEU A 28 1.45 0.14 1.48
C LEU A 28 1.64 -1.08 2.36
N TRP A 29 0.95 -2.15 2.04
CA TRP A 29 0.98 -3.34 2.86
C TRP A 29 1.79 -4.43 2.18
N PRO A 30 2.90 -4.83 2.81
CA PRO A 30 3.79 -5.87 2.27
C PRO A 30 3.12 -7.23 2.19
N VAL A 31 3.25 -7.87 1.04
CA VAL A 31 2.72 -9.22 0.85
C VAL A 31 3.61 -10.22 1.55
N PHE A 32 3.45 -10.28 2.87
CA PHE A 32 4.24 -11.12 3.74
C PHE A 32 3.49 -11.27 5.06
N ALA A 33 2.79 -10.20 5.43
CA ALA A 33 1.87 -10.24 6.55
C ALA A 33 0.47 -10.53 6.05
N ASP A 34 -0.43 -10.92 6.94
CA ASP A 34 -1.78 -11.27 6.54
C ASP A 34 -2.70 -10.06 6.62
N ILE A 35 -3.63 -9.97 5.69
CA ILE A 35 -4.60 -8.88 5.65
C ILE A 35 -5.80 -9.23 6.52
N PRO A 36 -6.15 -8.37 7.50
CA PRO A 36 -7.22 -8.65 8.46
C PRO A 36 -8.63 -8.41 7.91
N ALA A 37 -9.28 -7.33 8.32
CA ALA A 37 -10.67 -7.08 7.95
C ALA A 37 -10.95 -5.58 7.88
N GLY A 38 -12.02 -5.21 7.19
CA GLY A 38 -12.38 -3.80 7.07
C GLY A 38 -11.45 -3.05 6.14
N TRP A 39 -10.91 -3.77 5.16
CA TRP A 39 -9.91 -3.23 4.27
C TRP A 39 -10.45 -3.03 2.85
N ARG A 40 -9.61 -2.44 2.01
CA ARG A 40 -9.94 -2.16 0.63
C ARG A 40 -8.66 -2.10 -0.20
N VAL A 41 -8.62 -2.85 -1.28
CA VAL A 41 -7.45 -2.85 -2.16
C VAL A 41 -7.61 -1.76 -3.22
N VAL A 42 -6.68 -0.81 -3.21
CA VAL A 42 -6.71 0.29 -4.17
C VAL A 42 -5.83 -0.02 -5.38
N HIS A 43 -4.83 -0.86 -5.17
CA HIS A 43 -3.89 -1.23 -6.23
C HIS A 43 -3.10 -2.46 -5.81
N GLY A 44 -2.79 -3.33 -6.77
CA GLY A 44 -2.06 -4.55 -6.47
C GLY A 44 -0.56 -4.36 -6.49
N GLU A 45 0.17 -5.47 -6.55
CA GLU A 45 1.63 -5.43 -6.51
C GLU A 45 2.21 -4.95 -7.83
N ALA A 46 2.55 -3.67 -7.85
CA ALA A 46 3.27 -3.07 -8.94
C ALA A 46 4.39 -2.20 -8.37
N SER A 47 5.34 -1.78 -9.20
CA SER A 47 6.55 -1.06 -8.76
C SER A 47 6.33 -0.21 -7.50
N ARG A 48 7.20 -0.40 -6.51
CA ARG A 48 7.11 0.28 -5.22
C ARG A 48 7.06 1.79 -5.39
N ALA A 49 7.95 2.31 -6.23
CA ALA A 49 8.02 3.75 -6.49
C ALA A 49 6.72 4.26 -7.08
N ALA A 50 6.07 3.42 -7.88
CA ALA A 50 4.83 3.79 -8.55
C ALA A 50 3.65 3.78 -7.58
N CYS A 51 3.64 2.79 -6.68
CA CYS A 51 2.58 2.70 -5.68
C CYS A 51 2.68 3.83 -4.67
N LEU A 52 3.90 4.11 -4.21
CA LEU A 52 4.14 5.23 -3.31
C LEU A 52 3.77 6.54 -3.98
N ASP A 53 4.22 6.69 -5.23
CA ASP A 53 3.88 7.89 -6.00
C ASP A 53 2.37 8.06 -6.07
N TYR A 54 1.68 7.01 -6.51
CA TYR A 54 0.22 7.03 -6.67
C TYR A 54 -0.49 7.44 -5.38
N VAL A 55 -0.15 6.78 -4.27
CA VAL A 55 -0.83 7.05 -3.01
C VAL A 55 -0.55 8.48 -2.51
N GLU A 56 0.68 8.93 -2.72
CA GLU A 56 1.06 10.28 -2.33
C GLU A 56 0.43 11.32 -3.25
N LYS A 57 0.29 10.98 -4.53
CA LYS A 57 -0.43 11.83 -5.47
C LYS A 57 -1.86 12.06 -4.99
N ASN A 58 -2.53 10.96 -4.64
CA ASN A 58 -3.93 11.02 -4.20
C ASN A 58 -4.06 11.72 -2.86
N TRP A 59 -3.04 11.60 -2.03
CA TRP A 59 -3.02 12.25 -0.73
C TRP A 59 -2.89 13.76 -0.91
N THR A 60 -2.22 14.16 -1.99
CA THR A 60 -2.03 15.57 -2.31
C THR A 60 -3.22 16.09 -3.11
N ASP A 61 -3.58 15.36 -4.15
CA ASP A 61 -4.68 15.73 -5.03
C ASP A 61 -5.74 14.63 -5.01
N LEU A 62 -6.90 14.94 -4.46
CA LEU A 62 -7.96 13.95 -4.29
C LEU A 62 -8.66 13.65 -5.60
N ARG A 63 -7.99 12.87 -6.44
CA ARG A 63 -8.55 12.42 -7.71
C ARG A 63 -8.00 11.03 -8.04
N PRO A 64 -8.73 9.97 -7.65
CA PRO A 64 -8.33 8.59 -7.92
C PRO A 64 -8.39 8.25 -9.40
N LYS A 65 -7.45 7.46 -9.87
CA LYS A 65 -7.37 7.13 -11.28
C LYS A 65 -8.30 5.98 -11.63
N SER A 66 -9.59 6.31 -11.72
CA SER A 66 -10.63 5.37 -12.13
C SER A 66 -10.80 4.24 -11.10
N LEU A 67 -11.82 4.36 -10.27
CA LEU A 67 -12.13 3.32 -9.29
C LEU A 67 -13.14 2.36 -9.88
N ARG A 68 -13.76 2.78 -10.98
CA ARG A 68 -14.68 1.93 -11.71
C ARG A 68 -13.96 1.28 -12.88
N ASP A 69 -14.39 0.08 -13.25
CA ASP A 69 -13.79 -0.68 -14.36
C ASP A 69 -12.32 -0.98 -14.06
N ALA A 70 -12.10 -1.88 -13.13
CA ALA A 70 -10.75 -2.29 -12.76
C ALA A 70 -10.68 -3.81 -12.64
N MET A 71 -11.85 -4.43 -12.47
CA MET A 71 -11.95 -5.87 -12.41
C MET A 71 -13.24 -6.32 -13.09
N VAL A 72 -13.20 -7.45 -13.76
CA VAL A 72 -14.34 -7.91 -14.55
C VAL A 72 -15.18 -8.89 -13.75
N GLU A 73 -16.30 -8.42 -13.22
CA GLU A 73 -17.23 -9.28 -12.51
C GLU A 73 -18.08 -10.06 -13.51
N ASP A 74 -17.51 -11.13 -14.02
CA ASP A 74 -18.13 -11.92 -15.06
C ASP A 74 -17.63 -13.35 -15.00
N GLY A 1 26.14 -15.36 10.16
CA GLY A 1 25.84 -14.48 9.01
C GLY A 1 27.06 -13.67 8.62
N SER A 2 27.63 -13.99 7.48
CA SER A 2 28.92 -13.44 7.08
C SER A 2 28.79 -12.16 6.25
N HIS A 3 27.65 -11.48 6.34
CA HIS A 3 27.54 -10.18 5.69
C HIS A 3 27.89 -9.09 6.69
N MET A 4 29.04 -8.44 6.46
CA MET A 4 29.56 -7.45 7.39
C MET A 4 28.91 -6.08 7.17
N SER A 5 27.63 -6.01 7.49
CA SER A 5 26.88 -4.76 7.43
C SER A 5 25.69 -4.83 8.36
N THR A 6 25.70 -4.01 9.39
CA THR A 6 24.60 -3.94 10.34
C THR A 6 23.39 -3.26 9.72
N ASN A 7 22.35 -4.05 9.46
CA ASN A 7 21.15 -3.57 8.77
C ASN A 7 20.47 -2.43 9.53
N PRO A 8 20.43 -1.24 8.93
CA PRO A 8 19.73 -0.09 9.50
C PRO A 8 18.26 -0.07 9.09
N PHE A 9 17.86 -1.06 8.32
CA PHE A 9 16.50 -1.16 7.82
C PHE A 9 15.95 -2.57 8.03
N ASP A 10 14.63 -2.69 7.95
CA ASP A 10 13.97 -3.98 8.13
C ASP A 10 14.03 -4.78 6.84
N ASP A 11 13.81 -6.08 6.95
CA ASP A 11 13.89 -6.96 5.79
C ASP A 11 12.56 -6.93 5.01
N ASP A 12 12.41 -5.90 4.19
CA ASP A 12 11.26 -5.80 3.31
C ASP A 12 11.35 -6.89 2.25
N ASN A 13 10.57 -7.95 2.45
CA ASN A 13 10.70 -9.15 1.65
C ASN A 13 9.40 -9.47 0.92
N GLY A 14 9.50 -10.33 -0.08
CA GLY A 14 8.35 -10.72 -0.86
C GLY A 14 7.83 -9.58 -1.71
N ALA A 15 6.57 -9.66 -2.08
CA ALA A 15 5.91 -8.58 -2.81
C ALA A 15 5.16 -7.68 -1.85
N PHE A 16 4.60 -6.61 -2.36
CA PHE A 16 3.81 -5.69 -1.55
C PHE A 16 2.58 -5.24 -2.33
N PHE A 17 1.47 -5.04 -1.63
CA PHE A 17 0.22 -4.64 -2.27
C PHE A 17 -0.13 -3.19 -1.92
N VAL A 18 -0.94 -2.57 -2.75
CA VAL A 18 -1.41 -1.22 -2.47
C VAL A 18 -2.69 -1.30 -1.64
N LEU A 19 -2.54 -1.16 -0.33
CA LEU A 19 -3.65 -1.37 0.58
C LEU A 19 -3.99 -0.05 1.26
N VAL A 20 -5.17 0.01 1.88
CA VAL A 20 -5.51 1.13 2.73
C VAL A 20 -6.42 0.67 3.86
N ASN A 21 -6.07 1.04 5.08
CA ASN A 21 -6.88 0.69 6.24
C ASN A 21 -7.91 1.78 6.49
N ASP A 22 -9.04 1.38 7.07
CA ASP A 22 -10.15 2.29 7.36
C ASP A 22 -9.70 3.54 8.11
N GLU A 23 -8.76 3.38 9.03
CA GLU A 23 -8.31 4.48 9.88
C GLU A 23 -6.98 5.07 9.39
N ASP A 24 -6.48 4.59 8.25
CA ASP A 24 -5.17 5.01 7.77
C ASP A 24 -5.29 5.72 6.42
N GLN A 25 -4.26 6.48 6.07
CA GLN A 25 -4.23 7.24 4.83
C GLN A 25 -3.86 6.34 3.64
N HIS A 26 -2.83 5.52 3.83
CA HIS A 26 -2.35 4.63 2.77
C HIS A 26 -1.42 3.56 3.34
N SER A 27 -1.70 2.31 3.04
CA SER A 27 -0.99 1.21 3.68
C SER A 27 -0.28 0.33 2.63
N LEU A 28 1.05 0.29 2.69
CA LEU A 28 1.80 -0.62 1.85
C LEU A 28 2.05 -1.92 2.60
N TRP A 29 1.27 -2.93 2.25
CA TRP A 29 1.23 -4.19 3.00
C TRP A 29 1.93 -5.30 2.21
N PRO A 30 2.99 -5.88 2.79
CA PRO A 30 3.76 -6.95 2.14
C PRO A 30 2.95 -8.22 1.92
N VAL A 31 3.06 -8.77 0.72
CA VAL A 31 2.37 -10.00 0.36
C VAL A 31 3.16 -11.19 0.88
N PHE A 32 3.03 -11.42 2.18
CA PHE A 32 3.78 -12.46 2.86
C PHE A 32 3.08 -12.82 4.16
N ALA A 33 2.51 -11.81 4.80
CA ALA A 33 1.74 -12.01 6.02
C ALA A 33 0.24 -11.97 5.70
N ASP A 34 -0.56 -12.46 6.61
CA ASP A 34 -2.01 -12.52 6.41
C ASP A 34 -2.61 -11.12 6.38
N ILE A 35 -3.60 -10.93 5.54
CA ILE A 35 -4.29 -9.65 5.46
C ILE A 35 -5.31 -9.53 6.60
N PRO A 36 -5.19 -8.48 7.42
CA PRO A 36 -6.08 -8.22 8.55
C PRO A 36 -7.50 -7.82 8.10
N ALA A 37 -8.22 -7.12 8.94
CA ALA A 37 -9.53 -6.60 8.58
C ALA A 37 -9.46 -5.08 8.41
N GLY A 38 -10.57 -4.49 7.95
CA GLY A 38 -10.60 -3.05 7.75
C GLY A 38 -9.73 -2.63 6.58
N TRP A 39 -9.61 -3.51 5.60
CA TRP A 39 -8.70 -3.31 4.50
C TRP A 39 -9.45 -3.01 3.21
N ARG A 40 -8.84 -2.20 2.36
CA ARG A 40 -9.29 -2.02 0.99
C ARG A 40 -8.08 -2.06 0.07
N VAL A 41 -8.14 -2.88 -0.97
CA VAL A 41 -7.05 -2.98 -1.92
C VAL A 41 -7.23 -1.96 -3.03
N VAL A 42 -6.26 -1.07 -3.14
CA VAL A 42 -6.29 -0.06 -4.19
C VAL A 42 -5.72 -0.64 -5.48
N HIS A 43 -4.65 -1.41 -5.35
CA HIS A 43 -4.01 -2.07 -6.48
C HIS A 43 -3.10 -3.20 -5.99
N GLY A 44 -2.63 -4.02 -6.91
CA GLY A 44 -1.84 -5.17 -6.54
C GLY A 44 -0.39 -4.83 -6.26
N GLU A 45 0.50 -5.71 -6.68
CA GLU A 45 1.92 -5.54 -6.44
C GLU A 45 2.55 -4.73 -7.57
N ALA A 46 2.69 -3.46 -7.29
CA ALA A 46 3.32 -2.51 -8.21
C ALA A 46 4.49 -1.84 -7.51
N SER A 47 5.35 -1.17 -8.28
CA SER A 47 6.53 -0.50 -7.74
C SER A 47 6.20 0.28 -6.47
N ARG A 48 6.98 0.04 -5.41
CA ARG A 48 6.70 0.59 -4.07
C ARG A 48 6.56 2.12 -4.12
N ALA A 49 7.58 2.77 -4.67
CA ALA A 49 7.58 4.23 -4.79
C ALA A 49 6.41 4.70 -5.63
N ALA A 50 6.06 3.93 -6.66
CA ALA A 50 4.96 4.27 -7.54
C ALA A 50 3.62 4.14 -6.82
N CYS A 51 3.52 3.15 -5.93
CA CYS A 51 2.32 2.97 -5.13
C CYS A 51 2.13 4.16 -4.20
N LEU A 52 3.19 4.51 -3.47
CA LEU A 52 3.17 5.69 -2.62
C LEU A 52 2.82 6.93 -3.44
N ASP A 53 3.48 7.06 -4.58
CA ASP A 53 3.28 8.18 -5.50
C ASP A 53 1.81 8.28 -5.91
N TYR A 54 1.27 7.17 -6.39
CA TYR A 54 -0.12 7.12 -6.86
C TYR A 54 -1.10 7.52 -5.75
N VAL A 55 -0.98 6.90 -4.58
CA VAL A 55 -1.95 7.15 -3.52
C VAL A 55 -1.87 8.57 -3.00
N GLU A 56 -0.67 9.11 -2.84
CA GLU A 56 -0.50 10.47 -2.32
C GLU A 56 -0.91 11.52 -3.35
N LYS A 57 -0.73 11.21 -4.64
CA LYS A 57 -1.15 12.13 -5.70
C LYS A 57 -2.66 12.25 -5.77
N ASN A 58 -3.38 11.21 -5.33
CA ASN A 58 -4.83 11.26 -5.24
C ASN A 58 -5.25 12.23 -4.15
N TRP A 59 -4.40 12.34 -3.13
CA TRP A 59 -4.53 13.33 -2.07
C TRP A 59 -5.90 13.30 -1.39
N THR A 60 -6.03 12.50 -0.36
CA THR A 60 -7.25 12.45 0.43
C THR A 60 -6.97 13.00 1.82
N ASP A 61 -5.71 13.32 2.04
CA ASP A 61 -5.23 13.80 3.33
C ASP A 61 -5.13 15.32 3.33
N LEU A 62 -4.31 15.86 4.22
CA LEU A 62 -4.18 17.31 4.38
C LEU A 62 -2.72 17.73 4.26
N ARG A 63 -1.88 16.82 3.78
CA ARG A 63 -0.44 17.06 3.71
C ARG A 63 -0.06 17.54 2.31
N PRO A 64 0.46 18.76 2.20
CA PRO A 64 0.85 19.34 0.93
C PRO A 64 2.30 19.01 0.55
N LYS A 65 2.45 18.04 -0.32
CA LYS A 65 3.75 17.67 -0.87
C LYS A 65 3.67 17.71 -2.39
N SER A 66 4.61 18.36 -3.03
CA SER A 66 4.60 18.46 -4.48
C SER A 66 6.01 18.57 -5.06
N LEU A 67 6.35 17.62 -5.91
CA LEU A 67 7.60 17.63 -6.64
C LEU A 67 7.33 17.59 -8.14
N ARG A 68 6.76 16.50 -8.62
CA ARG A 68 6.30 16.39 -10.00
C ARG A 68 4.88 15.87 -10.01
N ASP A 69 4.08 16.36 -9.08
CA ASP A 69 2.74 15.84 -8.86
C ASP A 69 1.73 16.48 -9.80
N ALA A 70 1.57 15.86 -10.95
CA ALA A 70 0.57 16.29 -11.92
C ALA A 70 -0.33 15.12 -12.27
N MET A 71 -1.64 15.32 -12.13
CA MET A 71 -2.59 14.29 -12.51
C MET A 71 -2.83 14.30 -14.00
N VAL A 72 -2.59 13.16 -14.64
CA VAL A 72 -2.71 13.03 -16.08
C VAL A 72 -4.17 13.10 -16.52
N GLU A 73 -4.51 14.16 -17.24
CA GLU A 73 -5.86 14.32 -17.77
C GLU A 73 -5.78 14.87 -19.19
N ASP A 74 -5.97 13.98 -20.16
CA ASP A 74 -5.88 14.37 -21.56
C ASP A 74 -7.28 14.40 -22.16
N GLY A 1 11.61 -15.84 11.99
CA GLY A 1 13.09 -15.81 12.15
C GLY A 1 13.50 -14.92 13.31
N SER A 2 14.63 -15.24 13.92
CA SER A 2 15.15 -14.46 15.03
C SER A 2 15.58 -13.07 14.54
N HIS A 3 15.34 -12.05 15.34
CA HIS A 3 15.67 -10.69 14.93
C HIS A 3 15.95 -9.81 16.15
N MET A 4 16.77 -8.79 15.96
CA MET A 4 16.97 -7.77 16.98
C MET A 4 16.24 -6.50 16.57
N SER A 5 16.61 -5.98 15.40
CA SER A 5 15.89 -4.88 14.78
C SER A 5 14.67 -5.42 14.04
N THR A 6 13.91 -4.56 13.40
CA THR A 6 12.74 -5.00 12.65
C THR A 6 12.34 -3.96 11.60
N ASN A 7 12.01 -4.44 10.41
CA ASN A 7 11.59 -3.58 9.31
C ASN A 7 10.18 -3.95 8.87
N PRO A 8 9.24 -2.99 8.92
CA PRO A 8 7.83 -3.21 8.55
C PRO A 8 7.66 -3.77 7.13
N PHE A 9 8.37 -3.21 6.17
CA PHE A 9 8.23 -3.62 4.78
C PHE A 9 9.58 -3.85 4.12
N ASP A 10 9.79 -5.09 3.69
CA ASP A 10 11.02 -5.47 3.00
C ASP A 10 10.80 -5.42 1.49
N ASP A 11 11.86 -5.15 0.74
CA ASP A 11 11.74 -5.00 -0.72
C ASP A 11 12.06 -6.29 -1.44
N ASP A 12 12.71 -7.22 -0.76
CA ASP A 12 13.13 -8.47 -1.39
C ASP A 12 12.03 -9.50 -1.31
N ASN A 13 11.74 -9.95 -0.09
CA ASN A 13 10.75 -10.98 0.14
C ASN A 13 9.41 -10.36 0.49
N GLY A 14 9.41 -9.04 0.63
CA GLY A 14 8.20 -8.33 0.98
C GLY A 14 7.47 -7.83 -0.24
N ALA A 15 6.68 -8.71 -0.82
CA ALA A 15 5.83 -8.35 -1.93
C ALA A 15 4.68 -7.51 -1.42
N PHE A 16 4.72 -6.22 -1.74
CA PHE A 16 3.77 -5.26 -1.19
C PHE A 16 2.59 -5.04 -2.12
N PHE A 17 1.43 -4.81 -1.53
CA PHE A 17 0.23 -4.46 -2.26
C PHE A 17 -0.16 -3.02 -1.97
N VAL A 18 -1.07 -2.48 -2.77
CA VAL A 18 -1.59 -1.15 -2.54
C VAL A 18 -2.84 -1.24 -1.68
N LEU A 19 -2.69 -1.04 -0.38
CA LEU A 19 -3.79 -1.23 0.54
C LEU A 19 -4.27 0.11 1.07
N VAL A 20 -5.57 0.34 0.97
CA VAL A 20 -6.17 1.53 1.56
C VAL A 20 -7.12 1.10 2.68
N ASN A 21 -7.19 1.89 3.73
CA ASN A 21 -8.01 1.52 4.87
C ASN A 21 -9.26 2.37 4.90
N ASP A 22 -10.16 2.06 5.82
CA ASP A 22 -11.38 2.85 5.98
C ASP A 22 -11.06 4.13 6.74
N GLU A 23 -10.15 4.03 7.70
CA GLU A 23 -9.79 5.17 8.53
C GLU A 23 -8.44 5.76 8.12
N ASP A 24 -7.76 5.11 7.19
CA ASP A 24 -6.43 5.55 6.76
C ASP A 24 -6.35 5.62 5.25
N GLN A 25 -5.60 6.60 4.75
CA GLN A 25 -5.57 6.90 3.33
C GLN A 25 -4.68 5.96 2.51
N HIS A 26 -3.66 5.37 3.12
CA HIS A 26 -2.70 4.58 2.34
C HIS A 26 -1.82 3.69 3.21
N SER A 27 -1.71 2.43 2.81
CA SER A 27 -0.80 1.50 3.43
C SER A 27 -0.16 0.60 2.38
N LEU A 28 1.15 0.61 2.30
CA LEU A 28 1.89 -0.31 1.45
C LEU A 28 2.21 -1.57 2.23
N TRP A 29 1.33 -2.55 2.11
CA TRP A 29 1.33 -3.71 2.98
C TRP A 29 1.83 -4.95 2.24
N PRO A 30 2.84 -5.63 2.78
CA PRO A 30 3.39 -6.86 2.18
C PRO A 30 2.48 -8.06 2.36
N VAL A 31 2.39 -8.88 1.33
CA VAL A 31 1.53 -10.08 1.33
C VAL A 31 2.16 -11.21 2.12
N PHE A 32 3.26 -10.92 2.81
CA PHE A 32 3.94 -11.93 3.62
C PHE A 32 3.41 -11.85 5.06
N ALA A 33 2.39 -11.02 5.25
CA ALA A 33 1.76 -10.85 6.54
C ALA A 33 0.25 -10.94 6.39
N ASP A 34 -0.45 -11.13 7.50
CA ASP A 34 -1.90 -11.28 7.50
C ASP A 34 -2.59 -9.96 7.21
N ILE A 35 -3.69 -10.02 6.47
CA ILE A 35 -4.48 -8.83 6.16
C ILE A 35 -5.77 -8.85 6.99
N PRO A 36 -6.06 -7.74 7.70
CA PRO A 36 -7.28 -7.60 8.51
C PRO A 36 -8.53 -7.43 7.65
N ALA A 37 -9.55 -6.74 8.18
CA ALA A 37 -10.74 -6.41 7.40
C ALA A 37 -11.04 -4.91 7.51
N GLY A 38 -11.72 -4.38 6.51
CA GLY A 38 -12.04 -2.96 6.51
C GLY A 38 -11.15 -2.19 5.57
N TRP A 39 -10.70 -2.84 4.51
CA TRP A 39 -9.72 -2.26 3.60
C TRP A 39 -10.20 -2.26 2.16
N ARG A 40 -9.41 -1.61 1.31
CA ARG A 40 -9.62 -1.62 -0.12
C ARG A 40 -8.27 -1.78 -0.83
N VAL A 41 -8.08 -2.89 -1.52
CA VAL A 41 -6.86 -3.09 -2.31
C VAL A 41 -7.02 -2.42 -3.67
N VAL A 42 -6.19 -1.42 -3.91
CA VAL A 42 -6.27 -0.66 -5.16
C VAL A 42 -5.57 -1.40 -6.28
N HIS A 43 -4.43 -1.99 -5.96
CA HIS A 43 -3.62 -2.73 -6.94
C HIS A 43 -2.79 -3.78 -6.24
N GLY A 44 -2.32 -4.76 -6.99
CA GLY A 44 -1.50 -5.80 -6.43
C GLY A 44 -0.07 -5.36 -6.21
N GLU A 45 0.87 -6.25 -6.47
CA GLU A 45 2.28 -5.95 -6.26
C GLU A 45 2.86 -5.24 -7.46
N ALA A 46 2.92 -3.95 -7.33
CA ALA A 46 3.52 -3.07 -8.32
C ALA A 46 4.63 -2.28 -7.67
N SER A 47 5.47 -1.64 -8.48
CA SER A 47 6.61 -0.87 -7.96
C SER A 47 6.18 0.05 -6.82
N ARG A 48 6.91 -0.04 -5.71
CA ARG A 48 6.53 0.64 -4.48
C ARG A 48 6.52 2.17 -4.68
N ALA A 49 7.47 2.65 -5.46
CA ALA A 49 7.56 4.08 -5.75
C ALA A 49 6.30 4.58 -6.45
N ALA A 50 5.89 3.88 -7.49
CA ALA A 50 4.70 4.25 -8.25
C ALA A 50 3.46 4.16 -7.38
N CYS A 51 3.40 3.11 -6.57
CA CYS A 51 2.28 2.92 -5.67
C CYS A 51 2.22 4.03 -4.62
N LEU A 52 3.37 4.34 -4.04
CA LEU A 52 3.45 5.39 -3.02
C LEU A 52 3.05 6.72 -3.63
N ASP A 53 3.60 7.01 -4.81
CA ASP A 53 3.28 8.25 -5.52
C ASP A 53 1.77 8.37 -5.74
N TYR A 54 1.17 7.29 -6.22
CA TYR A 54 -0.25 7.28 -6.52
C TYR A 54 -1.09 7.54 -5.26
N VAL A 55 -0.82 6.79 -4.19
CA VAL A 55 -1.62 6.89 -2.97
C VAL A 55 -1.47 8.27 -2.31
N GLU A 56 -0.25 8.82 -2.37
CA GLU A 56 0.02 10.13 -1.80
C GLU A 56 -0.69 11.23 -2.60
N LYS A 57 -0.67 11.09 -3.91
CA LYS A 57 -1.30 12.07 -4.78
C LYS A 57 -2.80 11.83 -4.92
N ASN A 58 -3.26 10.65 -4.52
CA ASN A 58 -4.69 10.39 -4.40
C ASN A 58 -5.21 11.01 -3.12
N TRP A 59 -4.30 11.22 -2.18
CA TRP A 59 -4.61 11.98 -0.98
C TRP A 59 -4.60 13.47 -1.30
N THR A 60 -3.62 13.89 -2.12
CA THR A 60 -3.53 15.26 -2.58
C THR A 60 -4.77 15.61 -3.40
N ASP A 61 -4.95 14.88 -4.50
CA ASP A 61 -6.15 15.00 -5.32
C ASP A 61 -7.13 13.91 -4.91
N LEU A 62 -7.95 14.24 -3.92
CA LEU A 62 -8.87 13.27 -3.33
C LEU A 62 -9.98 12.96 -4.32
N ARG A 63 -9.85 11.82 -4.98
CA ARG A 63 -10.86 11.35 -5.90
C ARG A 63 -11.00 9.83 -5.80
N PRO A 64 -12.02 9.34 -5.09
CA PRO A 64 -12.24 7.91 -4.89
C PRO A 64 -12.68 7.21 -6.17
N LYS A 65 -11.73 6.60 -6.87
CA LYS A 65 -12.02 5.90 -8.11
C LYS A 65 -12.37 4.44 -7.82
N SER A 66 -13.65 4.18 -7.63
CA SER A 66 -14.11 2.82 -7.37
C SER A 66 -14.58 2.17 -8.67
N LEU A 67 -13.77 1.29 -9.21
CA LEU A 67 -14.09 0.60 -10.46
C LEU A 67 -14.10 -0.90 -10.25
N ARG A 68 -14.98 -1.60 -10.96
CA ARG A 68 -15.07 -3.05 -10.88
C ARG A 68 -15.12 -3.67 -12.27
N ASP A 69 -15.86 -3.03 -13.16
CA ASP A 69 -16.04 -3.52 -14.52
C ASP A 69 -16.05 -2.38 -15.51
N ALA A 70 -15.38 -2.57 -16.64
CA ALA A 70 -15.33 -1.55 -17.68
C ALA A 70 -14.99 -2.19 -19.02
N MET A 71 -14.94 -1.38 -20.06
CA MET A 71 -14.58 -1.86 -21.38
C MET A 71 -13.06 -2.01 -21.48
N VAL A 72 -12.56 -3.11 -20.95
CA VAL A 72 -11.14 -3.41 -21.00
C VAL A 72 -10.84 -4.38 -22.13
N GLU A 73 -9.60 -4.46 -22.55
CA GLU A 73 -9.21 -5.35 -23.62
C GLU A 73 -8.47 -6.55 -23.04
N ASP A 74 -9.19 -7.66 -22.91
CA ASP A 74 -8.61 -8.86 -22.32
C ASP A 74 -8.63 -9.99 -23.34
N GLY A 1 10.43 2.36 -19.34
CA GLY A 1 11.29 1.25 -19.83
C GLY A 1 10.53 -0.05 -19.96
N SER A 2 11.16 -1.04 -20.57
CA SER A 2 10.53 -2.34 -20.77
C SER A 2 10.61 -3.16 -19.48
N HIS A 3 9.59 -3.97 -19.23
CA HIS A 3 9.55 -4.82 -18.05
C HIS A 3 9.31 -6.28 -18.45
N MET A 4 10.03 -7.17 -17.79
CA MET A 4 9.87 -8.60 -18.02
C MET A 4 10.23 -9.37 -16.76
N SER A 5 9.82 -10.62 -16.68
CA SER A 5 10.02 -11.41 -15.48
C SER A 5 11.41 -12.05 -15.49
N THR A 6 12.43 -11.22 -15.33
CA THR A 6 13.81 -11.68 -15.23
C THR A 6 14.54 -10.88 -14.17
N ASN A 7 14.87 -11.51 -13.05
CA ASN A 7 15.53 -10.81 -11.96
C ASN A 7 16.94 -11.33 -11.71
N PRO A 8 17.95 -10.61 -12.23
CA PRO A 8 19.35 -10.88 -11.94
C PRO A 8 19.86 -10.01 -10.79
N PHE A 9 18.92 -9.48 -10.01
CA PHE A 9 19.24 -8.53 -8.96
C PHE A 9 19.34 -9.22 -7.60
N ASP A 10 19.19 -8.43 -6.54
CA ASP A 10 19.30 -8.94 -5.17
C ASP A 10 17.95 -9.48 -4.70
N ASP A 11 17.86 -9.81 -3.41
CA ASP A 11 16.63 -10.37 -2.84
C ASP A 11 15.47 -9.39 -2.96
N ASP A 12 14.35 -9.88 -3.48
CA ASP A 12 13.17 -9.08 -3.70
C ASP A 12 12.19 -9.24 -2.53
N ASN A 13 11.27 -8.29 -2.40
CA ASN A 13 10.31 -8.29 -1.30
C ASN A 13 9.16 -9.25 -1.56
N GLY A 14 9.05 -9.71 -2.80
CA GLY A 14 8.00 -10.64 -3.16
C GLY A 14 6.84 -9.95 -3.82
N ALA A 15 5.96 -9.42 -3.00
CA ALA A 15 4.80 -8.68 -3.48
C ALA A 15 4.28 -7.76 -2.39
N PHE A 16 3.73 -6.63 -2.81
CA PHE A 16 3.15 -5.67 -1.90
C PHE A 16 1.94 -5.01 -2.56
N PHE A 17 0.93 -4.69 -1.77
CA PHE A 17 -0.28 -4.09 -2.31
C PHE A 17 -0.53 -2.72 -1.70
N VAL A 18 -1.46 -2.00 -2.30
CA VAL A 18 -1.89 -0.71 -1.76
C VAL A 18 -3.14 -0.90 -0.93
N LEU A 19 -2.95 -0.91 0.38
CA LEU A 19 -4.04 -1.20 1.30
C LEU A 19 -4.57 0.10 1.89
N VAL A 20 -5.87 0.29 1.82
CA VAL A 20 -6.51 1.46 2.39
C VAL A 20 -7.68 1.04 3.29
N ASN A 21 -7.87 1.77 4.37
CA ASN A 21 -8.98 1.50 5.29
C ASN A 21 -9.80 2.78 5.43
N ASP A 22 -10.94 2.70 6.11
CA ASP A 22 -11.82 3.86 6.24
C ASP A 22 -11.16 4.95 7.08
N GLU A 23 -10.32 4.53 8.02
CA GLU A 23 -9.63 5.46 8.89
C GLU A 23 -8.12 5.46 8.64
N ASP A 24 -7.71 4.80 7.57
CA ASP A 24 -6.30 4.75 7.19
C ASP A 24 -6.14 5.44 5.84
N GLN A 25 -5.20 6.38 5.74
CA GLN A 25 -5.10 7.19 4.54
C GLN A 25 -4.53 6.37 3.38
N HIS A 26 -3.38 5.75 3.60
CA HIS A 26 -2.77 4.86 2.61
C HIS A 26 -1.65 4.05 3.24
N SER A 27 -1.68 2.74 3.09
CA SER A 27 -0.64 1.89 3.60
C SER A 27 -0.15 0.90 2.55
N LEU A 28 1.16 0.81 2.40
CA LEU A 28 1.76 -0.21 1.54
C LEU A 28 1.91 -1.49 2.35
N TRP A 29 1.07 -2.47 2.04
CA TRP A 29 1.03 -3.68 2.81
C TRP A 29 1.59 -4.84 1.99
N PRO A 30 2.71 -5.42 2.45
CA PRO A 30 3.34 -6.55 1.76
C PRO A 30 2.45 -7.79 1.77
N VAL A 31 2.46 -8.52 0.67
CA VAL A 31 1.65 -9.74 0.53
C VAL A 31 2.35 -10.90 1.27
N PHE A 32 3.34 -10.53 2.08
CA PHE A 32 4.05 -11.49 2.92
C PHE A 32 3.43 -11.49 4.31
N ALA A 33 2.54 -10.53 4.55
CA ALA A 33 1.90 -10.38 5.84
C ALA A 33 0.41 -10.69 5.76
N ASP A 34 -0.21 -10.90 6.91
CA ASP A 34 -1.62 -11.26 7.00
C ASP A 34 -2.52 -10.10 6.62
N ILE A 35 -3.62 -10.42 5.95
CA ILE A 35 -4.64 -9.44 5.62
C ILE A 35 -5.95 -9.81 6.30
N PRO A 36 -6.47 -8.91 7.16
CA PRO A 36 -7.68 -9.18 7.95
C PRO A 36 -8.99 -8.89 7.20
N ALA A 37 -9.69 -7.82 7.56
CA ALA A 37 -10.98 -7.52 6.98
C ALA A 37 -11.22 -6.01 6.96
N GLY A 38 -12.24 -5.59 6.21
CA GLY A 38 -12.54 -4.17 6.09
C GLY A 38 -11.46 -3.42 5.32
N TRP A 39 -10.78 -4.15 4.43
CA TRP A 39 -9.66 -3.59 3.69
C TRP A 39 -10.07 -3.20 2.28
N ARG A 40 -9.35 -2.26 1.70
CA ARG A 40 -9.55 -1.86 0.32
C ARG A 40 -8.21 -1.91 -0.40
N VAL A 41 -8.08 -2.81 -1.37
CA VAL A 41 -6.87 -2.88 -2.17
C VAL A 41 -7.03 -2.03 -3.42
N VAL A 42 -6.37 -0.89 -3.46
CA VAL A 42 -6.51 0.04 -4.55
C VAL A 42 -5.59 -0.33 -5.72
N HIS A 43 -4.48 -0.96 -5.40
CA HIS A 43 -3.49 -1.30 -6.41
C HIS A 43 -2.78 -2.60 -6.03
N GLY A 44 -2.46 -3.40 -7.04
CA GLY A 44 -1.82 -4.68 -6.80
C GLY A 44 -0.31 -4.57 -6.66
N GLU A 45 0.37 -5.69 -6.89
CA GLU A 45 1.81 -5.74 -6.71
C GLU A 45 2.55 -5.16 -7.92
N ALA A 46 2.94 -3.91 -7.79
CA ALA A 46 3.77 -3.23 -8.77
C ALA A 46 4.68 -2.27 -8.04
N SER A 47 5.71 -1.75 -8.73
CA SER A 47 6.81 -1.00 -8.10
C SER A 47 6.37 -0.22 -6.87
N ARG A 48 7.10 -0.42 -5.78
CA ARG A 48 6.76 0.13 -4.47
C ARG A 48 6.80 1.65 -4.52
N ALA A 49 7.77 2.20 -5.23
CA ALA A 49 7.90 3.65 -5.36
C ALA A 49 6.73 4.24 -6.15
N ALA A 50 6.27 3.52 -7.17
CA ALA A 50 5.14 3.96 -7.97
C ALA A 50 3.87 3.95 -7.13
N CYS A 51 3.74 2.93 -6.29
CA CYS A 51 2.64 2.85 -5.35
C CYS A 51 2.68 4.02 -4.37
N LEU A 52 3.89 4.35 -3.89
CA LEU A 52 4.07 5.51 -3.02
C LEU A 52 3.56 6.77 -3.70
N ASP A 53 3.95 6.97 -4.95
CA ASP A 53 3.50 8.12 -5.73
C ASP A 53 1.98 8.18 -5.74
N TYR A 54 1.37 7.07 -6.13
CA TYR A 54 -0.08 6.98 -6.24
C TYR A 54 -0.76 7.28 -4.91
N VAL A 55 -0.32 6.64 -3.84
CA VAL A 55 -0.97 6.79 -2.53
C VAL A 55 -0.81 8.20 -1.97
N GLU A 56 0.34 8.80 -2.19
CA GLU A 56 0.62 10.14 -1.69
C GLU A 56 -0.17 11.20 -2.43
N LYS A 57 -0.29 11.03 -3.75
CA LYS A 57 -1.05 11.97 -4.57
C LYS A 57 -2.55 11.72 -4.43
N ASN A 58 -2.92 10.57 -3.89
CA ASN A 58 -4.32 10.21 -3.69
C ASN A 58 -4.78 10.53 -2.26
N TRP A 59 -3.99 11.33 -1.54
CA TRP A 59 -4.32 11.67 -0.16
C TRP A 59 -5.64 12.47 -0.08
N THR A 60 -6.02 13.07 -1.21
CA THR A 60 -7.28 13.79 -1.32
C THR A 60 -8.44 12.82 -1.25
N ASP A 61 -9.39 13.08 -0.35
CA ASP A 61 -10.52 12.18 -0.13
C ASP A 61 -11.49 12.18 -1.30
N LEU A 62 -11.17 11.42 -2.32
CA LEU A 62 -12.04 11.26 -3.46
C LEU A 62 -12.55 9.82 -3.51
N ARG A 63 -13.82 9.63 -3.19
CA ARG A 63 -14.41 8.31 -3.21
C ARG A 63 -14.80 7.93 -4.64
N PRO A 64 -14.16 6.89 -5.19
CA PRO A 64 -14.45 6.42 -6.54
C PRO A 64 -15.66 5.50 -6.58
N LYS A 65 -16.41 5.56 -7.67
CA LYS A 65 -17.53 4.67 -7.86
C LYS A 65 -17.05 3.23 -7.97
N SER A 66 -17.12 2.51 -6.87
CA SER A 66 -16.55 1.18 -6.78
C SER A 66 -17.47 0.12 -7.39
N LEU A 67 -17.38 -0.02 -8.70
CA LEU A 67 -18.15 -1.03 -9.41
C LEU A 67 -17.22 -2.20 -9.74
N ARG A 68 -17.11 -3.14 -8.81
CA ARG A 68 -16.23 -4.28 -9.00
C ARG A 68 -16.81 -5.52 -8.33
N ASP A 69 -17.44 -6.37 -9.12
CA ASP A 69 -17.99 -7.61 -8.61
C ASP A 69 -16.97 -8.72 -8.78
N ALA A 70 -16.47 -9.23 -7.66
CA ALA A 70 -15.43 -10.24 -7.69
C ALA A 70 -15.93 -11.57 -7.13
N MET A 71 -16.28 -11.56 -5.84
CA MET A 71 -16.70 -12.77 -5.14
C MET A 71 -15.65 -13.86 -5.27
N VAL A 72 -14.59 -13.75 -4.47
CA VAL A 72 -13.46 -14.65 -4.58
C VAL A 72 -13.04 -15.18 -3.23
N GLU A 73 -12.36 -16.32 -3.25
CA GLU A 73 -11.75 -16.92 -2.07
C GLU A 73 -12.79 -17.47 -1.09
N ASP A 74 -13.23 -18.69 -1.35
CA ASP A 74 -14.07 -19.41 -0.41
C ASP A 74 -13.46 -20.76 -0.13
N GLY A 1 31.95 -14.47 -1.06
CA GLY A 1 30.80 -14.75 -0.16
C GLY A 1 31.22 -14.75 1.29
N SER A 2 30.26 -14.58 2.18
CA SER A 2 30.55 -14.53 3.61
C SER A 2 31.08 -15.88 4.11
N HIS A 3 32.33 -15.90 4.53
CA HIS A 3 32.91 -17.11 5.10
C HIS A 3 32.40 -17.28 6.52
N MET A 4 31.94 -18.49 6.84
CA MET A 4 31.23 -18.75 8.09
C MET A 4 29.97 -17.91 8.14
N SER A 5 28.95 -18.34 7.41
CA SER A 5 27.73 -17.56 7.28
C SER A 5 26.54 -18.28 7.89
N THR A 6 25.87 -17.62 8.81
CA THR A 6 24.63 -18.11 9.37
C THR A 6 23.46 -17.30 8.81
N ASN A 7 22.53 -17.98 8.16
CA ASN A 7 21.43 -17.32 7.48
C ASN A 7 20.29 -17.02 8.45
N PRO A 8 19.88 -15.75 8.52
CA PRO A 8 18.78 -15.32 9.39
C PRO A 8 17.43 -15.93 8.98
N PHE A 9 17.18 -15.95 7.67
CA PHE A 9 15.95 -16.52 7.11
C PHE A 9 14.71 -15.76 7.58
N ASP A 10 14.86 -14.46 7.81
CA ASP A 10 13.76 -13.66 8.33
C ASP A 10 13.35 -12.57 7.35
N ASP A 11 14.17 -12.35 6.33
CA ASP A 11 13.93 -11.27 5.38
C ASP A 11 13.37 -11.82 4.08
N ASP A 12 12.45 -11.07 3.49
CA ASP A 12 11.85 -11.43 2.21
C ASP A 12 11.67 -10.15 1.40
N ASN A 13 11.62 -10.27 0.07
CA ASN A 13 11.42 -9.11 -0.78
C ASN A 13 10.10 -8.44 -0.47
N GLY A 14 9.12 -9.26 -0.09
CA GLY A 14 7.82 -8.77 0.34
C GLY A 14 7.06 -8.07 -0.76
N ALA A 15 6.36 -8.86 -1.54
CA ALA A 15 5.48 -8.33 -2.58
C ALA A 15 4.35 -7.54 -1.92
N PHE A 16 4.38 -6.24 -2.12
CA PHE A 16 3.49 -5.33 -1.41
C PHE A 16 2.25 -4.98 -2.22
N PHE A 17 1.14 -4.80 -1.53
CA PHE A 17 -0.10 -4.31 -2.14
C PHE A 17 -0.44 -2.94 -1.57
N VAL A 18 -1.19 -2.16 -2.33
CA VAL A 18 -1.64 -0.87 -1.84
C VAL A 18 -2.89 -1.07 -0.98
N LEU A 19 -2.67 -1.11 0.33
CA LEU A 19 -3.74 -1.39 1.27
C LEU A 19 -4.16 -0.11 1.99
N VAL A 20 -5.44 0.17 1.97
CA VAL A 20 -5.98 1.28 2.73
C VAL A 20 -6.79 0.73 3.90
N ASN A 21 -6.64 1.35 5.05
CA ASN A 21 -7.35 0.94 6.24
C ASN A 21 -8.60 1.79 6.42
N ASP A 22 -9.30 1.61 7.53
CA ASP A 22 -10.54 2.32 7.75
C ASP A 22 -10.25 3.77 8.14
N GLU A 23 -9.27 3.92 9.02
CA GLU A 23 -8.87 5.24 9.51
C GLU A 23 -7.46 5.62 9.04
N ASP A 24 -6.97 4.92 8.03
CA ASP A 24 -5.63 5.14 7.52
C ASP A 24 -5.66 5.56 6.06
N GLN A 25 -4.73 6.40 5.65
CA GLN A 25 -4.71 6.95 4.30
C GLN A 25 -4.17 5.93 3.30
N HIS A 26 -3.02 5.33 3.62
CA HIS A 26 -2.35 4.41 2.71
C HIS A 26 -1.28 3.61 3.43
N SER A 27 -1.26 2.30 3.18
CA SER A 27 -0.25 1.42 3.72
C SER A 27 0.18 0.39 2.68
N LEU A 28 1.47 0.34 2.38
CA LEU A 28 1.99 -0.68 1.47
C LEU A 28 2.19 -1.97 2.25
N TRP A 29 1.26 -2.90 2.08
CA TRP A 29 1.22 -4.11 2.88
C TRP A 29 1.62 -5.32 2.05
N PRO A 30 2.72 -5.98 2.43
CA PRO A 30 3.22 -7.17 1.71
C PRO A 30 2.32 -8.38 1.87
N VAL A 31 2.17 -9.14 0.79
CA VAL A 31 1.36 -10.36 0.77
C VAL A 31 2.01 -11.47 1.60
N PHE A 32 3.14 -11.15 2.22
CA PHE A 32 3.82 -12.09 3.10
C PHE A 32 3.09 -12.18 4.44
N ALA A 33 2.25 -11.20 4.70
CA ALA A 33 1.48 -11.16 5.92
C ALA A 33 -0.01 -11.31 5.63
N ASP A 34 -0.74 -11.93 6.54
CA ASP A 34 -2.18 -12.16 6.37
C ASP A 34 -2.94 -10.84 6.36
N ILE A 35 -3.97 -10.77 5.52
CA ILE A 35 -4.80 -9.57 5.43
C ILE A 35 -6.04 -9.70 6.32
N PRO A 36 -6.18 -8.78 7.28
CA PRO A 36 -7.35 -8.74 8.19
C PRO A 36 -8.60 -8.23 7.48
N ALA A 37 -9.54 -7.72 8.25
CA ALA A 37 -10.74 -7.08 7.70
C ALA A 37 -10.60 -5.56 7.83
N GLY A 38 -11.57 -4.84 7.27
CA GLY A 38 -11.50 -3.38 7.29
C GLY A 38 -10.47 -2.89 6.28
N TRP A 39 -10.31 -3.66 5.22
CA TRP A 39 -9.27 -3.40 4.24
C TRP A 39 -9.85 -2.82 2.96
N ARG A 40 -9.00 -2.12 2.22
CA ARG A 40 -9.35 -1.61 0.91
C ARG A 40 -8.13 -1.71 -0.01
N VAL A 41 -8.22 -2.54 -1.04
CA VAL A 41 -7.11 -2.72 -1.95
C VAL A 41 -7.23 -1.77 -3.13
N VAL A 42 -6.29 -0.84 -3.22
CA VAL A 42 -6.31 0.16 -4.29
C VAL A 42 -5.55 -0.35 -5.51
N HIS A 43 -4.48 -1.10 -5.27
CA HIS A 43 -3.65 -1.60 -6.36
C HIS A 43 -2.83 -2.80 -5.89
N GLY A 44 -2.56 -3.72 -6.80
CA GLY A 44 -1.78 -4.91 -6.48
C GLY A 44 -0.30 -4.65 -6.41
N GLU A 45 0.48 -5.73 -6.39
CA GLU A 45 1.93 -5.61 -6.25
C GLU A 45 2.57 -5.01 -7.48
N ALA A 46 2.84 -3.72 -7.39
CA ALA A 46 3.60 -2.98 -8.39
C ALA A 46 4.56 -2.05 -7.66
N SER A 47 5.53 -1.48 -8.39
CA SER A 47 6.60 -0.67 -7.80
C SER A 47 6.10 0.19 -6.62
N ARG A 48 6.80 0.10 -5.49
CA ARG A 48 6.34 0.68 -4.23
C ARG A 48 6.31 2.20 -4.31
N ALA A 49 7.34 2.78 -4.91
CA ALA A 49 7.42 4.22 -5.07
C ALA A 49 6.30 4.73 -5.98
N ALA A 50 5.97 3.95 -7.00
CA ALA A 50 4.88 4.29 -7.91
C ALA A 50 3.54 4.23 -7.19
N CYS A 51 3.39 3.22 -6.33
CA CYS A 51 2.19 3.09 -5.51
C CYS A 51 2.02 4.29 -4.58
N LEU A 52 3.10 4.63 -3.88
CA LEU A 52 3.12 5.83 -3.05
C LEU A 52 2.74 7.06 -3.86
N ASP A 53 3.40 7.22 -5.00
CA ASP A 53 3.17 8.37 -5.88
C ASP A 53 1.70 8.45 -6.25
N TYR A 54 1.15 7.33 -6.69
CA TYR A 54 -0.25 7.25 -7.08
C TYR A 54 -1.18 7.69 -5.95
N VAL A 55 -1.00 7.11 -4.77
CA VAL A 55 -1.91 7.37 -3.66
C VAL A 55 -1.70 8.76 -3.05
N GLU A 56 -0.45 9.21 -3.00
CA GLU A 56 -0.13 10.50 -2.41
C GLU A 56 -0.60 11.64 -3.30
N LYS A 57 -0.55 11.44 -4.61
CA LYS A 57 -1.01 12.45 -5.55
C LYS A 57 -2.53 12.42 -5.70
N ASN A 58 -3.15 11.32 -5.27
CA ASN A 58 -4.62 11.24 -5.25
C ASN A 58 -5.16 11.83 -3.96
N TRP A 59 -4.32 11.86 -2.94
CA TRP A 59 -4.67 12.50 -1.68
C TRP A 59 -4.70 14.01 -1.86
N THR A 60 -5.88 14.60 -1.74
CA THR A 60 -6.04 16.02 -1.94
C THR A 60 -5.69 16.78 -0.65
N ASP A 61 -4.97 17.88 -0.81
CA ASP A 61 -4.49 18.66 0.32
C ASP A 61 -5.56 19.64 0.79
N LEU A 62 -6.40 19.18 1.70
CA LEU A 62 -7.40 20.04 2.34
C LEU A 62 -7.15 20.10 3.83
N ARG A 63 -6.85 18.95 4.42
CA ARG A 63 -6.56 18.87 5.84
C ARG A 63 -5.15 19.38 6.11
N PRO A 64 -4.99 20.32 7.05
CA PRO A 64 -3.69 20.89 7.38
C PRO A 64 -2.72 19.83 7.90
N LYS A 65 -1.76 19.46 7.06
CA LYS A 65 -0.74 18.49 7.44
C LYS A 65 0.32 19.14 8.33
N SER A 66 0.87 18.36 9.25
CA SER A 66 1.79 18.89 10.24
C SER A 66 3.23 18.61 9.82
N LEU A 67 4.15 19.47 10.25
CA LEU A 67 5.55 19.33 9.91
C LEU A 67 6.35 18.74 11.07
N ARG A 68 6.83 17.52 10.88
CA ARG A 68 7.67 16.88 11.89
C ARG A 68 9.01 16.47 11.29
N ASP A 69 10.02 17.29 11.54
CA ASP A 69 11.37 17.00 11.09
C ASP A 69 12.28 16.74 12.28
N ALA A 70 13.12 15.71 12.18
CA ALA A 70 14.00 15.35 13.28
C ALA A 70 15.44 15.17 12.81
N MET A 71 15.75 15.70 11.63
CA MET A 71 17.09 15.59 11.08
C MET A 71 17.67 16.96 10.79
N VAL A 72 18.30 17.55 11.80
CA VAL A 72 18.95 18.84 11.64
C VAL A 72 20.45 18.68 11.77
N GLU A 73 21.15 18.82 10.66
CA GLU A 73 22.59 18.66 10.64
C GLU A 73 23.28 19.95 10.23
N ASP A 74 24.58 20.02 10.41
CA ASP A 74 25.34 21.21 10.04
C ASP A 74 25.88 21.07 8.62
N GLY A 1 1.95 -18.37 20.73
CA GLY A 1 3.22 -17.93 21.37
C GLY A 1 3.85 -16.79 20.60
N SER A 2 5.00 -16.34 21.07
CA SER A 2 5.70 -15.23 20.44
C SER A 2 6.39 -15.70 19.17
N HIS A 3 5.95 -15.18 18.03
CA HIS A 3 6.57 -15.49 16.76
C HIS A 3 7.92 -14.80 16.67
N MET A 4 8.95 -15.53 16.27
CA MET A 4 10.29 -14.98 16.20
C MET A 4 10.86 -15.14 14.80
N SER A 5 11.64 -14.16 14.39
CA SER A 5 12.37 -14.21 13.14
C SER A 5 13.69 -13.48 13.30
N THR A 6 14.66 -14.16 13.88
CA THR A 6 15.95 -13.56 14.16
C THR A 6 16.77 -13.44 12.89
N ASN A 7 16.79 -12.25 12.30
CA ASN A 7 17.50 -12.03 11.06
C ASN A 7 18.71 -11.14 11.28
N PRO A 8 19.91 -11.72 11.37
CA PRO A 8 21.16 -10.99 11.47
C PRO A 8 21.59 -10.47 10.10
N PHE A 9 20.83 -10.85 9.09
CA PHE A 9 21.06 -10.45 7.72
C PHE A 9 19.76 -9.98 7.10
N ASP A 10 19.84 -9.19 6.04
CA ASP A 10 18.65 -8.74 5.34
C ASP A 10 18.45 -9.57 4.08
N ASP A 11 17.20 -9.93 3.81
CA ASP A 11 16.87 -10.75 2.66
C ASP A 11 16.07 -9.93 1.65
N ASP A 12 15.37 -10.58 0.73
CA ASP A 12 14.60 -9.88 -0.28
C ASP A 12 13.18 -9.62 0.23
N ASN A 13 12.57 -8.55 -0.27
CA ASN A 13 11.26 -8.12 0.21
C ASN A 13 10.16 -8.78 -0.61
N GLY A 14 9.06 -9.12 0.05
CA GLY A 14 7.94 -9.75 -0.63
C GLY A 14 7.06 -8.75 -1.33
N ALA A 15 6.04 -9.25 -2.03
CA ALA A 15 5.15 -8.39 -2.79
C ALA A 15 4.36 -7.46 -1.87
N PHE A 16 4.06 -6.28 -2.38
CA PHE A 16 3.37 -5.25 -1.61
C PHE A 16 2.16 -4.75 -2.39
N PHE A 17 1.10 -4.40 -1.68
CA PHE A 17 -0.12 -3.92 -2.31
C PHE A 17 -0.44 -2.51 -1.86
N VAL A 18 -1.24 -1.81 -2.67
CA VAL A 18 -1.72 -0.49 -2.29
C VAL A 18 -2.97 -0.63 -1.43
N LEU A 19 -2.78 -0.50 -0.11
CA LEU A 19 -3.83 -0.80 0.83
C LEU A 19 -4.33 0.47 1.51
N VAL A 20 -5.63 0.68 1.48
CA VAL A 20 -6.21 1.80 2.20
C VAL A 20 -7.23 1.29 3.20
N ASN A 21 -7.14 1.73 4.43
CA ASN A 21 -8.08 1.33 5.44
C ASN A 21 -9.25 2.30 5.46
N ASP A 22 -10.41 1.83 5.89
CA ASP A 22 -11.61 2.66 5.89
C ASP A 22 -11.44 3.88 6.79
N GLU A 23 -10.57 3.74 7.79
CA GLU A 23 -10.29 4.81 8.73
C GLU A 23 -8.85 5.32 8.60
N ASP A 24 -8.26 5.16 7.42
CA ASP A 24 -6.89 5.60 7.19
C ASP A 24 -6.77 6.29 5.82
N GLN A 25 -5.72 7.07 5.63
CA GLN A 25 -5.53 7.82 4.40
C GLN A 25 -4.89 6.95 3.33
N HIS A 26 -3.79 6.28 3.67
CA HIS A 26 -3.05 5.47 2.69
C HIS A 26 -2.05 4.53 3.39
N SER A 27 -1.88 3.34 2.87
CA SER A 27 -0.94 2.39 3.45
C SER A 27 -0.32 1.49 2.38
N LEU A 28 0.92 1.07 2.63
CA LEU A 28 1.60 0.12 1.76
C LEU A 28 1.81 -1.17 2.53
N TRP A 29 1.11 -2.21 2.15
CA TRP A 29 1.10 -3.44 2.92
C TRP A 29 1.67 -4.60 2.12
N PRO A 30 2.73 -5.24 2.63
CA PRO A 30 3.31 -6.42 2.01
C PRO A 30 2.46 -7.67 2.26
N VAL A 31 2.24 -8.45 1.21
CA VAL A 31 1.36 -9.61 1.29
C VAL A 31 2.05 -10.80 1.97
N PHE A 32 3.21 -10.56 2.55
CA PHE A 32 3.90 -11.56 3.34
C PHE A 32 3.19 -11.69 4.69
N ALA A 33 2.59 -10.59 5.13
CA ALA A 33 1.81 -10.58 6.35
C ALA A 33 0.33 -10.62 6.02
N ASP A 34 -0.45 -11.29 6.86
CA ASP A 34 -1.87 -11.48 6.61
C ASP A 34 -2.64 -10.16 6.76
N ILE A 35 -3.45 -9.85 5.77
CA ILE A 35 -4.27 -8.65 5.78
C ILE A 35 -5.45 -8.83 6.75
N PRO A 36 -5.64 -7.87 7.68
CA PRO A 36 -6.66 -7.97 8.74
C PRO A 36 -8.09 -7.69 8.26
N ALA A 37 -8.59 -6.49 8.54
CA ALA A 37 -9.98 -6.14 8.25
C ALA A 37 -10.11 -4.65 7.98
N GLY A 38 -11.19 -4.26 7.31
CA GLY A 38 -11.42 -2.87 6.99
C GLY A 38 -10.48 -2.37 5.92
N TRP A 39 -10.09 -3.27 5.03
CA TRP A 39 -9.08 -2.98 4.02
C TRP A 39 -9.70 -2.78 2.64
N ARG A 40 -9.17 -1.78 1.94
CA ARG A 40 -9.52 -1.53 0.55
C ARG A 40 -8.27 -1.63 -0.30
N VAL A 41 -8.25 -2.61 -1.19
CA VAL A 41 -7.16 -2.76 -2.14
C VAL A 41 -7.40 -1.87 -3.34
N VAL A 42 -6.58 -0.84 -3.47
CA VAL A 42 -6.70 0.08 -4.59
C VAL A 42 -6.00 -0.51 -5.80
N HIS A 43 -4.87 -1.15 -5.56
CA HIS A 43 -4.09 -1.80 -6.60
C HIS A 43 -3.25 -2.91 -5.98
N GLY A 44 -2.90 -3.90 -6.79
CA GLY A 44 -2.16 -5.03 -6.29
C GLY A 44 -0.69 -4.76 -6.17
N GLU A 45 0.13 -5.68 -6.67
CA GLU A 45 1.57 -5.55 -6.54
C GLU A 45 2.14 -4.85 -7.77
N ALA A 46 2.34 -3.57 -7.59
CA ALA A 46 2.96 -2.71 -8.58
C ALA A 46 4.24 -2.13 -8.00
N SER A 47 5.09 -1.55 -8.86
CA SER A 47 6.37 -0.99 -8.43
C SER A 47 6.23 -0.18 -7.13
N ARG A 48 7.10 -0.49 -6.17
CA ARG A 48 7.04 0.12 -4.84
C ARG A 48 7.05 1.65 -4.93
N ALA A 49 7.95 2.19 -5.74
CA ALA A 49 8.05 3.63 -5.92
C ALA A 49 6.75 4.19 -6.49
N ALA A 50 6.19 3.46 -7.46
CA ALA A 50 4.93 3.87 -8.08
C ALA A 50 3.79 3.83 -7.08
N CYS A 51 3.81 2.86 -6.20
CA CYS A 51 2.79 2.72 -5.17
C CYS A 51 2.85 3.88 -4.18
N LEU A 52 4.05 4.22 -3.72
CA LEU A 52 4.23 5.34 -2.81
C LEU A 52 3.86 6.65 -3.50
N ASP A 53 4.30 6.78 -4.75
CA ASP A 53 3.93 7.92 -5.58
C ASP A 53 2.42 8.03 -5.68
N TYR A 54 1.79 6.87 -5.95
CA TYR A 54 0.35 6.78 -6.10
C TYR A 54 -0.39 7.24 -4.85
N VAL A 55 -0.01 6.68 -3.70
CA VAL A 55 -0.70 6.97 -2.46
C VAL A 55 -0.48 8.41 -1.99
N GLU A 56 0.73 8.91 -2.19
CA GLU A 56 1.08 10.24 -1.75
C GLU A 56 0.42 11.31 -2.61
N LYS A 57 0.30 11.06 -3.90
CA LYS A 57 -0.37 11.99 -4.79
C LYS A 57 -1.88 11.90 -4.67
N ASN A 58 -2.36 10.83 -4.04
CA ASN A 58 -3.79 10.71 -3.75
C ASN A 58 -4.13 11.36 -2.42
N TRP A 59 -3.33 11.08 -1.40
CA TRP A 59 -3.58 11.63 -0.07
C TRP A 59 -2.32 12.25 0.53
N THR A 60 -2.29 13.57 0.54
CA THR A 60 -1.22 14.32 1.17
C THR A 60 -1.81 15.53 1.89
N ASP A 61 -1.15 15.99 2.93
CA ASP A 61 -1.63 17.13 3.69
C ASP A 61 -0.99 18.42 3.19
N LEU A 62 0.04 18.27 2.37
CA LEU A 62 0.73 19.42 1.82
C LEU A 62 0.12 19.82 0.49
N ARG A 63 0.37 21.04 0.06
CA ARG A 63 -0.12 21.51 -1.23
C ARG A 63 1.02 22.18 -2.02
N PRO A 64 1.77 21.39 -2.79
CA PRO A 64 2.75 21.90 -3.73
C PRO A 64 2.17 21.98 -5.14
N LYS A 65 2.84 22.67 -6.04
CA LYS A 65 2.37 22.74 -7.42
C LYS A 65 2.88 21.56 -8.23
N SER A 66 2.30 20.39 -7.94
CA SER A 66 2.68 19.17 -8.62
C SER A 66 1.83 18.95 -9.85
N LEU A 67 2.43 19.19 -11.01
CA LEU A 67 1.75 18.95 -12.27
C LEU A 67 2.14 17.59 -12.82
N ARG A 68 1.31 17.07 -13.73
CA ARG A 68 1.55 15.78 -14.33
C ARG A 68 0.64 15.60 -15.53
N ASP A 69 0.72 14.45 -16.19
CA ASP A 69 -0.17 14.14 -17.29
C ASP A 69 -1.58 13.93 -16.77
N ALA A 70 -2.41 14.94 -16.92
CA ALA A 70 -3.75 14.93 -16.36
C ALA A 70 -4.75 14.33 -17.35
N MET A 71 -5.18 13.11 -17.06
CA MET A 71 -6.21 12.46 -17.84
C MET A 71 -7.11 11.67 -16.90
N VAL A 72 -8.37 11.50 -17.28
CA VAL A 72 -9.33 10.84 -16.43
C VAL A 72 -10.37 10.09 -17.27
N GLU A 73 -10.63 8.85 -16.89
CA GLU A 73 -11.59 8.02 -17.60
C GLU A 73 -12.88 7.90 -16.80
N ASP A 74 -13.91 7.35 -17.41
CA ASP A 74 -15.20 7.21 -16.74
C ASP A 74 -15.14 6.07 -15.72
N GLY A 1 -13.15 -10.48 -22.51
CA GLY A 1 -12.34 -11.19 -23.54
C GLY A 1 -11.17 -11.93 -22.92
N SER A 2 -9.98 -11.38 -23.05
CA SER A 2 -8.79 -12.00 -22.50
C SER A 2 -8.50 -11.45 -21.11
N HIS A 3 -8.67 -12.31 -20.11
CA HIS A 3 -8.31 -11.97 -18.75
C HIS A 3 -7.87 -13.22 -18.01
N MET A 4 -6.57 -13.35 -17.82
CA MET A 4 -6.01 -14.51 -17.14
C MET A 4 -6.15 -14.35 -15.63
N SER A 5 -7.15 -15.00 -15.06
CA SER A 5 -7.35 -15.00 -13.63
C SER A 5 -6.19 -15.70 -12.94
N THR A 6 -5.67 -16.72 -13.60
CA THR A 6 -4.51 -17.44 -13.10
C THR A 6 -3.24 -16.65 -13.39
N ASN A 7 -2.84 -15.84 -12.42
CA ASN A 7 -1.65 -15.02 -12.56
C ASN A 7 -0.39 -15.87 -12.55
N PRO A 8 0.40 -15.80 -13.63
CA PRO A 8 1.65 -16.57 -13.75
C PRO A 8 2.81 -15.90 -13.01
N PHE A 9 2.47 -15.15 -11.97
CA PHE A 9 3.46 -14.41 -11.20
C PHE A 9 3.68 -15.07 -9.85
N ASP A 10 4.83 -15.72 -9.71
CA ASP A 10 5.22 -16.29 -8.42
C ASP A 10 6.46 -15.59 -7.90
N ASP A 11 6.34 -14.98 -6.73
CA ASP A 11 7.44 -14.22 -6.16
C ASP A 11 8.15 -15.05 -5.09
N ASP A 12 9.24 -14.51 -4.54
CA ASP A 12 10.06 -15.24 -3.58
C ASP A 12 10.29 -14.42 -2.31
N ASN A 13 9.40 -13.47 -2.03
CA ASN A 13 9.63 -12.53 -0.93
C ASN A 13 8.32 -11.93 -0.43
N GLY A 14 8.41 -10.78 0.22
CA GLY A 14 7.21 -10.08 0.64
C GLY A 14 6.76 -9.06 -0.38
N ALA A 15 5.86 -9.50 -1.25
CA ALA A 15 5.28 -8.61 -2.26
C ALA A 15 4.31 -7.64 -1.61
N PHE A 16 4.37 -6.39 -2.00
CA PHE A 16 3.57 -5.35 -1.34
C PHE A 16 2.31 -5.00 -2.13
N PHE A 17 1.25 -4.68 -1.41
CA PHE A 17 -0.01 -4.24 -1.99
C PHE A 17 -0.36 -2.85 -1.48
N VAL A 18 -1.17 -2.13 -2.25
CA VAL A 18 -1.65 -0.83 -1.81
C VAL A 18 -2.92 -1.00 -0.98
N LEU A 19 -2.75 -0.99 0.33
CA LEU A 19 -3.86 -1.23 1.24
C LEU A 19 -4.29 0.06 1.90
N VAL A 20 -5.58 0.34 1.87
CA VAL A 20 -6.10 1.52 2.54
C VAL A 20 -6.91 1.11 3.77
N ASN A 21 -6.67 1.82 4.87
CA ASN A 21 -7.37 1.57 6.12
C ASN A 21 -8.42 2.67 6.32
N ASP A 22 -9.38 2.42 7.20
CA ASP A 22 -10.53 3.31 7.37
C ASP A 22 -10.11 4.74 7.70
N GLU A 23 -9.17 4.90 8.63
CA GLU A 23 -8.69 6.22 9.02
C GLU A 23 -7.23 6.43 8.64
N ASP A 24 -6.76 5.71 7.63
CA ASP A 24 -5.34 5.77 7.27
C ASP A 24 -5.13 6.46 5.92
N GLN A 25 -3.93 7.01 5.74
CA GLN A 25 -3.60 7.69 4.49
C GLN A 25 -3.14 6.71 3.40
N HIS A 26 -2.17 5.85 3.74
CA HIS A 26 -1.74 4.81 2.81
C HIS A 26 -0.90 3.76 3.54
N SER A 27 -1.27 2.51 3.36
CA SER A 27 -0.54 1.40 3.95
C SER A 27 -0.07 0.42 2.88
N LEU A 28 1.21 0.45 2.55
CA LEU A 28 1.77 -0.52 1.62
C LEU A 28 2.06 -1.82 2.38
N TRP A 29 1.14 -2.76 2.29
CA TRP A 29 1.16 -3.96 3.12
C TRP A 29 1.57 -5.18 2.30
N PRO A 30 2.59 -5.92 2.76
CA PRO A 30 3.06 -7.13 2.08
C PRO A 30 2.04 -8.27 2.16
N VAL A 31 1.79 -8.89 1.02
CA VAL A 31 0.86 -10.01 0.93
C VAL A 31 1.49 -11.28 1.50
N PHE A 32 2.75 -11.19 1.89
CA PHE A 32 3.43 -12.27 2.57
C PHE A 32 2.97 -12.34 4.01
N ALA A 33 2.42 -11.24 4.50
CA ALA A 33 1.91 -11.17 5.86
C ALA A 33 0.41 -11.36 5.87
N ASP A 34 -0.13 -11.67 7.04
CA ASP A 34 -1.57 -11.91 7.17
C ASP A 34 -2.36 -10.62 7.02
N ILE A 35 -3.26 -10.60 6.04
CA ILE A 35 -4.16 -9.47 5.86
C ILE A 35 -5.37 -9.62 6.78
N PRO A 36 -5.58 -8.63 7.67
CA PRO A 36 -6.70 -8.63 8.62
C PRO A 36 -8.04 -8.28 7.95
N ALA A 37 -8.98 -7.72 8.71
CA ALA A 37 -10.23 -7.23 8.15
C ALA A 37 -10.31 -5.71 8.28
N GLY A 38 -11.10 -5.08 7.42
CA GLY A 38 -11.24 -3.63 7.46
C GLY A 38 -10.32 -2.94 6.47
N TRP A 39 -10.04 -3.64 5.38
CA TRP A 39 -9.06 -3.17 4.41
C TRP A 39 -9.69 -3.02 3.02
N ARG A 40 -9.02 -2.24 2.18
CA ARG A 40 -9.37 -2.13 0.77
C ARG A 40 -8.12 -1.94 -0.07
N VAL A 41 -7.93 -2.81 -1.06
CA VAL A 41 -6.77 -2.72 -1.94
C VAL A 41 -7.07 -1.82 -3.13
N VAL A 42 -6.24 -0.82 -3.33
CA VAL A 42 -6.42 0.11 -4.44
C VAL A 42 -5.59 -0.32 -5.64
N HIS A 43 -4.41 -0.85 -5.37
CA HIS A 43 -3.47 -1.21 -6.43
C HIS A 43 -2.68 -2.46 -6.04
N GLY A 44 -2.39 -3.30 -7.02
CA GLY A 44 -1.70 -4.55 -6.75
C GLY A 44 -0.20 -4.38 -6.58
N GLU A 45 0.53 -5.48 -6.78
CA GLU A 45 1.98 -5.49 -6.57
C GLU A 45 2.72 -4.94 -7.77
N ALA A 46 3.08 -3.71 -7.63
CA ALA A 46 3.92 -3.01 -8.58
C ALA A 46 4.84 -2.07 -7.85
N SER A 47 5.86 -1.57 -8.54
CA SER A 47 6.93 -0.77 -7.95
C SER A 47 6.48 0.08 -6.75
N ARG A 48 7.21 -0.06 -5.65
CA ARG A 48 6.91 0.61 -4.41
C ARG A 48 6.82 2.13 -4.61
N ALA A 49 7.82 2.67 -5.30
CA ALA A 49 7.87 4.11 -5.56
C ALA A 49 6.65 4.57 -6.34
N ALA A 50 6.24 3.77 -7.31
CA ALA A 50 5.08 4.10 -8.14
C ALA A 50 3.80 4.09 -7.31
N CYS A 51 3.66 3.10 -6.45
CA CYS A 51 2.48 3.00 -5.59
C CYS A 51 2.38 4.21 -4.65
N LEU A 52 3.47 4.49 -3.95
CA LEU A 52 3.52 5.65 -3.06
C LEU A 52 3.24 6.94 -3.81
N ASP A 53 3.88 7.12 -4.95
CA ASP A 53 3.68 8.32 -5.77
C ASP A 53 2.22 8.47 -6.17
N TYR A 54 1.64 7.37 -6.67
CA TYR A 54 0.25 7.39 -7.12
C TYR A 54 -0.70 7.80 -5.99
N VAL A 55 -0.58 7.14 -4.85
CA VAL A 55 -1.52 7.38 -3.76
C VAL A 55 -1.34 8.77 -3.15
N GLU A 56 -0.10 9.23 -3.05
CA GLU A 56 0.18 10.53 -2.47
C GLU A 56 -0.22 11.66 -3.42
N LYS A 57 -0.16 11.41 -4.72
CA LYS A 57 -0.60 12.41 -5.71
C LYS A 57 -2.12 12.49 -5.74
N ASN A 58 -2.79 11.35 -5.63
CA ASN A 58 -4.26 11.33 -5.57
C ASN A 58 -4.73 11.89 -4.25
N TRP A 59 -3.95 11.60 -3.21
CA TRP A 59 -4.22 12.03 -1.85
C TRP A 59 -5.54 11.45 -1.34
N THR A 60 -5.45 10.22 -0.85
CA THR A 60 -6.61 9.53 -0.31
C THR A 60 -7.02 10.12 1.03
N ASP A 61 -7.88 11.13 0.99
CA ASP A 61 -8.34 11.81 2.19
C ASP A 61 -9.81 11.54 2.44
N LEU A 62 -10.08 10.85 3.54
CA LEU A 62 -11.44 10.67 4.01
C LEU A 62 -11.66 11.53 5.24
N ARG A 63 -10.65 12.37 5.52
CA ARG A 63 -10.62 13.21 6.70
C ARG A 63 -10.67 12.36 7.96
N PRO A 64 -9.50 11.88 8.41
CA PRO A 64 -9.40 11.01 9.60
C PRO A 64 -9.74 11.76 10.88
N LYS A 65 -10.62 11.17 11.68
CA LYS A 65 -11.02 11.75 12.94
C LYS A 65 -11.63 10.68 13.83
N SER A 66 -10.81 10.11 14.71
CA SER A 66 -11.25 9.04 15.59
C SER A 66 -12.35 9.55 16.53
N LEU A 67 -13.58 9.32 16.12
CA LEU A 67 -14.77 9.83 16.78
C LEU A 67 -15.99 9.21 16.11
N ARG A 68 -15.83 8.94 14.82
CA ARG A 68 -16.88 8.28 14.04
C ARG A 68 -16.75 6.77 14.11
N ASP A 69 -15.93 6.30 15.05
CA ASP A 69 -15.78 4.87 15.26
C ASP A 69 -17.10 4.25 15.70
N ALA A 70 -17.62 3.36 14.88
CA ALA A 70 -18.88 2.70 15.18
C ALA A 70 -18.69 1.68 16.29
N MET A 71 -18.93 2.11 17.52
CA MET A 71 -18.81 1.22 18.67
C MET A 71 -20.12 0.46 18.90
N VAL A 72 -20.18 -0.74 18.34
CA VAL A 72 -21.33 -1.61 18.52
C VAL A 72 -20.95 -2.79 19.40
N GLU A 73 -21.92 -3.37 20.09
CA GLU A 73 -21.63 -4.45 21.02
C GLU A 73 -21.46 -5.78 20.29
N ASP A 74 -22.44 -6.12 19.48
CA ASP A 74 -22.41 -7.36 18.72
C ASP A 74 -22.66 -7.08 17.25
N GLY A 1 7.58 14.52 -9.96
CA GLY A 1 8.52 13.87 -10.91
C GLY A 1 9.38 12.85 -10.21
N SER A 2 8.76 11.75 -9.79
CA SER A 2 9.46 10.71 -9.06
C SER A 2 10.41 9.94 -9.98
N HIS A 3 11.65 10.41 -10.06
CA HIS A 3 12.66 9.75 -10.86
C HIS A 3 13.21 8.54 -10.10
N MET A 4 13.41 7.45 -10.82
CA MET A 4 13.83 6.21 -10.18
C MET A 4 14.82 5.44 -11.03
N SER A 5 15.49 4.48 -10.41
CA SER A 5 16.42 3.62 -11.10
C SER A 5 16.14 2.18 -10.70
N THR A 6 16.19 1.27 -11.65
CA THR A 6 15.93 -0.13 -11.38
C THR A 6 17.25 -0.88 -11.19
N ASN A 7 17.32 -1.70 -10.16
CA ASN A 7 18.52 -2.50 -9.92
C ASN A 7 18.50 -3.74 -10.79
N PRO A 8 19.62 -4.09 -11.42
CA PRO A 8 19.70 -5.18 -12.39
C PRO A 8 19.79 -6.57 -11.74
N PHE A 9 19.32 -6.67 -10.51
CA PHE A 9 19.31 -7.95 -9.81
C PHE A 9 18.10 -8.77 -10.22
N ASP A 10 18.32 -10.06 -10.42
CA ASP A 10 17.24 -10.95 -10.81
C ASP A 10 16.59 -11.56 -9.58
N ASP A 11 16.96 -11.06 -8.40
CA ASP A 11 16.37 -11.50 -7.14
C ASP A 11 14.97 -10.93 -7.03
N ASP A 12 14.03 -11.55 -7.74
CA ASP A 12 12.68 -11.04 -7.83
C ASP A 12 11.84 -11.55 -6.67
N ASN A 13 11.73 -10.73 -5.63
CA ASN A 13 10.96 -11.08 -4.44
C ASN A 13 10.61 -9.81 -3.65
N GLY A 14 9.39 -9.35 -3.80
CA GLY A 14 8.94 -8.19 -3.05
C GLY A 14 7.60 -7.68 -3.53
N ALA A 15 6.55 -8.31 -3.04
CA ALA A 15 5.21 -7.98 -3.46
C ALA A 15 4.47 -7.19 -2.38
N PHE A 16 4.08 -5.99 -2.73
CA PHE A 16 3.36 -5.09 -1.84
C PHE A 16 2.16 -4.50 -2.57
N PHE A 17 1.07 -4.28 -1.86
CA PHE A 17 -0.14 -3.77 -2.47
C PHE A 17 -0.47 -2.37 -1.94
N VAL A 18 -1.37 -1.70 -2.63
CA VAL A 18 -1.90 -0.43 -2.17
C VAL A 18 -3.20 -0.70 -1.40
N LEU A 19 -3.08 -0.75 -0.09
CA LEU A 19 -4.19 -1.13 0.77
C LEU A 19 -4.73 0.08 1.52
N VAL A 20 -6.04 0.27 1.44
CA VAL A 20 -6.68 1.35 2.17
C VAL A 20 -7.63 0.78 3.22
N ASN A 21 -7.56 1.32 4.42
CA ASN A 21 -8.40 0.90 5.54
C ASN A 21 -9.40 2.01 5.85
N ASP A 22 -10.52 1.66 6.46
CA ASP A 22 -11.55 2.64 6.78
C ASP A 22 -10.99 3.77 7.64
N GLU A 23 -10.12 3.42 8.56
CA GLU A 23 -9.55 4.39 9.49
C GLU A 23 -8.07 4.64 9.19
N ASP A 24 -7.64 4.32 7.97
CA ASP A 24 -6.26 4.51 7.55
C ASP A 24 -6.23 5.16 6.17
N GLN A 25 -5.43 6.20 6.01
CA GLN A 25 -5.47 6.99 4.78
C GLN A 25 -4.95 6.19 3.59
N HIS A 26 -3.74 5.65 3.72
CA HIS A 26 -3.16 4.81 2.67
C HIS A 26 -1.94 4.05 3.19
N SER A 27 -1.92 2.75 3.00
CA SER A 27 -0.79 1.94 3.44
C SER A 27 -0.25 1.05 2.32
N LEU A 28 1.06 1.01 2.19
CA LEU A 28 1.71 0.04 1.31
C LEU A 28 1.88 -1.26 2.06
N TRP A 29 1.01 -2.21 1.78
CA TRP A 29 0.91 -3.43 2.56
C TRP A 29 1.46 -4.62 1.79
N PRO A 30 2.53 -5.24 2.30
CA PRO A 30 3.16 -6.38 1.64
C PRO A 30 2.32 -7.66 1.79
N VAL A 31 2.51 -8.59 0.85
CA VAL A 31 1.75 -9.85 0.88
C VAL A 31 2.28 -10.80 1.93
N PHE A 32 3.32 -10.39 2.65
CA PHE A 32 3.88 -11.18 3.72
C PHE A 32 3.38 -10.65 5.07
N ALA A 33 2.23 -10.00 5.02
CA ALA A 33 1.60 -9.51 6.24
C ALA A 33 0.11 -9.81 6.21
N ASP A 34 -0.39 -10.42 7.28
CA ASP A 34 -1.79 -10.80 7.37
C ASP A 34 -2.69 -9.56 7.34
N ILE A 35 -3.59 -9.54 6.37
CA ILE A 35 -4.50 -8.40 6.19
C ILE A 35 -5.62 -8.44 7.22
N PRO A 36 -5.83 -7.33 7.94
CA PRO A 36 -6.92 -7.20 8.93
C PRO A 36 -8.30 -7.09 8.27
N ALA A 37 -9.25 -6.48 8.96
CA ALA A 37 -10.56 -6.19 8.38
C ALA A 37 -10.71 -4.70 8.08
N GLY A 38 -11.73 -4.34 7.31
CA GLY A 38 -11.94 -2.95 6.95
C GLY A 38 -10.99 -2.50 5.87
N TRP A 39 -10.59 -3.43 5.02
CA TRP A 39 -9.58 -3.18 4.00
C TRP A 39 -10.19 -3.16 2.61
N ARG A 40 -9.55 -2.41 1.72
CA ARG A 40 -9.88 -2.44 0.29
C ARG A 40 -8.62 -2.25 -0.54
N VAL A 41 -8.40 -3.15 -1.49
CA VAL A 41 -7.23 -3.09 -2.36
C VAL A 41 -7.48 -2.16 -3.54
N VAL A 42 -6.73 -1.07 -3.60
CA VAL A 42 -6.89 -0.11 -4.68
C VAL A 42 -5.95 -0.45 -5.83
N HIS A 43 -4.87 -1.14 -5.52
CA HIS A 43 -3.88 -1.51 -6.54
C HIS A 43 -3.07 -2.71 -6.07
N GLY A 44 -2.72 -3.60 -6.99
CA GLY A 44 -1.91 -4.77 -6.65
C GLY A 44 -0.44 -4.44 -6.57
N GLU A 45 0.41 -5.44 -6.81
CA GLU A 45 1.84 -5.26 -6.64
C GLU A 45 2.47 -4.64 -7.87
N ALA A 46 2.64 -3.36 -7.76
CA ALA A 46 3.36 -2.56 -8.74
C ALA A 46 4.55 -1.93 -8.06
N SER A 47 5.48 -1.40 -8.85
CA SER A 47 6.72 -0.83 -8.32
C SER A 47 6.45 0.05 -7.10
N ARG A 48 7.22 -0.17 -6.02
CA ARG A 48 7.03 0.55 -4.76
C ARG A 48 7.00 2.06 -4.98
N ALA A 49 7.91 2.55 -5.81
CA ALA A 49 7.99 3.97 -6.13
C ALA A 49 6.69 4.47 -6.76
N ALA A 50 6.17 3.71 -7.72
CA ALA A 50 4.92 4.07 -8.39
C ALA A 50 3.75 4.05 -7.41
N CYS A 51 3.76 3.06 -6.53
CA CYS A 51 2.71 2.94 -5.51
C CYS A 51 2.77 4.12 -4.55
N LEU A 52 3.97 4.48 -4.10
CA LEU A 52 4.17 5.63 -3.24
C LEU A 52 3.74 6.91 -3.96
N ASP A 53 4.15 7.03 -5.22
CA ASP A 53 3.79 8.17 -6.04
C ASP A 53 2.28 8.31 -6.12
N TYR A 54 1.61 7.19 -6.37
CA TYR A 54 0.16 7.16 -6.49
C TYR A 54 -0.52 7.56 -5.18
N VAL A 55 -0.14 6.92 -4.08
CA VAL A 55 -0.82 7.15 -2.79
C VAL A 55 -0.62 8.59 -2.31
N GLU A 56 0.60 9.10 -2.46
CA GLU A 56 0.92 10.44 -2.01
C GLU A 56 0.28 11.51 -2.89
N LYS A 57 0.28 11.28 -4.19
CA LYS A 57 -0.33 12.24 -5.13
C LYS A 57 -1.85 12.17 -5.08
N ASN A 58 -2.38 11.07 -4.56
CA ASN A 58 -3.81 10.98 -4.30
C ASN A 58 -4.13 11.63 -2.97
N TRP A 59 -3.26 11.38 -1.99
CA TRP A 59 -3.38 11.96 -0.64
C TRP A 59 -4.69 11.50 0.01
N THR A 60 -5.22 10.40 -0.52
CA THR A 60 -6.50 9.85 -0.06
C THR A 60 -7.64 10.83 -0.35
N ASP A 61 -8.10 10.81 -1.59
CA ASP A 61 -9.20 11.65 -2.02
C ASP A 61 -10.41 10.79 -2.33
N LEU A 62 -11.58 11.39 -2.43
CA LEU A 62 -12.80 10.63 -2.65
C LEU A 62 -12.97 10.26 -4.12
N ARG A 63 -12.39 9.14 -4.49
CA ARG A 63 -12.58 8.56 -5.81
C ARG A 63 -13.70 7.52 -5.73
N PRO A 64 -14.17 6.99 -6.88
CA PRO A 64 -15.21 5.95 -6.92
C PRO A 64 -14.98 4.87 -5.87
N LYS A 65 -16.04 4.48 -5.18
CA LYS A 65 -15.95 3.47 -4.12
C LYS A 65 -15.29 2.20 -4.65
N SER A 66 -14.32 1.71 -3.92
CA SER A 66 -13.52 0.59 -4.38
C SER A 66 -14.24 -0.73 -4.15
N LEU A 67 -15.05 -1.13 -5.12
CA LEU A 67 -15.70 -2.44 -5.06
C LEU A 67 -14.76 -3.46 -5.69
N ARG A 68 -13.83 -3.94 -4.88
CA ARG A 68 -12.87 -4.92 -5.31
C ARG A 68 -12.60 -5.89 -4.18
N ASP A 69 -13.23 -7.05 -4.25
CA ASP A 69 -13.16 -8.01 -3.16
C ASP A 69 -12.81 -9.39 -3.69
N ALA A 70 -11.89 -10.06 -3.02
CA ALA A 70 -11.42 -11.37 -3.44
C ALA A 70 -10.78 -12.09 -2.26
N MET A 71 -10.53 -13.39 -2.43
CA MET A 71 -9.89 -14.17 -1.39
C MET A 71 -8.37 -13.97 -1.44
N VAL A 72 -7.89 -13.01 -0.66
CA VAL A 72 -6.46 -12.72 -0.60
C VAL A 72 -5.92 -13.07 0.78
N GLU A 73 -5.46 -14.30 0.94
CA GLU A 73 -4.94 -14.77 2.21
C GLU A 73 -3.89 -15.86 2.00
N ASP A 74 -3.58 -16.59 3.06
CA ASP A 74 -2.55 -17.62 3.00
C ASP A 74 -3.07 -18.89 2.35
N GLY A 1 31.78 2.68 -20.18
CA GLY A 1 31.19 4.04 -20.06
C GLY A 1 29.96 4.19 -20.94
N SER A 2 28.87 3.56 -20.54
CA SER A 2 27.64 3.61 -21.32
C SER A 2 26.63 4.55 -20.67
N HIS A 3 27.11 5.38 -19.73
CA HIS A 3 26.26 6.34 -19.03
C HIS A 3 25.14 5.63 -18.28
N MET A 4 25.44 4.43 -17.80
CA MET A 4 24.44 3.61 -17.13
C MET A 4 24.66 3.61 -15.62
N SER A 5 23.58 3.67 -14.88
CA SER A 5 23.64 3.57 -13.43
C SER A 5 23.42 2.10 -13.02
N THR A 6 23.93 1.75 -11.85
CA THR A 6 23.79 0.39 -11.36
C THR A 6 22.73 0.34 -10.27
N ASN A 7 21.79 -0.60 -10.39
CA ASN A 7 20.75 -0.76 -9.39
C ASN A 7 21.05 -1.93 -8.48
N PRO A 8 21.60 -1.68 -7.29
CA PRO A 8 21.80 -2.70 -6.27
C PRO A 8 20.71 -2.67 -5.20
N PHE A 9 19.93 -1.60 -5.19
CA PHE A 9 18.93 -1.39 -4.17
C PHE A 9 17.60 -1.01 -4.80
N ASP A 10 16.68 -1.96 -4.82
CA ASP A 10 15.34 -1.75 -5.33
C ASP A 10 14.33 -2.44 -4.43
N ASP A 11 13.05 -2.32 -4.75
CA ASP A 11 12.02 -2.99 -3.96
C ASP A 11 11.71 -4.34 -4.58
N ASP A 12 12.55 -5.32 -4.28
CA ASP A 12 12.43 -6.65 -4.84
C ASP A 12 12.06 -7.67 -3.77
N ASN A 13 11.77 -7.19 -2.57
CA ASN A 13 11.46 -8.07 -1.45
C ASN A 13 9.98 -8.50 -1.50
N GLY A 14 9.71 -9.54 -2.27
CA GLY A 14 8.36 -10.09 -2.33
C GLY A 14 7.40 -9.19 -3.09
N ALA A 15 6.20 -9.04 -2.54
CA ALA A 15 5.17 -8.23 -3.16
C ALA A 15 4.42 -7.41 -2.12
N PHE A 16 3.88 -6.28 -2.56
CA PHE A 16 3.19 -5.35 -1.68
C PHE A 16 1.96 -4.79 -2.39
N PHE A 17 0.92 -4.51 -1.62
CA PHE A 17 -0.30 -3.92 -2.16
C PHE A 17 -0.54 -2.56 -1.52
N VAL A 18 -1.40 -1.77 -2.15
CA VAL A 18 -1.83 -0.51 -1.58
C VAL A 18 -3.11 -0.73 -0.78
N LEU A 19 -2.95 -0.84 0.53
CA LEU A 19 -4.07 -1.16 1.41
C LEU A 19 -4.49 0.08 2.18
N VAL A 20 -5.77 0.40 2.14
CA VAL A 20 -6.29 1.58 2.81
C VAL A 20 -7.45 1.23 3.73
N ASN A 21 -7.41 1.77 4.94
CA ASN A 21 -8.50 1.62 5.90
C ASN A 21 -9.27 2.94 5.96
N ASP A 22 -10.56 2.87 6.25
CA ASP A 22 -11.40 4.08 6.24
C ASP A 22 -11.02 5.03 7.38
N GLU A 23 -10.26 4.52 8.33
CA GLU A 23 -9.76 5.33 9.42
C GLU A 23 -8.26 5.57 9.27
N ASP A 24 -7.75 5.34 8.06
CA ASP A 24 -6.34 5.54 7.75
C ASP A 24 -6.22 6.40 6.50
N GLN A 25 -5.04 6.46 5.90
CA GLN A 25 -4.84 7.27 4.71
C GLN A 25 -4.26 6.42 3.59
N HIS A 26 -3.15 5.74 3.87
CA HIS A 26 -2.56 4.79 2.94
C HIS A 26 -1.53 3.94 3.64
N SER A 27 -1.43 2.67 3.24
CA SER A 27 -0.44 1.78 3.79
C SER A 27 -0.01 0.76 2.75
N LEU A 28 1.28 0.64 2.53
CA LEU A 28 1.82 -0.37 1.63
C LEU A 28 1.98 -1.67 2.39
N TRP A 29 1.12 -2.64 2.08
CA TRP A 29 1.04 -3.87 2.84
C TRP A 29 1.64 -5.03 2.05
N PRO A 30 2.72 -5.63 2.57
CA PRO A 30 3.37 -6.80 1.97
C PRO A 30 2.49 -8.05 2.07
N VAL A 31 2.47 -8.82 0.99
CA VAL A 31 1.59 -10.00 0.92
C VAL A 31 2.15 -11.17 1.74
N PHE A 32 3.31 -10.96 2.36
CA PHE A 32 3.91 -11.96 3.23
C PHE A 32 3.07 -12.14 4.49
N ALA A 33 2.47 -11.05 4.94
CA ALA A 33 1.58 -11.08 6.09
C ALA A 33 0.14 -11.05 5.61
N ASP A 34 -0.71 -11.83 6.26
CA ASP A 34 -2.11 -11.93 5.84
C ASP A 34 -2.84 -10.65 6.18
N ILE A 35 -3.75 -10.25 5.32
CA ILE A 35 -4.46 -8.99 5.46
C ILE A 35 -5.42 -9.03 6.65
N PRO A 36 -5.41 -7.97 7.47
CA PRO A 36 -6.36 -7.81 8.58
C PRO A 36 -7.78 -7.54 8.10
N ALA A 37 -8.63 -7.05 8.98
CA ALA A 37 -9.98 -6.65 8.62
C ALA A 37 -10.03 -5.13 8.39
N GLY A 38 -11.14 -4.65 7.86
CA GLY A 38 -11.28 -3.23 7.59
C GLY A 38 -10.39 -2.77 6.44
N TRP A 39 -10.15 -3.69 5.51
CA TRP A 39 -9.21 -3.43 4.43
C TRP A 39 -9.91 -3.01 3.15
N ARG A 40 -9.19 -2.29 2.31
CA ARG A 40 -9.64 -1.98 0.96
C ARG A 40 -8.41 -1.84 0.05
N VAL A 41 -8.40 -2.59 -1.04
CA VAL A 41 -7.27 -2.59 -1.95
C VAL A 41 -7.44 -1.55 -3.04
N VAL A 42 -6.56 -0.56 -3.06
CA VAL A 42 -6.63 0.49 -4.07
C VAL A 42 -5.74 0.13 -5.28
N HIS A 43 -4.69 -0.62 -5.03
CA HIS A 43 -3.75 -0.99 -6.08
C HIS A 43 -3.02 -2.27 -5.69
N GLY A 44 -2.72 -3.10 -6.67
CA GLY A 44 -2.04 -4.36 -6.38
C GLY A 44 -0.54 -4.20 -6.30
N GLU A 45 0.19 -5.24 -6.69
CA GLU A 45 1.64 -5.22 -6.59
C GLU A 45 2.27 -4.54 -7.78
N ALA A 46 2.58 -3.29 -7.56
CA ALA A 46 3.32 -2.48 -8.51
C ALA A 46 4.47 -1.82 -7.78
N SER A 47 5.49 -1.38 -8.52
CA SER A 47 6.69 -0.79 -7.93
C SER A 47 6.37 0.11 -6.73
N ARG A 48 7.06 -0.14 -5.62
CA ARG A 48 6.80 0.54 -4.35
C ARG A 48 6.81 2.06 -4.54
N ALA A 49 7.83 2.57 -5.21
CA ALA A 49 7.96 4.00 -5.48
C ALA A 49 6.75 4.53 -6.25
N ALA A 50 6.25 3.73 -7.19
CA ALA A 50 5.11 4.15 -8.01
C ALA A 50 3.82 4.12 -7.22
N CYS A 51 3.71 3.18 -6.29
CA CYS A 51 2.55 3.10 -5.41
C CYS A 51 2.53 4.28 -4.44
N LEU A 52 3.67 4.55 -3.83
CA LEU A 52 3.82 5.73 -2.98
C LEU A 52 3.51 6.99 -3.79
N ASP A 53 4.07 7.07 -4.98
CA ASP A 53 3.84 8.20 -5.87
C ASP A 53 2.35 8.38 -6.14
N TYR A 54 1.68 7.28 -6.48
CA TYR A 54 0.27 7.30 -6.78
C TYR A 54 -0.56 7.82 -5.60
N VAL A 55 -0.35 7.25 -4.43
CA VAL A 55 -1.16 7.60 -3.26
C VAL A 55 -0.85 9.02 -2.78
N GLU A 56 0.41 9.38 -2.76
CA GLU A 56 0.84 10.67 -2.23
C GLU A 56 0.42 11.82 -3.12
N LYS A 57 0.49 11.61 -4.43
CA LYS A 57 0.09 12.66 -5.38
C LYS A 57 -1.42 12.81 -5.42
N ASN A 58 -2.13 11.80 -4.95
CA ASN A 58 -3.59 11.86 -4.94
C ASN A 58 -4.11 12.37 -3.61
N TRP A 59 -3.57 11.86 -2.51
CA TRP A 59 -4.00 12.32 -1.19
C TRP A 59 -2.86 12.19 -0.17
N THR A 60 -2.48 13.32 0.41
CA THR A 60 -1.45 13.34 1.44
C THR A 60 -2.05 13.59 2.81
N ASP A 61 -2.89 14.60 2.91
CA ASP A 61 -3.53 14.96 4.17
C ASP A 61 -5.04 14.86 4.06
N LEU A 62 -5.70 14.55 5.17
CA LEU A 62 -7.13 14.33 5.18
C LEU A 62 -7.91 15.62 5.50
N ARG A 63 -7.38 16.74 5.03
CA ARG A 63 -8.10 18.00 5.12
C ARG A 63 -9.46 17.85 4.43
N PRO A 64 -10.56 18.07 5.17
CA PRO A 64 -11.93 17.83 4.71
C PRO A 64 -12.14 18.10 3.22
N LYS A 65 -12.44 17.03 2.50
CA LYS A 65 -12.63 17.10 1.06
C LYS A 65 -14.11 16.99 0.71
N SER A 66 -14.83 16.22 1.51
CA SER A 66 -16.26 16.06 1.32
C SER A 66 -16.99 16.95 2.31
N LEU A 67 -17.54 18.06 1.83
CA LEU A 67 -18.21 19.00 2.71
C LEU A 67 -19.63 18.54 3.00
N ARG A 68 -19.75 17.64 3.95
CA ARG A 68 -21.05 17.18 4.42
C ARG A 68 -21.10 17.29 5.94
N ASP A 69 -21.97 18.16 6.43
CA ASP A 69 -22.09 18.37 7.86
C ASP A 69 -22.95 17.28 8.48
N ALA A 70 -22.31 16.16 8.76
CA ALA A 70 -22.99 15.01 9.37
C ALA A 70 -22.00 14.20 10.19
N MET A 71 -21.91 14.51 11.47
CA MET A 71 -21.01 13.80 12.37
C MET A 71 -21.70 12.58 12.95
N VAL A 72 -21.34 11.41 12.43
CA VAL A 72 -21.93 10.17 12.89
C VAL A 72 -21.00 9.49 13.89
N GLU A 73 -21.29 9.70 15.17
CA GLU A 73 -20.49 9.12 16.23
C GLU A 73 -21.11 7.80 16.68
N ASP A 74 -20.54 7.21 17.72
CA ASP A 74 -21.05 5.95 18.24
C ASP A 74 -22.04 6.21 19.36
N GLY A 1 16.37 16.56 1.10
CA GLY A 1 14.92 16.34 1.25
C GLY A 1 14.56 15.83 2.63
N SER A 2 13.27 15.73 2.91
CA SER A 2 12.80 15.17 4.16
C SER A 2 13.20 13.70 4.26
N HIS A 3 14.20 13.41 5.08
CA HIS A 3 14.63 12.04 5.30
C HIS A 3 13.60 11.30 6.14
N MET A 4 12.79 10.48 5.48
CA MET A 4 11.69 9.80 6.14
C MET A 4 12.01 8.33 6.38
N SER A 5 11.27 7.72 7.28
CA SER A 5 11.41 6.30 7.57
C SER A 5 10.07 5.73 8.01
N THR A 6 9.27 5.30 7.04
CA THR A 6 7.96 4.72 7.33
C THR A 6 8.11 3.46 8.19
N ASN A 7 9.01 2.57 7.78
CA ASN A 7 9.32 1.39 8.56
C ASN A 7 10.80 1.39 8.92
N PRO A 8 11.13 1.07 10.18
CA PRO A 8 12.51 0.97 10.62
C PRO A 8 13.08 -0.44 10.44
N PHE A 9 12.33 -1.28 9.74
CA PHE A 9 12.70 -2.68 9.57
C PHE A 9 13.67 -2.86 8.43
N ASP A 10 13.54 -1.98 7.42
CA ASP A 10 14.40 -2.00 6.21
C ASP A 10 14.06 -3.15 5.28
N ASP A 11 14.03 -4.36 5.81
CA ASP A 11 13.76 -5.54 4.99
C ASP A 11 12.28 -5.63 4.67
N ASP A 12 11.87 -4.80 3.72
CA ASP A 12 10.54 -4.85 3.16
C ASP A 12 10.63 -5.53 1.81
N ASN A 13 10.35 -6.81 1.78
CA ASN A 13 10.61 -7.61 0.59
C ASN A 13 9.35 -8.31 0.11
N GLY A 14 9.42 -8.90 -1.08
CA GLY A 14 8.28 -9.59 -1.65
C GLY A 14 7.37 -8.64 -2.41
N ALA A 15 6.08 -8.91 -2.39
CA ALA A 15 5.12 -8.04 -3.04
C ALA A 15 4.43 -7.16 -2.01
N PHE A 16 3.77 -6.13 -2.50
CA PHE A 16 3.13 -5.15 -1.65
C PHE A 16 1.86 -4.65 -2.32
N PHE A 17 0.85 -4.35 -1.52
CA PHE A 17 -0.43 -3.89 -2.06
C PHE A 17 -0.77 -2.52 -1.50
N VAL A 18 -1.62 -1.79 -2.22
CA VAL A 18 -2.15 -0.54 -1.71
C VAL A 18 -3.46 -0.82 -0.96
N LEU A 19 -3.33 -0.91 0.35
CA LEU A 19 -4.43 -1.33 1.20
C LEU A 19 -5.09 -0.11 1.84
N VAL A 20 -6.41 -0.11 1.88
CA VAL A 20 -7.16 0.96 2.51
C VAL A 20 -8.22 0.41 3.45
N ASN A 21 -8.30 1.00 4.63
CA ASN A 21 -9.32 0.65 5.59
C ASN A 21 -10.18 1.88 5.86
N ASP A 22 -11.44 1.67 6.24
CA ASP A 22 -12.35 2.78 6.52
C ASP A 22 -11.84 3.61 7.69
N GLU A 23 -11.18 2.94 8.63
CA GLU A 23 -10.59 3.60 9.79
C GLU A 23 -9.18 4.07 9.48
N ASP A 24 -8.83 4.05 8.21
CA ASP A 24 -7.51 4.46 7.75
C ASP A 24 -7.67 5.34 6.51
N GLN A 25 -6.58 5.59 5.81
CA GLN A 25 -6.64 6.37 4.58
C GLN A 25 -5.94 5.64 3.43
N HIS A 26 -4.69 5.23 3.67
CA HIS A 26 -3.85 4.55 2.67
C HIS A 26 -2.69 3.86 3.38
N SER A 27 -2.50 2.59 3.10
CA SER A 27 -1.39 1.86 3.69
C SER A 27 -0.70 0.99 2.65
N LEU A 28 0.62 1.07 2.60
CA LEU A 28 1.40 0.18 1.77
C LEU A 28 1.65 -1.12 2.55
N TRP A 29 0.89 -2.15 2.21
CA TRP A 29 0.92 -3.38 2.97
C TRP A 29 1.64 -4.46 2.18
N PRO A 30 2.78 -4.95 2.69
CA PRO A 30 3.54 -6.01 2.04
C PRO A 30 2.91 -7.39 2.27
N VAL A 31 2.98 -8.24 1.25
CA VAL A 31 2.39 -9.57 1.33
C VAL A 31 3.25 -10.50 2.17
N PHE A 32 4.33 -9.95 2.72
CA PHE A 32 5.15 -10.69 3.67
C PHE A 32 4.32 -11.01 4.90
N ALA A 33 3.34 -10.15 5.15
CA ALA A 33 2.37 -10.37 6.21
C ALA A 33 1.01 -10.67 5.60
N ASP A 34 0.20 -11.41 6.33
CA ASP A 34 -1.12 -11.79 5.84
C ASP A 34 -2.12 -10.67 6.09
N ILE A 35 -3.04 -10.48 5.16
CA ILE A 35 -4.04 -9.42 5.25
C ILE A 35 -5.21 -9.89 6.11
N PRO A 36 -5.52 -9.16 7.20
CA PRO A 36 -6.54 -9.56 8.17
C PRO A 36 -7.97 -9.50 7.63
N ALA A 37 -8.71 -8.43 7.92
CA ALA A 37 -10.10 -8.32 7.53
C ALA A 37 -10.52 -6.86 7.49
N GLY A 38 -11.66 -6.60 6.84
CA GLY A 38 -12.16 -5.24 6.73
C GLY A 38 -11.30 -4.36 5.84
N TRP A 39 -10.66 -4.99 4.87
CA TRP A 39 -9.69 -4.31 4.03
C TRP A 39 -10.27 -4.01 2.64
N ARG A 40 -9.62 -3.08 1.95
CA ARG A 40 -9.96 -2.76 0.57
C ARG A 40 -8.68 -2.53 -0.22
N VAL A 41 -8.49 -3.30 -1.29
CA VAL A 41 -7.30 -3.17 -2.11
C VAL A 41 -7.57 -2.23 -3.28
N VAL A 42 -6.88 -1.09 -3.27
CA VAL A 42 -7.01 -0.12 -4.36
C VAL A 42 -6.17 -0.58 -5.54
N HIS A 43 -4.97 -1.04 -5.24
CA HIS A 43 -4.05 -1.56 -6.25
C HIS A 43 -3.29 -2.74 -5.67
N GLY A 44 -3.09 -3.77 -6.48
CA GLY A 44 -2.34 -4.93 -6.03
C GLY A 44 -0.85 -4.66 -6.02
N GLU A 45 -0.07 -5.60 -6.54
CA GLU A 45 1.37 -5.43 -6.55
C GLU A 45 1.81 -4.73 -7.82
N ALA A 46 2.01 -3.45 -7.65
CA ALA A 46 2.56 -2.60 -8.70
C ALA A 46 3.83 -1.98 -8.17
N SER A 47 4.64 -1.40 -9.06
CA SER A 47 5.93 -0.83 -8.68
C SER A 47 5.87 -0.08 -7.35
N ARG A 48 6.80 -0.43 -6.44
CA ARG A 48 6.84 0.16 -5.10
C ARG A 48 6.84 1.69 -5.18
N ALA A 49 7.65 2.21 -6.08
CA ALA A 49 7.72 3.64 -6.33
C ALA A 49 6.37 4.20 -6.73
N ALA A 50 5.68 3.49 -7.62
CA ALA A 50 4.38 3.94 -8.14
C ALA A 50 3.31 3.91 -7.05
N CYS A 51 3.37 2.90 -6.19
CA CYS A 51 2.43 2.78 -5.08
C CYS A 51 2.63 3.94 -4.10
N LEU A 52 3.87 4.19 -3.74
CA LEU A 52 4.20 5.35 -2.91
C LEU A 52 3.78 6.64 -3.60
N ASP A 53 4.07 6.72 -4.89
CA ASP A 53 3.70 7.88 -5.70
C ASP A 53 2.19 8.12 -5.61
N TYR A 54 1.43 7.03 -5.73
CA TYR A 54 -0.02 7.07 -5.68
C TYR A 54 -0.50 7.60 -4.34
N VAL A 55 -0.01 7.02 -3.25
CA VAL A 55 -0.49 7.38 -1.92
C VAL A 55 -0.07 8.80 -1.51
N GLU A 56 1.17 9.16 -1.85
CA GLU A 56 1.70 10.46 -1.45
C GLU A 56 1.07 11.59 -2.25
N LYS A 57 0.86 11.37 -3.54
CA LYS A 57 0.26 12.38 -4.40
C LYS A 57 -1.22 12.59 -4.08
N ASN A 58 -1.79 11.66 -3.32
CA ASN A 58 -3.16 11.83 -2.81
C ASN A 58 -3.20 12.95 -1.77
N TRP A 59 -2.03 13.27 -1.20
CA TRP A 59 -1.90 14.35 -0.20
C TRP A 59 -2.82 14.12 0.98
N THR A 60 -2.86 12.90 1.48
CA THR A 60 -3.69 12.55 2.62
C THR A 60 -2.97 12.86 3.94
N ASP A 61 -3.48 13.83 4.68
CA ASP A 61 -2.89 14.21 5.95
C ASP A 61 -3.48 13.33 7.07
N LEU A 62 -2.91 13.44 8.27
CA LEU A 62 -3.28 12.60 9.41
C LEU A 62 -2.83 11.17 9.19
N ARG A 63 -1.62 10.87 9.63
CA ARG A 63 -0.98 9.59 9.38
C ARG A 63 -0.32 9.06 10.65
N PRO A 64 0.09 7.78 10.66
CA PRO A 64 0.92 7.25 11.73
C PRO A 64 2.27 7.96 11.76
N LYS A 65 2.48 8.79 12.76
CA LYS A 65 3.66 9.64 12.84
C LYS A 65 4.94 8.81 12.76
N SER A 66 5.60 8.88 11.62
CA SER A 66 6.83 8.14 11.39
C SER A 66 8.02 8.89 12.00
N LEU A 67 8.26 8.65 13.28
CA LEU A 67 9.35 9.31 13.99
C LEU A 67 9.88 8.40 15.09
N ARG A 68 11.20 8.33 15.19
CA ARG A 68 11.84 7.54 16.24
C ARG A 68 12.72 8.43 17.11
N ASP A 69 13.40 9.37 16.47
CA ASP A 69 14.27 10.33 17.16
C ASP A 69 14.52 11.51 16.25
N ALA A 70 14.50 12.71 16.82
CA ALA A 70 14.63 13.93 16.04
C ALA A 70 16.09 14.29 15.80
N MET A 71 16.48 14.33 14.53
CA MET A 71 17.84 14.71 14.15
C MET A 71 17.79 15.91 13.20
N VAL A 72 18.18 17.07 13.70
CA VAL A 72 18.15 18.27 12.89
C VAL A 72 19.48 18.46 12.18
N GLU A 73 20.54 18.60 12.96
CA GLU A 73 21.88 18.76 12.41
C GLU A 73 22.88 17.94 13.21
N ASP A 74 23.83 17.37 12.52
CA ASP A 74 24.84 16.53 13.13
C ASP A 74 26.21 16.87 12.58
N GLY A 1 19.89 20.06 18.81
CA GLY A 1 19.35 18.70 19.04
C GLY A 1 19.04 17.99 17.75
N SER A 2 18.63 16.74 17.83
CA SER A 2 18.32 15.96 16.65
C SER A 2 16.90 15.42 16.74
N HIS A 3 16.13 15.65 15.68
CA HIS A 3 14.76 15.17 15.61
C HIS A 3 14.67 13.97 14.68
N MET A 4 14.12 12.89 15.18
CA MET A 4 13.93 11.69 14.38
C MET A 4 12.55 11.70 13.75
N SER A 5 12.48 12.09 12.49
CA SER A 5 11.24 12.04 11.75
C SER A 5 11.48 11.36 10.41
N THR A 6 11.08 10.10 10.33
CA THR A 6 11.32 9.31 9.14
C THR A 6 10.04 8.62 8.68
N ASN A 7 10.07 8.06 7.50
CA ASN A 7 8.92 7.38 6.94
C ASN A 7 8.73 6.03 7.63
N PRO A 8 7.51 5.72 8.08
CA PRO A 8 7.20 4.48 8.80
C PRO A 8 7.17 3.25 7.89
N PHE A 9 7.98 3.28 6.84
CA PHE A 9 8.06 2.18 5.90
C PHE A 9 9.32 1.37 6.12
N ASP A 10 9.18 0.22 6.77
CA ASP A 10 10.31 -0.67 7.00
C ASP A 10 10.58 -1.46 5.73
N ASP A 11 11.82 -1.88 5.54
CA ASP A 11 12.25 -2.54 4.31
C ASP A 11 11.47 -3.84 4.09
N ASP A 12 10.93 -4.00 2.90
CA ASP A 12 10.11 -5.16 2.57
C ASP A 12 10.96 -6.28 1.96
N ASN A 13 10.40 -7.49 1.96
CA ASN A 13 11.14 -8.66 1.48
C ASN A 13 10.27 -9.47 0.50
N GLY A 14 9.23 -8.84 -0.02
CA GLY A 14 8.34 -9.53 -0.93
C GLY A 14 7.46 -8.60 -1.72
N ALA A 15 6.32 -9.07 -2.18
CA ALA A 15 5.38 -8.24 -2.91
C ALA A 15 4.58 -7.37 -1.94
N PHE A 16 3.85 -6.41 -2.48
CA PHE A 16 3.10 -5.48 -1.65
C PHE A 16 1.89 -4.96 -2.42
N PHE A 17 0.82 -4.70 -1.70
CA PHE A 17 -0.39 -4.16 -2.29
C PHE A 17 -0.69 -2.79 -1.70
N VAL A 18 -1.40 -1.96 -2.44
CA VAL A 18 -1.94 -0.73 -1.90
C VAL A 18 -3.23 -1.06 -1.18
N LEU A 19 -3.16 -1.09 0.14
CA LEU A 19 -4.27 -1.56 0.94
C LEU A 19 -4.70 -0.46 1.90
N VAL A 20 -5.98 -0.15 1.89
CA VAL A 20 -6.50 0.91 2.74
C VAL A 20 -7.59 0.37 3.65
N ASN A 21 -7.46 0.68 4.93
CA ASN A 21 -8.44 0.25 5.91
C ASN A 21 -9.47 1.37 6.10
N ASP A 22 -10.60 1.07 6.73
CA ASP A 22 -11.67 2.06 6.87
C ASP A 22 -11.23 3.25 7.72
N GLU A 23 -10.58 2.98 8.83
CA GLU A 23 -10.08 4.04 9.70
C GLU A 23 -8.69 4.48 9.27
N ASP A 24 -8.26 4.05 8.10
CA ASP A 24 -6.94 4.39 7.58
C ASP A 24 -7.07 5.20 6.30
N GLN A 25 -6.02 5.93 5.94
CA GLN A 25 -6.06 6.78 4.77
C GLN A 25 -5.19 6.24 3.63
N HIS A 26 -4.07 5.62 3.97
CA HIS A 26 -3.15 5.08 2.96
C HIS A 26 -2.14 4.14 3.59
N SER A 27 -2.02 2.93 3.05
CA SER A 27 -1.09 1.95 3.57
C SER A 27 -0.58 1.00 2.47
N LEU A 28 0.67 0.61 2.58
CA LEU A 28 1.26 -0.40 1.70
C LEU A 28 1.43 -1.70 2.47
N TRP A 29 0.69 -2.72 2.07
CA TRP A 29 0.67 -3.98 2.81
C TRP A 29 1.41 -5.06 2.02
N PRO A 30 2.46 -5.65 2.62
CA PRO A 30 3.24 -6.71 1.98
C PRO A 30 2.44 -8.00 1.79
N VAL A 31 2.55 -8.59 0.61
CA VAL A 31 1.84 -9.83 0.28
C VAL A 31 2.52 -11.01 0.97
N PHE A 32 3.69 -10.75 1.54
CA PHE A 32 4.42 -11.73 2.33
C PHE A 32 3.70 -11.93 3.67
N ALA A 33 2.85 -10.98 4.01
CA ALA A 33 2.03 -11.06 5.21
C ALA A 33 0.59 -11.36 4.81
N ASP A 34 -0.11 -12.13 5.63
CA ASP A 34 -1.47 -12.54 5.29
C ASP A 34 -2.40 -11.33 5.26
N ILE A 35 -3.07 -11.14 4.13
CA ILE A 35 -4.00 -10.04 3.96
C ILE A 35 -5.30 -10.32 4.71
N PRO A 36 -5.62 -9.50 5.73
CA PRO A 36 -6.83 -9.66 6.53
C PRO A 36 -8.07 -9.11 5.84
N ALA A 37 -9.22 -9.30 6.45
CA ALA A 37 -10.48 -8.80 5.90
C ALA A 37 -10.82 -7.44 6.48
N GLY A 38 -11.66 -6.69 5.76
CA GLY A 38 -12.04 -5.37 6.22
C GLY A 38 -11.26 -4.29 5.50
N TRP A 39 -10.10 -4.67 4.99
CA TRP A 39 -9.25 -3.77 4.25
C TRP A 39 -9.66 -3.75 2.78
N ARG A 40 -9.49 -2.61 2.14
CA ARG A 40 -9.91 -2.44 0.76
C ARG A 40 -8.69 -2.30 -0.15
N VAL A 41 -8.56 -3.23 -1.10
CA VAL A 41 -7.46 -3.20 -2.06
C VAL A 41 -7.68 -2.11 -3.09
N VAL A 42 -6.75 -1.18 -3.17
CA VAL A 42 -6.84 -0.09 -4.14
C VAL A 42 -5.96 -0.38 -5.35
N HIS A 43 -4.85 -1.04 -5.12
CA HIS A 43 -3.87 -1.32 -6.17
C HIS A 43 -3.13 -2.61 -5.86
N GLY A 44 -2.81 -3.38 -6.88
CA GLY A 44 -2.15 -4.65 -6.68
C GLY A 44 -0.66 -4.51 -6.50
N GLU A 45 0.06 -5.60 -6.74
CA GLU A 45 1.50 -5.62 -6.54
C GLU A 45 2.24 -5.04 -7.74
N ALA A 46 2.60 -3.78 -7.60
CA ALA A 46 3.41 -3.07 -8.60
C ALA A 46 4.45 -2.26 -7.86
N SER A 47 5.48 -1.77 -8.58
CA SER A 47 6.59 -1.03 -7.98
C SER A 47 6.16 -0.20 -6.78
N ARG A 48 6.85 -0.36 -5.66
CA ARG A 48 6.45 0.29 -4.41
C ARG A 48 6.47 1.81 -4.56
N ALA A 49 7.51 2.32 -5.19
CA ALA A 49 7.61 3.76 -5.45
C ALA A 49 6.40 4.24 -6.25
N ALA A 50 5.99 3.45 -7.23
CA ALA A 50 4.84 3.78 -8.04
C ALA A 50 3.57 3.76 -7.20
N CYS A 51 3.50 2.80 -6.27
CA CYS A 51 2.39 2.70 -5.34
C CYS A 51 2.33 3.92 -4.43
N LEU A 52 3.47 4.25 -3.83
CA LEU A 52 3.58 5.45 -2.99
C LEU A 52 3.14 6.69 -3.77
N ASP A 53 3.70 6.89 -4.95
CA ASP A 53 3.34 8.05 -5.77
C ASP A 53 1.84 8.07 -6.02
N TYR A 54 1.27 6.93 -6.35
CA TYR A 54 -0.15 6.82 -6.64
C TYR A 54 -0.99 7.28 -5.44
N VAL A 55 -0.71 6.74 -4.26
CA VAL A 55 -1.51 7.05 -3.08
C VAL A 55 -1.32 8.49 -2.62
N GLU A 56 -0.08 8.98 -2.68
CA GLU A 56 0.23 10.32 -2.22
C GLU A 56 -0.31 11.37 -3.18
N LYS A 57 -0.36 11.03 -4.47
CA LYS A 57 -0.97 11.91 -5.46
C LYS A 57 -2.48 11.95 -5.29
N ASN A 58 -3.05 10.80 -4.89
CA ASN A 58 -4.46 10.75 -4.51
C ASN A 58 -4.69 11.69 -3.34
N TRP A 59 -3.71 11.72 -2.45
CA TRP A 59 -3.69 12.63 -1.30
C TRP A 59 -4.91 12.43 -0.41
N THR A 60 -4.84 11.40 0.41
CA THR A 60 -5.90 11.14 1.37
C THR A 60 -5.44 11.49 2.78
N ASP A 61 -4.17 11.88 2.89
CA ASP A 61 -3.56 12.13 4.19
C ASP A 61 -3.81 13.57 4.63
N LEU A 62 -3.52 13.83 5.91
CA LEU A 62 -3.73 15.14 6.50
C LEU A 62 -2.73 16.15 5.96
N ARG A 63 -1.51 15.70 5.68
CA ARG A 63 -0.48 16.59 5.18
C ARG A 63 0.65 15.81 4.52
N PRO A 64 0.93 16.08 3.24
CA PRO A 64 1.99 15.40 2.51
C PRO A 64 3.39 15.90 2.89
N LYS A 65 4.27 14.97 3.20
CA LYS A 65 5.64 15.31 3.56
C LYS A 65 6.55 15.06 2.36
N SER A 66 6.31 13.96 1.66
CA SER A 66 7.10 13.60 0.50
C SER A 66 6.77 14.50 -0.69
N LEU A 67 7.48 15.62 -0.79
CA LEU A 67 7.32 16.51 -1.93
C LEU A 67 8.44 16.23 -2.93
N ARG A 68 8.15 15.38 -3.91
CA ARG A 68 9.15 14.97 -4.88
C ARG A 68 8.81 15.51 -6.26
N ASP A 69 9.63 16.41 -6.76
CA ASP A 69 9.43 16.97 -8.10
C ASP A 69 10.73 16.97 -8.88
N ALA A 70 10.65 17.28 -10.16
CA ALA A 70 11.81 17.33 -11.02
C ALA A 70 11.56 18.26 -12.20
N MET A 71 12.60 18.97 -12.60
CA MET A 71 12.48 19.91 -13.72
C MET A 71 12.61 19.13 -15.03
N VAL A 72 11.49 18.96 -15.71
CA VAL A 72 11.45 18.21 -16.95
C VAL A 72 11.15 19.15 -18.11
N GLU A 73 12.17 19.46 -18.89
CA GLU A 73 12.04 20.39 -19.99
C GLU A 73 12.88 19.93 -21.18
N ASP A 74 12.21 19.65 -22.29
CA ASP A 74 12.90 19.23 -23.50
C ASP A 74 12.39 20.05 -24.68
N GLY A 1 -13.36 -25.15 2.95
CA GLY A 1 -12.86 -26.52 3.21
C GLY A 1 -11.55 -26.51 3.96
N SER A 2 -10.45 -26.43 3.22
CA SER A 2 -9.13 -26.40 3.82
C SER A 2 -8.83 -25.01 4.38
N HIS A 3 -8.96 -24.87 5.69
CA HIS A 3 -8.66 -23.61 6.36
C HIS A 3 -7.77 -23.89 7.55
N MET A 4 -7.03 -24.99 7.48
CA MET A 4 -6.14 -25.38 8.56
C MET A 4 -4.78 -24.74 8.37
N SER A 5 -4.57 -23.61 9.05
CA SER A 5 -3.32 -22.89 8.95
C SER A 5 -2.22 -23.58 9.76
N THR A 6 -1.76 -24.71 9.25
CA THR A 6 -0.65 -25.43 9.86
C THR A 6 0.67 -24.81 9.41
N ASN A 7 0.74 -24.44 8.15
CA ASN A 7 1.89 -23.73 7.63
C ASN A 7 1.67 -22.22 7.81
N PRO A 8 2.64 -21.55 8.46
CA PRO A 8 2.51 -20.12 8.79
C PRO A 8 2.71 -19.20 7.58
N PHE A 9 2.68 -19.78 6.38
CA PHE A 9 2.82 -19.04 5.13
C PHE A 9 4.11 -18.22 5.11
N ASP A 10 5.21 -18.87 4.80
CA ASP A 10 6.50 -18.20 4.71
C ASP A 10 6.89 -18.00 3.26
N ASP A 11 7.22 -16.76 2.92
CA ASP A 11 7.71 -16.45 1.59
C ASP A 11 9.07 -15.77 1.72
N ASP A 12 9.59 -15.23 0.62
CA ASP A 12 10.92 -14.64 0.64
C ASP A 12 10.89 -13.18 0.19
N ASN A 13 10.07 -12.90 -0.82
CA ASN A 13 9.99 -11.55 -1.37
C ASN A 13 8.89 -10.75 -0.70
N GLY A 14 9.27 -9.70 0.01
CA GLY A 14 8.30 -8.84 0.64
C GLY A 14 7.61 -7.94 -0.36
N ALA A 15 6.61 -8.50 -1.01
CA ALA A 15 5.81 -7.76 -1.97
C ALA A 15 4.86 -6.82 -1.24
N PHE A 16 4.25 -5.94 -1.98
CA PHE A 16 3.46 -4.86 -1.40
C PHE A 16 2.16 -4.66 -2.17
N PHE A 17 1.11 -4.30 -1.45
CA PHE A 17 -0.19 -4.02 -2.05
C PHE A 17 -0.61 -2.59 -1.73
N VAL A 18 -1.46 -2.03 -2.56
CA VAL A 18 -2.03 -0.72 -2.30
C VAL A 18 -3.30 -0.88 -1.47
N LEU A 19 -3.16 -0.72 -0.16
CA LEU A 19 -4.24 -0.99 0.76
C LEU A 19 -4.87 0.30 1.27
N VAL A 20 -6.19 0.34 1.28
CA VAL A 20 -6.91 1.49 1.80
C VAL A 20 -7.98 1.04 2.79
N ASN A 21 -8.12 1.77 3.87
CA ASN A 21 -9.15 1.49 4.86
C ASN A 21 -10.02 2.73 5.07
N ASP A 22 -11.26 2.52 5.47
CA ASP A 22 -12.21 3.62 5.65
C ASP A 22 -11.70 4.69 6.61
N GLU A 23 -11.01 4.28 7.68
CA GLU A 23 -10.49 5.22 8.65
C GLU A 23 -8.97 5.38 8.50
N ASP A 24 -8.47 5.10 7.32
CA ASP A 24 -7.05 5.23 7.03
C ASP A 24 -6.85 6.11 5.80
N GLN A 25 -5.71 6.80 5.74
CA GLN A 25 -5.44 7.70 4.62
C GLN A 25 -4.87 6.90 3.44
N HIS A 26 -3.80 6.16 3.70
CA HIS A 26 -3.20 5.27 2.70
C HIS A 26 -2.23 4.29 3.34
N SER A 27 -2.40 3.00 3.08
CA SER A 27 -1.51 2.00 3.62
C SER A 27 -0.77 1.26 2.51
N LEU A 28 0.54 1.43 2.46
CA LEU A 28 1.37 0.63 1.58
C LEU A 28 1.74 -0.63 2.33
N TRP A 29 0.97 -1.68 2.11
CA TRP A 29 0.99 -2.85 2.99
C TRP A 29 1.68 -4.04 2.34
N PRO A 30 2.75 -4.55 2.97
CA PRO A 30 3.47 -5.72 2.50
C PRO A 30 2.64 -6.99 2.64
N VAL A 31 2.71 -7.85 1.63
CA VAL A 31 1.95 -9.10 1.62
C VAL A 31 2.52 -10.10 2.61
N PHE A 32 3.68 -9.79 3.15
CA PHE A 32 4.34 -10.66 4.12
C PHE A 32 3.71 -10.46 5.50
N ALA A 33 2.91 -9.41 5.62
CA ALA A 33 2.17 -9.13 6.84
C ALA A 33 0.69 -9.45 6.64
N ASP A 34 0.07 -10.05 7.64
CA ASP A 34 -1.32 -10.47 7.54
C ASP A 34 -2.24 -9.25 7.44
N ILE A 35 -3.14 -9.29 6.48
CA ILE A 35 -4.05 -8.18 6.22
C ILE A 35 -5.20 -8.20 7.23
N PRO A 36 -5.54 -7.03 7.82
CA PRO A 36 -6.66 -6.90 8.76
C PRO A 36 -8.02 -7.13 8.10
N ALA A 37 -9.08 -6.73 8.78
CA ALA A 37 -10.43 -6.84 8.25
C ALA A 37 -10.93 -5.48 7.77
N GLY A 38 -11.96 -5.48 6.92
CA GLY A 38 -12.49 -4.24 6.41
C GLY A 38 -11.54 -3.57 5.45
N TRP A 39 -10.74 -4.37 4.76
CA TRP A 39 -9.70 -3.87 3.87
C TRP A 39 -10.25 -3.57 2.48
N ARG A 40 -9.58 -2.68 1.78
CA ARG A 40 -9.86 -2.41 0.39
C ARG A 40 -8.56 -2.34 -0.40
N VAL A 41 -8.40 -3.25 -1.35
CA VAL A 41 -7.19 -3.27 -2.16
C VAL A 41 -7.43 -2.53 -3.47
N VAL A 42 -6.73 -1.42 -3.65
CA VAL A 42 -6.83 -0.65 -4.88
C VAL A 42 -6.15 -1.39 -6.02
N HIS A 43 -4.96 -1.90 -5.74
CA HIS A 43 -4.20 -2.69 -6.68
C HIS A 43 -3.24 -3.60 -5.93
N GLY A 44 -2.85 -4.69 -6.58
CA GLY A 44 -1.94 -5.64 -5.96
C GLY A 44 -0.51 -5.19 -6.02
N GLU A 45 0.38 -6.09 -6.40
CA GLU A 45 1.79 -5.76 -6.43
C GLU A 45 2.13 -5.08 -7.75
N ALA A 46 2.17 -3.78 -7.67
CA ALA A 46 2.58 -2.93 -8.78
C ALA A 46 3.87 -2.24 -8.40
N SER A 47 4.55 -1.63 -9.36
CA SER A 47 5.86 -1.00 -9.12
C SER A 47 5.83 -0.16 -7.84
N ARG A 48 6.80 -0.42 -6.97
CA ARG A 48 6.85 0.21 -5.64
C ARG A 48 6.90 1.73 -5.77
N ALA A 49 7.66 2.21 -6.75
CA ALA A 49 7.75 3.64 -7.01
C ALA A 49 6.39 4.23 -7.32
N ALA A 50 5.64 3.53 -8.17
CA ALA A 50 4.33 3.99 -8.61
C ALA A 50 3.31 3.93 -7.48
N CYS A 51 3.38 2.86 -6.68
CA CYS A 51 2.47 2.69 -5.55
C CYS A 51 2.64 3.80 -4.53
N LEU A 52 3.88 4.05 -4.13
CA LEU A 52 4.18 5.12 -3.18
C LEU A 52 3.84 6.48 -3.78
N ASP A 53 4.10 6.63 -5.06
CA ASP A 53 3.77 7.86 -5.76
C ASP A 53 2.26 8.11 -5.68
N TYR A 54 1.49 7.11 -6.08
CA TYR A 54 0.03 7.19 -6.05
C TYR A 54 -0.49 7.56 -4.66
N VAL A 55 -0.03 6.83 -3.64
CA VAL A 55 -0.56 7.03 -2.30
C VAL A 55 -0.17 8.39 -1.72
N GLU A 56 1.06 8.83 -1.95
CA GLU A 56 1.52 10.11 -1.42
C GLU A 56 0.89 11.29 -2.16
N LYS A 57 0.64 11.12 -3.45
CA LYS A 57 0.01 12.18 -4.26
C LYS A 57 -1.45 12.37 -3.84
N ASN A 58 -2.13 11.27 -3.58
CA ASN A 58 -3.53 11.33 -3.16
C ASN A 58 -3.63 11.57 -1.67
N TRP A 59 -2.49 11.67 -1.01
CA TRP A 59 -2.44 11.99 0.41
C TRP A 59 -2.63 13.49 0.60
N THR A 60 -3.69 13.86 1.29
CA THR A 60 -3.98 15.25 1.53
C THR A 60 -3.50 15.65 2.92
N ASP A 61 -2.88 16.82 3.03
CA ASP A 61 -2.36 17.31 4.30
C ASP A 61 -3.45 18.00 5.11
N LEU A 62 -4.69 17.83 4.68
CA LEU A 62 -5.84 18.41 5.38
C LEU A 62 -6.18 17.58 6.61
N ARG A 63 -5.16 17.31 7.41
CA ARG A 63 -5.33 16.60 8.66
C ARG A 63 -4.91 17.52 9.80
N PRO A 64 -5.85 18.29 10.32
CA PRO A 64 -5.58 19.24 11.38
C PRO A 64 -5.71 18.63 12.77
N LYS A 65 -4.89 19.11 13.69
CA LYS A 65 -4.97 18.69 15.08
C LYS A 65 -6.30 19.18 15.67
N SER A 66 -7.31 18.34 15.58
CA SER A 66 -8.66 18.72 15.96
C SER A 66 -8.87 18.59 17.47
N LEU A 67 -9.37 19.64 18.09
CA LEU A 67 -9.66 19.63 19.51
C LEU A 67 -11.03 18.97 19.75
N ARG A 68 -11.21 17.79 19.17
CA ARG A 68 -12.45 17.04 19.30
C ARG A 68 -12.43 16.23 20.59
N ASP A 69 -12.68 16.92 21.70
CA ASP A 69 -12.61 16.31 23.04
C ASP A 69 -11.19 15.86 23.36
N ALA A 70 -10.55 16.57 24.28
CA ALA A 70 -9.16 16.31 24.61
C ALA A 70 -9.00 15.00 25.39
N MET A 71 -9.15 13.88 24.70
CA MET A 71 -8.85 12.59 25.27
C MET A 71 -7.35 12.47 25.48
N VAL A 72 -6.60 13.12 24.60
CA VAL A 72 -5.17 13.32 24.78
C VAL A 72 -4.95 14.73 25.30
N GLU A 73 -4.20 14.86 26.37
CA GLU A 73 -4.04 16.16 27.03
C GLU A 73 -3.04 17.03 26.28
N ASP A 74 -3.42 18.28 26.04
CA ASP A 74 -2.56 19.26 25.38
C ASP A 74 -2.53 20.54 26.18
N GLY A 1 -12.00 -21.66 -3.75
CA GLY A 1 -11.23 -20.96 -2.69
C GLY A 1 -10.15 -20.06 -3.26
N SER A 2 -10.23 -19.79 -4.55
CA SER A 2 -9.24 -18.98 -5.25
C SER A 2 -9.56 -17.50 -5.12
N HIS A 3 -8.61 -16.66 -5.52
CA HIS A 3 -8.81 -15.22 -5.56
C HIS A 3 -8.57 -14.73 -6.97
N MET A 4 -8.66 -13.42 -7.17
CA MET A 4 -8.28 -12.83 -8.44
C MET A 4 -6.76 -12.89 -8.57
N SER A 5 -6.27 -13.79 -9.40
CA SER A 5 -4.84 -14.03 -9.51
C SER A 5 -4.22 -13.06 -10.51
N THR A 6 -3.55 -12.06 -9.98
CA THR A 6 -2.88 -11.05 -10.81
C THR A 6 -1.50 -11.55 -11.26
N ASN A 7 -0.73 -12.09 -10.32
CA ASN A 7 0.58 -12.64 -10.63
C ASN A 7 0.57 -14.15 -10.48
N PRO A 8 0.56 -14.88 -11.60
CA PRO A 8 0.42 -16.34 -11.61
C PRO A 8 1.76 -17.08 -11.59
N PHE A 9 2.79 -16.43 -11.08
CA PHE A 9 4.11 -17.04 -11.02
C PHE A 9 4.61 -17.11 -9.57
N ASP A 10 5.44 -18.10 -9.27
CA ASP A 10 5.95 -18.28 -7.92
C ASP A 10 7.17 -17.40 -7.69
N ASP A 11 6.92 -16.23 -7.14
CA ASP A 11 7.99 -15.29 -6.84
C ASP A 11 8.58 -15.63 -5.47
N ASP A 12 9.82 -15.24 -5.22
CA ASP A 12 10.50 -15.60 -3.98
C ASP A 12 10.25 -14.58 -2.88
N ASN A 13 10.45 -13.30 -3.20
CA ASN A 13 10.30 -12.25 -2.21
C ASN A 13 8.84 -11.85 -2.04
N GLY A 14 8.57 -11.06 -1.01
CA GLY A 14 7.21 -10.62 -0.75
C GLY A 14 6.81 -9.45 -1.60
N ALA A 15 5.59 -9.51 -2.13
CA ALA A 15 5.04 -8.40 -2.90
C ALA A 15 4.37 -7.39 -1.97
N PHE A 16 3.91 -6.28 -2.52
CA PHE A 16 3.26 -5.24 -1.74
C PHE A 16 2.02 -4.74 -2.46
N PHE A 17 1.00 -4.38 -1.69
CA PHE A 17 -0.25 -3.90 -2.25
C PHE A 17 -0.54 -2.47 -1.81
N VAL A 18 -1.53 -1.86 -2.46
CA VAL A 18 -2.04 -0.56 -2.04
C VAL A 18 -3.29 -0.75 -1.20
N LEU A 19 -3.12 -0.73 0.11
CA LEU A 19 -4.20 -1.00 1.03
C LEU A 19 -4.70 0.30 1.66
N VAL A 20 -6.00 0.53 1.61
CA VAL A 20 -6.55 1.73 2.21
C VAL A 20 -7.67 1.38 3.19
N ASN A 21 -7.59 1.94 4.39
CA ASN A 21 -8.61 1.75 5.41
C ASN A 21 -9.41 3.05 5.54
N ASP A 22 -10.69 2.93 5.87
CA ASP A 22 -11.57 4.10 5.98
C ASP A 22 -11.04 5.13 6.97
N GLU A 23 -10.44 4.66 8.05
CA GLU A 23 -9.90 5.57 9.05
C GLU A 23 -8.39 5.72 8.90
N ASP A 24 -7.88 5.34 7.74
CA ASP A 24 -6.46 5.49 7.42
C ASP A 24 -6.32 6.33 6.16
N GLN A 25 -5.10 6.79 5.86
CA GLN A 25 -4.91 7.63 4.69
C GLN A 25 -4.49 6.77 3.50
N HIS A 26 -3.43 6.00 3.71
CA HIS A 26 -2.95 5.04 2.71
C HIS A 26 -1.91 4.12 3.33
N SER A 27 -2.10 2.82 3.19
CA SER A 27 -1.13 1.87 3.72
C SER A 27 -0.54 1.01 2.60
N LEU A 28 0.72 1.23 2.31
CA LEU A 28 1.43 0.36 1.38
C LEU A 28 1.78 -0.92 2.10
N TRP A 29 0.92 -1.92 1.97
CA TRP A 29 1.00 -3.10 2.81
C TRP A 29 1.51 -4.29 2.01
N PRO A 30 2.65 -4.86 2.41
CA PRO A 30 3.22 -6.04 1.75
C PRO A 30 2.36 -7.28 1.96
N VAL A 31 2.35 -8.16 0.97
CA VAL A 31 1.57 -9.40 1.04
C VAL A 31 2.27 -10.41 1.95
N PHE A 32 3.45 -10.04 2.42
CA PHE A 32 4.18 -10.83 3.40
C PHE A 32 3.69 -10.49 4.80
N ALA A 33 2.93 -9.41 4.89
CA ALA A 33 2.41 -8.94 6.17
C ALA A 33 0.99 -9.43 6.40
N ASP A 34 0.54 -9.35 7.64
CA ASP A 34 -0.79 -9.81 8.02
C ASP A 34 -1.86 -8.94 7.41
N ILE A 35 -2.80 -9.55 6.71
CA ILE A 35 -3.96 -8.84 6.19
C ILE A 35 -5.13 -8.99 7.16
N PRO A 36 -5.56 -7.88 7.76
CA PRO A 36 -6.68 -7.86 8.71
C PRO A 36 -8.03 -7.75 7.99
N ALA A 37 -9.02 -7.19 8.67
CA ALA A 37 -10.29 -6.87 8.04
C ALA A 37 -10.51 -5.36 8.08
N GLY A 38 -11.29 -4.85 7.14
CA GLY A 38 -11.54 -3.42 7.09
C GLY A 38 -10.64 -2.72 6.10
N TRP A 39 -10.26 -3.44 5.07
CA TRP A 39 -9.30 -2.94 4.10
C TRP A 39 -9.92 -2.85 2.71
N ARG A 40 -9.23 -2.15 1.83
CA ARG A 40 -9.58 -2.12 0.43
C ARG A 40 -8.30 -2.00 -0.39
N VAL A 41 -7.99 -3.04 -1.15
CA VAL A 41 -6.84 -3.00 -2.05
C VAL A 41 -7.20 -2.19 -3.29
N VAL A 42 -6.76 -0.94 -3.31
CA VAL A 42 -7.10 -0.03 -4.39
C VAL A 42 -6.26 -0.33 -5.63
N HIS A 43 -5.04 -0.78 -5.40
CA HIS A 43 -4.13 -1.12 -6.49
C HIS A 43 -3.32 -2.35 -6.13
N GLY A 44 -3.08 -3.21 -7.10
CA GLY A 44 -2.32 -4.43 -6.86
C GLY A 44 -0.82 -4.19 -6.80
N GLU A 45 -0.07 -5.24 -7.11
CA GLU A 45 1.38 -5.23 -6.95
C GLU A 45 2.04 -4.66 -8.19
N ALA A 46 2.37 -3.40 -8.08
CA ALA A 46 3.13 -2.70 -9.09
C ALA A 46 4.39 -2.14 -8.46
N SER A 47 5.34 -1.72 -9.29
CA SER A 47 6.62 -1.19 -8.82
C SER A 47 6.44 -0.31 -7.57
N ARG A 48 7.22 -0.63 -6.54
CA ARG A 48 7.13 0.01 -5.23
C ARG A 48 7.06 1.54 -5.34
N ALA A 49 7.96 2.12 -6.12
CA ALA A 49 8.02 3.57 -6.28
C ALA A 49 6.71 4.13 -6.86
N ALA A 50 6.13 3.39 -7.80
CA ALA A 50 4.90 3.81 -8.45
C ALA A 50 3.71 3.73 -7.50
N CYS A 51 3.68 2.67 -6.69
CA CYS A 51 2.62 2.51 -5.71
C CYS A 51 2.72 3.60 -4.63
N LEU A 52 3.94 3.91 -4.22
CA LEU A 52 4.18 4.98 -3.26
C LEU A 52 3.68 6.31 -3.79
N ASP A 53 4.08 6.64 -5.01
CA ASP A 53 3.64 7.88 -5.66
C ASP A 53 2.11 7.94 -5.73
N TYR A 54 1.51 6.82 -6.12
CA TYR A 54 0.07 6.72 -6.27
C TYR A 54 -0.65 6.97 -4.95
N VAL A 55 -0.17 6.38 -3.86
CA VAL A 55 -0.82 6.53 -2.56
C VAL A 55 -0.60 7.92 -1.98
N GLU A 56 0.57 8.49 -2.21
CA GLU A 56 0.91 9.81 -1.69
C GLU A 56 0.12 10.91 -2.39
N LYS A 57 -0.11 10.73 -3.69
CA LYS A 57 -0.87 11.72 -4.46
C LYS A 57 -2.36 11.71 -4.12
N ASN A 58 -2.90 10.55 -3.75
CA ASN A 58 -4.31 10.46 -3.38
C ASN A 58 -4.51 10.89 -1.93
N TRP A 59 -3.50 10.65 -1.12
CA TRP A 59 -3.45 11.09 0.27
C TRP A 59 -4.45 10.36 1.18
N THR A 60 -5.75 10.56 0.96
CA THR A 60 -6.74 10.00 1.87
C THR A 60 -7.92 9.34 1.15
N ASP A 61 -8.59 10.04 0.23
CA ASP A 61 -9.80 9.49 -0.37
C ASP A 61 -9.85 9.67 -1.87
N LEU A 62 -10.46 8.68 -2.53
CA LEU A 62 -10.68 8.71 -3.96
C LEU A 62 -11.84 7.78 -4.31
N ARG A 63 -12.44 7.17 -3.28
CA ARG A 63 -13.39 6.09 -3.47
C ARG A 63 -13.94 5.65 -2.11
N PRO A 64 -15.27 5.42 -2.00
CA PRO A 64 -15.90 4.93 -0.77
C PRO A 64 -15.21 3.69 -0.21
N LYS A 65 -15.09 3.64 1.11
CA LYS A 65 -14.42 2.54 1.79
C LYS A 65 -15.01 2.39 3.19
N SER A 66 -15.04 1.16 3.70
CA SER A 66 -15.58 0.91 5.03
C SER A 66 -15.35 -0.55 5.43
N LEU A 67 -15.88 -0.93 6.60
CA LEU A 67 -15.72 -2.26 7.14
C LEU A 67 -17.06 -2.99 7.10
N ARG A 68 -17.15 -4.02 6.27
CA ARG A 68 -18.34 -4.87 6.23
C ARG A 68 -18.02 -6.19 6.94
N ASP A 69 -16.75 -6.58 6.88
CA ASP A 69 -16.24 -7.81 7.51
C ASP A 69 -16.83 -9.05 6.84
N ALA A 70 -16.06 -9.65 5.95
CA ALA A 70 -16.45 -10.86 5.26
C ALA A 70 -15.23 -11.56 4.70
N MET A 71 -15.28 -12.87 4.64
CA MET A 71 -14.18 -13.66 4.09
C MET A 71 -14.46 -13.99 2.62
N VAL A 72 -13.44 -13.87 1.78
CA VAL A 72 -13.59 -14.17 0.37
C VAL A 72 -12.86 -15.46 0.03
N GLU A 73 -13.57 -16.56 0.13
CA GLU A 73 -13.02 -17.88 -0.14
C GLU A 73 -14.14 -18.86 -0.43
N ASP A 74 -14.20 -19.33 -1.66
CA ASP A 74 -15.22 -20.29 -2.08
C ASP A 74 -14.85 -21.69 -1.65
N GLY A 1 19.38 -22.50 -8.66
CA GLY A 1 19.40 -22.22 -7.21
C GLY A 1 18.00 -22.06 -6.65
N SER A 2 17.16 -23.05 -6.88
CA SER A 2 15.79 -23.02 -6.40
C SER A 2 15.75 -23.20 -4.88
N HIS A 3 15.22 -22.20 -4.19
CA HIS A 3 15.07 -22.28 -2.74
C HIS A 3 13.99 -21.31 -2.28
N MET A 4 13.11 -21.80 -1.43
CA MET A 4 12.07 -20.96 -0.85
C MET A 4 12.31 -20.82 0.64
N SER A 5 13.20 -19.90 0.99
CA SER A 5 13.62 -19.74 2.37
C SER A 5 12.61 -18.90 3.14
N THR A 6 11.82 -19.56 3.95
CA THR A 6 10.81 -18.89 4.76
C THR A 6 11.23 -18.92 6.23
N ASN A 7 11.71 -17.79 6.71
CA ASN A 7 12.20 -17.69 8.07
C ASN A 7 11.37 -16.67 8.86
N PRO A 8 11.27 -16.85 10.19
CA PRO A 8 10.51 -15.95 11.06
C PRO A 8 11.23 -14.62 11.30
N PHE A 9 11.85 -14.07 10.26
CA PHE A 9 12.53 -12.80 10.36
C PHE A 9 11.96 -11.84 9.32
N ASP A 10 12.62 -11.79 8.17
CA ASP A 10 12.17 -11.00 7.04
C ASP A 10 12.98 -11.39 5.80
N ASP A 11 12.53 -10.98 4.64
CA ASP A 11 13.21 -11.34 3.40
C ASP A 11 13.01 -10.25 2.36
N ASP A 12 13.78 -10.32 1.27
CA ASP A 12 13.70 -9.33 0.21
C ASP A 12 12.59 -9.67 -0.79
N ASN A 13 12.02 -10.87 -0.66
CA ASN A 13 10.92 -11.29 -1.52
C ASN A 13 9.58 -10.77 -1.00
N GLY A 14 9.62 -9.78 -0.13
CA GLY A 14 8.41 -9.22 0.41
C GLY A 14 7.79 -8.20 -0.52
N ALA A 15 6.89 -8.67 -1.35
CA ALA A 15 6.18 -7.80 -2.28
C ALA A 15 5.19 -6.91 -1.54
N PHE A 16 4.79 -5.83 -2.18
CA PHE A 16 3.95 -4.83 -1.55
C PHE A 16 2.69 -4.61 -2.38
N PHE A 17 1.58 -4.35 -1.69
CA PHE A 17 0.29 -4.12 -2.36
C PHE A 17 -0.21 -2.72 -2.04
N VAL A 18 -1.09 -2.21 -2.88
CA VAL A 18 -1.70 -0.91 -2.63
C VAL A 18 -3.02 -1.13 -1.90
N LEU A 19 -2.98 -0.99 -0.58
CA LEU A 19 -4.12 -1.31 0.24
C LEU A 19 -4.71 -0.04 0.85
N VAL A 20 -5.99 -0.11 1.18
CA VAL A 20 -6.66 0.96 1.89
C VAL A 20 -7.45 0.38 3.04
N ASN A 21 -7.29 0.97 4.22
CA ASN A 21 -8.08 0.58 5.37
C ASN A 21 -8.95 1.76 5.78
N ASP A 22 -10.13 1.47 6.32
CA ASP A 22 -11.16 2.49 6.56
C ASP A 22 -10.75 3.50 7.63
N GLU A 23 -9.79 3.14 8.48
CA GLU A 23 -9.41 4.00 9.58
C GLU A 23 -8.12 4.76 9.28
N ASP A 24 -7.73 4.77 8.02
CA ASP A 24 -6.59 5.55 7.56
C ASP A 24 -6.92 6.12 6.19
N GLN A 25 -5.91 6.56 5.45
CA GLN A 25 -6.13 7.09 4.11
C GLN A 25 -5.73 6.05 3.07
N HIS A 26 -4.51 5.53 3.22
CA HIS A 26 -3.96 4.52 2.32
C HIS A 26 -2.89 3.74 3.06
N SER A 27 -2.52 2.58 2.54
CA SER A 27 -1.51 1.77 3.19
C SER A 27 -0.70 0.98 2.17
N LEU A 28 0.62 1.07 2.25
CA LEU A 28 1.49 0.18 1.50
C LEU A 28 1.70 -1.09 2.30
N TRP A 29 0.95 -2.12 1.95
CA TRP A 29 0.89 -3.32 2.76
C TRP A 29 1.63 -4.47 2.09
N PRO A 30 2.60 -5.07 2.80
CA PRO A 30 3.36 -6.20 2.28
C PRO A 30 2.51 -7.45 2.13
N VAL A 31 2.64 -8.13 0.99
CA VAL A 31 1.84 -9.31 0.68
C VAL A 31 2.21 -10.47 1.61
N PHE A 32 3.37 -10.36 2.26
CA PHE A 32 3.81 -11.37 3.21
C PHE A 32 3.00 -11.28 4.51
N ALA A 33 2.30 -10.18 4.68
CA ALA A 33 1.51 -9.95 5.88
C ALA A 33 0.04 -10.18 5.59
N ASP A 34 -0.66 -10.78 6.54
CA ASP A 34 -2.09 -11.03 6.42
C ASP A 34 -2.88 -9.73 6.44
N ILE A 35 -3.83 -9.61 5.52
CA ILE A 35 -4.66 -8.42 5.41
C ILE A 35 -5.78 -8.46 6.46
N PRO A 36 -5.81 -7.47 7.37
CA PRO A 36 -6.71 -7.47 8.53
C PRO A 36 -8.20 -7.34 8.19
N ALA A 37 -8.77 -6.14 8.31
CA ALA A 37 -10.20 -5.94 8.10
C ALA A 37 -10.51 -4.54 7.59
N GLY A 38 -11.67 -4.36 6.98
CA GLY A 38 -12.04 -3.07 6.44
C GLY A 38 -11.14 -2.67 5.30
N TRP A 39 -10.65 -3.67 4.59
CA TRP A 39 -9.61 -3.46 3.60
C TRP A 39 -10.17 -3.32 2.19
N ARG A 40 -9.58 -2.39 1.45
CA ARG A 40 -9.88 -2.19 0.04
C ARG A 40 -8.59 -2.27 -0.76
N VAL A 41 -8.48 -3.29 -1.61
CA VAL A 41 -7.28 -3.43 -2.44
C VAL A 41 -7.42 -2.57 -3.69
N VAL A 42 -6.58 -1.55 -3.78
CA VAL A 42 -6.58 -0.66 -4.94
C VAL A 42 -5.81 -1.30 -6.08
N HIS A 43 -4.70 -1.94 -5.73
CA HIS A 43 -3.86 -2.63 -6.70
C HIS A 43 -3.02 -3.69 -6.00
N GLY A 44 -2.59 -4.70 -6.74
CA GLY A 44 -1.74 -5.72 -6.17
C GLY A 44 -0.32 -5.26 -6.03
N GLU A 45 0.64 -6.14 -6.33
CA GLU A 45 2.04 -5.75 -6.28
C GLU A 45 2.40 -4.97 -7.52
N ALA A 46 2.39 -3.66 -7.37
CA ALA A 46 2.75 -2.73 -8.43
C ALA A 46 4.05 -2.04 -8.07
N SER A 47 4.67 -1.36 -9.04
CA SER A 47 5.95 -0.72 -8.83
C SER A 47 6.00 0.07 -7.51
N ARG A 48 7.02 -0.19 -6.70
CA ARG A 48 7.19 0.41 -5.38
C ARG A 48 7.09 1.94 -5.43
N ALA A 49 7.88 2.54 -6.31
CA ALA A 49 7.90 3.99 -6.45
C ALA A 49 6.51 4.52 -6.82
N ALA A 50 5.86 3.85 -7.77
CA ALA A 50 4.53 4.24 -8.21
C ALA A 50 3.52 4.16 -7.08
N CYS A 51 3.63 3.12 -6.26
CA CYS A 51 2.73 2.95 -5.12
C CYS A 51 2.90 4.10 -4.12
N LEU A 52 4.15 4.39 -3.76
CA LEU A 52 4.43 5.51 -2.87
C LEU A 52 3.96 6.82 -3.49
N ASP A 53 4.29 7.03 -4.76
CA ASP A 53 3.87 8.24 -5.48
C ASP A 53 2.35 8.39 -5.43
N TYR A 54 1.66 7.27 -5.63
CA TYR A 54 0.20 7.24 -5.62
C TYR A 54 -0.36 7.67 -4.25
N VAL A 55 0.13 7.05 -3.20
CA VAL A 55 -0.38 7.32 -1.86
C VAL A 55 0.04 8.70 -1.35
N GLU A 56 1.24 9.13 -1.73
CA GLU A 56 1.75 10.43 -1.30
C GLU A 56 1.03 11.56 -2.02
N LYS A 57 0.63 11.33 -3.27
CA LYS A 57 -0.20 12.28 -4.00
C LYS A 57 -1.54 12.44 -3.30
N ASN A 58 -1.97 11.39 -2.59
CA ASN A 58 -3.22 11.41 -1.84
C ASN A 58 -2.97 11.88 -0.41
N TRP A 59 -1.79 12.47 -0.18
CA TRP A 59 -1.42 13.06 1.10
C TRP A 59 -1.39 12.01 2.21
N THR A 60 -1.10 10.78 1.85
CA THR A 60 -1.05 9.70 2.83
C THR A 60 0.37 9.50 3.35
N ASP A 61 0.68 10.13 4.47
CA ASP A 61 2.00 10.03 5.11
C ASP A 61 3.11 10.35 4.11
N LEU A 62 2.90 11.41 3.33
CA LEU A 62 3.86 11.81 2.31
C LEU A 62 5.18 12.23 2.95
N ARG A 63 6.28 11.71 2.39
CA ARG A 63 7.59 11.95 2.95
C ARG A 63 8.49 12.62 1.92
N PRO A 64 8.89 13.88 2.20
CA PRO A 64 9.81 14.60 1.33
C PRO A 64 11.22 13.99 1.36
N LYS A 65 11.42 12.99 0.52
CA LYS A 65 12.70 12.30 0.42
C LYS A 65 13.54 12.89 -0.71
N SER A 66 12.94 13.80 -1.45
CA SER A 66 13.62 14.48 -2.53
C SER A 66 12.79 15.69 -2.95
N LEU A 67 13.44 16.67 -3.57
CA LEU A 67 12.75 17.86 -4.06
C LEU A 67 12.78 17.85 -5.58
N ARG A 68 13.93 17.52 -6.14
CA ARG A 68 14.09 17.47 -7.58
C ARG A 68 14.63 16.11 -8.01
N ASP A 69 13.74 15.21 -8.37
CA ASP A 69 14.13 13.88 -8.85
C ASP A 69 13.86 13.80 -10.34
N ALA A 70 14.69 13.05 -11.05
CA ALA A 70 14.63 13.01 -12.50
C ALA A 70 13.51 12.11 -13.00
N MET A 71 12.35 12.69 -13.23
CA MET A 71 11.28 12.00 -13.93
C MET A 71 11.18 12.54 -15.35
N VAL A 72 12.24 12.29 -16.11
CA VAL A 72 12.38 12.85 -17.44
C VAL A 72 11.85 11.87 -18.50
N GLU A 73 11.50 10.67 -18.03
CA GLU A 73 10.89 9.64 -18.87
C GLU A 73 11.86 9.12 -19.92
N ASP A 74 13.15 9.31 -19.66
CA ASP A 74 14.24 8.83 -20.53
C ASP A 74 14.18 9.45 -21.93
N GLY A 1 2.39 -1.78 -21.96
CA GLY A 1 2.65 -2.89 -22.90
C GLY A 1 3.93 -3.62 -22.58
N SER A 2 3.82 -4.87 -22.19
CA SER A 2 4.99 -5.69 -21.90
C SER A 2 5.11 -6.79 -22.93
N HIS A 3 6.33 -7.30 -23.10
CA HIS A 3 6.58 -8.37 -24.06
C HIS A 3 7.78 -9.19 -23.61
N MET A 4 7.75 -9.59 -22.33
CA MET A 4 8.85 -10.28 -21.67
C MET A 4 10.21 -9.66 -22.02
N SER A 5 10.25 -8.35 -21.96
CA SER A 5 11.47 -7.60 -22.19
C SER A 5 12.29 -7.50 -20.90
N THR A 6 11.57 -7.48 -19.79
CA THR A 6 12.20 -7.44 -18.48
C THR A 6 12.82 -8.80 -18.16
N ASN A 7 14.12 -8.83 -17.91
CA ASN A 7 14.80 -10.06 -17.55
C ASN A 7 14.25 -10.59 -16.23
N PRO A 8 13.89 -11.88 -16.20
CA PRO A 8 13.23 -12.51 -15.05
C PRO A 8 14.20 -12.87 -13.91
N PHE A 9 15.26 -12.11 -13.79
CA PHE A 9 16.25 -12.34 -12.75
C PHE A 9 15.93 -11.49 -11.51
N ASP A 10 15.00 -11.98 -10.70
CA ASP A 10 14.66 -11.32 -9.45
C ASP A 10 15.41 -12.00 -8.32
N ASP A 11 15.58 -11.30 -7.22
CA ASP A 11 16.28 -11.84 -6.06
C ASP A 11 15.51 -11.52 -4.79
N ASP A 12 14.96 -10.32 -4.72
CA ASP A 12 14.16 -9.91 -3.57
C ASP A 12 12.79 -10.56 -3.62
N ASN A 13 12.53 -11.47 -2.69
CA ASN A 13 11.27 -12.20 -2.66
C ASN A 13 10.24 -11.46 -1.83
N GLY A 14 9.04 -11.34 -2.36
CA GLY A 14 7.98 -10.69 -1.63
C GLY A 14 7.38 -9.54 -2.40
N ALA A 15 6.07 -9.56 -2.55
CA ALA A 15 5.36 -8.49 -3.23
C ALA A 15 4.56 -7.67 -2.23
N PHE A 16 4.18 -6.47 -2.63
CA PHE A 16 3.42 -5.57 -1.76
C PHE A 16 2.17 -5.08 -2.48
N PHE A 17 1.10 -4.88 -1.71
CA PHE A 17 -0.15 -4.37 -2.25
C PHE A 17 -0.46 -3.01 -1.66
N VAL A 18 -1.39 -2.30 -2.28
CA VAL A 18 -1.86 -1.04 -1.76
C VAL A 18 -3.10 -1.27 -0.91
N LEU A 19 -2.92 -1.30 0.39
CA LEU A 19 -4.00 -1.59 1.32
C LEU A 19 -4.37 -0.32 2.08
N VAL A 20 -5.66 0.02 2.07
CA VAL A 20 -6.10 1.23 2.74
C VAL A 20 -7.21 0.92 3.74
N ASN A 21 -7.06 1.46 4.94
CA ASN A 21 -8.04 1.28 6.01
C ASN A 21 -9.03 2.43 5.97
N ASP A 22 -10.21 2.26 6.58
CA ASP A 22 -11.23 3.31 6.62
C ASP A 22 -10.74 4.53 7.39
N GLU A 23 -9.72 4.31 8.22
CA GLU A 23 -9.15 5.38 9.03
C GLU A 23 -7.84 5.88 8.42
N ASP A 24 -7.47 5.30 7.28
CA ASP A 24 -6.16 5.54 6.68
C ASP A 24 -6.30 6.16 5.30
N GLN A 25 -5.20 6.68 4.78
CA GLN A 25 -5.18 7.30 3.47
C GLN A 25 -4.36 6.49 2.49
N HIS A 26 -3.29 5.86 2.98
CA HIS A 26 -2.42 5.07 2.13
C HIS A 26 -1.47 4.20 2.94
N SER A 27 -1.45 2.91 2.63
CA SER A 27 -0.52 1.98 3.26
C SER A 27 -0.07 0.90 2.28
N LEU A 28 1.21 0.60 2.28
CA LEU A 28 1.75 -0.47 1.46
C LEU A 28 1.96 -1.72 2.31
N TRP A 29 1.20 -2.76 2.00
CA TRP A 29 1.18 -3.96 2.82
C TRP A 29 1.67 -5.15 2.01
N PRO A 30 2.73 -5.82 2.49
CA PRO A 30 3.29 -6.99 1.81
C PRO A 30 2.33 -8.17 1.76
N VAL A 31 2.36 -8.91 0.66
CA VAL A 31 1.47 -10.06 0.48
C VAL A 31 1.91 -11.23 1.34
N PHE A 32 3.01 -11.05 2.05
CA PHE A 32 3.54 -12.08 2.93
C PHE A 32 3.06 -11.82 4.36
N ALA A 33 2.21 -10.81 4.50
CA ALA A 33 1.70 -10.43 5.81
C ALA A 33 0.21 -10.74 5.93
N ASP A 34 -0.28 -10.74 7.17
CA ASP A 34 -1.68 -11.06 7.44
C ASP A 34 -2.59 -9.91 7.08
N ILE A 35 -3.75 -10.21 6.51
CA ILE A 35 -4.73 -9.21 6.17
C ILE A 35 -6.01 -9.45 6.97
N PRO A 36 -6.39 -8.48 7.84
CA PRO A 36 -7.50 -8.64 8.77
C PRO A 36 -8.88 -8.28 8.18
N ALA A 37 -9.41 -7.12 8.55
CA ALA A 37 -10.72 -6.67 8.10
C ALA A 37 -10.74 -5.15 8.01
N GLY A 38 -11.75 -4.60 7.33
CA GLY A 38 -11.84 -3.16 7.20
C GLY A 38 -10.81 -2.60 6.23
N TRP A 39 -10.45 -3.42 5.25
CA TRP A 39 -9.39 -3.09 4.32
C TRP A 39 -9.90 -3.02 2.89
N ARG A 40 -9.20 -2.27 2.06
CA ARG A 40 -9.46 -2.24 0.64
C ARG A 40 -8.15 -2.27 -0.14
N VAL A 41 -8.06 -3.16 -1.11
CA VAL A 41 -6.90 -3.23 -1.99
C VAL A 41 -7.13 -2.32 -3.19
N VAL A 42 -6.45 -1.19 -3.19
CA VAL A 42 -6.63 -0.20 -4.24
C VAL A 42 -5.91 -0.62 -5.51
N HIS A 43 -4.75 -1.25 -5.33
CA HIS A 43 -3.94 -1.67 -6.46
C HIS A 43 -3.07 -2.85 -6.04
N GLY A 44 -2.74 -3.71 -6.99
CA GLY A 44 -1.88 -4.83 -6.73
C GLY A 44 -0.42 -4.44 -6.68
N GLU A 45 0.45 -5.39 -7.03
CA GLU A 45 1.88 -5.20 -6.89
C GLU A 45 2.46 -4.42 -8.05
N ALA A 46 2.63 -3.15 -7.80
CA ALA A 46 3.34 -2.25 -8.68
C ALA A 46 4.50 -1.63 -7.91
N SER A 47 5.44 -1.01 -8.63
CA SER A 47 6.65 -0.43 -7.99
C SER A 47 6.29 0.32 -6.70
N ARG A 48 7.01 0.01 -5.63
CA ARG A 48 6.76 0.58 -4.30
C ARG A 48 6.67 2.11 -4.37
N ALA A 49 7.65 2.74 -5.01
CA ALA A 49 7.68 4.19 -5.12
C ALA A 49 6.50 4.70 -5.95
N ALA A 50 6.14 3.94 -6.98
CA ALA A 50 5.03 4.31 -7.84
C ALA A 50 3.71 4.21 -7.09
N CYS A 51 3.60 3.22 -6.22
CA CYS A 51 2.41 3.07 -5.40
C CYS A 51 2.29 4.23 -4.41
N LEU A 52 3.40 4.57 -3.76
CA LEU A 52 3.43 5.71 -2.84
C LEU A 52 3.06 6.99 -3.57
N ASP A 53 3.70 7.22 -4.70
CA ASP A 53 3.43 8.42 -5.51
C ASP A 53 1.96 8.47 -5.91
N TYR A 54 1.46 7.32 -6.36
CA TYR A 54 0.07 7.19 -6.79
C TYR A 54 -0.90 7.60 -5.68
N VAL A 55 -0.71 7.03 -4.49
CA VAL A 55 -1.64 7.26 -3.39
C VAL A 55 -1.50 8.67 -2.80
N GLU A 56 -0.28 9.20 -2.79
CA GLU A 56 -0.07 10.55 -2.26
C GLU A 56 -0.62 11.60 -3.22
N LYS A 57 -0.62 11.27 -4.51
CA LYS A 57 -1.21 12.14 -5.52
C LYS A 57 -2.74 12.09 -5.47
N ASN A 58 -3.28 11.08 -4.80
CA ASN A 58 -4.71 11.03 -4.54
C ASN A 58 -5.06 12.10 -3.50
N TRP A 59 -4.24 12.16 -2.45
CA TRP A 59 -4.29 13.23 -1.47
C TRP A 59 -5.68 13.33 -0.80
N THR A 60 -6.38 12.22 -0.76
CA THR A 60 -7.70 12.18 -0.17
C THR A 60 -7.77 11.13 0.93
N ASP A 61 -8.57 11.39 1.96
CA ASP A 61 -8.84 10.41 3.00
C ASP A 61 -9.63 9.26 2.38
N LEU A 62 -8.91 8.21 2.00
CA LEU A 62 -9.48 7.18 1.16
C LEU A 62 -10.30 6.17 1.96
N ARG A 63 -11.60 6.33 1.88
CA ARG A 63 -12.52 5.44 2.55
C ARG A 63 -13.38 4.73 1.51
N PRO A 64 -13.66 3.43 1.71
CA PRO A 64 -14.43 2.63 0.76
C PRO A 64 -15.86 3.14 0.57
N LYS A 65 -16.25 3.30 -0.69
CA LYS A 65 -17.62 3.69 -1.02
C LYS A 65 -18.49 2.46 -1.13
N SER A 66 -19.77 2.61 -0.79
CA SER A 66 -20.71 1.50 -0.85
C SER A 66 -21.17 1.27 -2.29
N LEU A 67 -20.52 0.32 -2.96
CA LEU A 67 -20.86 -0.02 -4.33
C LEU A 67 -20.81 -1.53 -4.52
N ARG A 68 -21.50 -2.01 -5.54
CA ARG A 68 -21.51 -3.44 -5.85
C ARG A 68 -21.20 -3.65 -7.32
N ASP A 69 -20.16 -4.41 -7.61
CA ASP A 69 -19.77 -4.69 -8.98
C ASP A 69 -20.32 -6.03 -9.45
N ALA A 70 -20.73 -6.08 -10.70
CA ALA A 70 -21.26 -7.30 -11.28
C ALA A 70 -20.15 -8.06 -12.00
N MET A 71 -19.46 -8.90 -11.25
CA MET A 71 -18.38 -9.71 -11.81
C MET A 71 -18.96 -11.02 -12.30
N VAL A 72 -19.26 -11.07 -13.59
CA VAL A 72 -19.92 -12.23 -14.17
C VAL A 72 -19.00 -12.92 -15.19
N GLU A 73 -19.00 -14.24 -15.18
CA GLU A 73 -18.14 -15.02 -16.03
C GLU A 73 -18.92 -15.62 -17.19
N ASP A 74 -18.21 -15.86 -18.30
CA ASP A 74 -18.79 -16.44 -19.50
C ASP A 74 -17.67 -16.63 -20.52
N GLY A 1 -3.88 -26.72 18.26
CA GLY A 1 -2.98 -27.34 19.27
C GLY A 1 -1.87 -26.41 19.67
N SER A 2 -1.29 -26.65 20.84
CA SER A 2 -0.24 -25.81 21.38
C SER A 2 1.06 -25.96 20.58
N HIS A 3 1.36 -24.96 19.76
CA HIS A 3 2.61 -24.94 19.01
C HIS A 3 3.28 -23.59 19.20
N MET A 4 4.57 -23.61 19.52
CA MET A 4 5.28 -22.39 19.89
C MET A 4 6.08 -21.82 18.73
N SER A 5 5.50 -20.85 18.06
CA SER A 5 6.21 -20.08 17.05
C SER A 5 6.94 -18.93 17.74
N THR A 6 8.22 -19.11 17.98
CA THR A 6 9.01 -18.17 18.77
C THR A 6 9.44 -16.96 17.94
N ASN A 7 9.04 -16.93 16.67
CA ASN A 7 9.42 -15.83 15.79
C ASN A 7 8.24 -14.89 15.56
N PRO A 8 8.21 -13.75 16.28
CA PRO A 8 7.20 -12.72 16.08
C PRO A 8 7.58 -11.76 14.96
N PHE A 9 8.89 -11.61 14.75
CA PHE A 9 9.40 -10.74 13.72
C PHE A 9 9.97 -11.56 12.56
N ASP A 10 9.16 -11.77 11.54
CA ASP A 10 9.65 -12.41 10.32
C ASP A 10 10.23 -11.33 9.41
N ASP A 11 11.54 -11.40 9.19
CA ASP A 11 12.23 -10.42 8.34
C ASP A 11 11.66 -10.50 6.92
N ASP A 12 10.87 -9.50 6.55
CA ASP A 12 10.11 -9.56 5.30
C ASP A 12 10.85 -8.90 4.14
N ASN A 13 10.95 -9.64 3.05
CA ASN A 13 11.46 -9.11 1.79
C ASN A 13 10.69 -9.77 0.66
N GLY A 14 9.65 -9.08 0.17
CA GLY A 14 8.86 -9.61 -0.90
C GLY A 14 8.02 -8.54 -1.57
N ALA A 15 6.87 -8.94 -2.09
CA ALA A 15 5.98 -8.00 -2.76
C ALA A 15 5.15 -7.21 -1.77
N PHE A 16 4.40 -6.25 -2.29
CA PHE A 16 3.62 -5.33 -1.47
C PHE A 16 2.33 -4.95 -2.19
N PHE A 17 1.27 -4.76 -1.44
CA PHE A 17 -0.02 -4.39 -2.01
C PHE A 17 -0.41 -2.98 -1.60
N VAL A 18 -1.28 -2.37 -2.38
CA VAL A 18 -1.81 -1.07 -2.01
C VAL A 18 -3.06 -1.27 -1.17
N LEU A 19 -2.91 -1.19 0.14
CA LEU A 19 -3.99 -1.47 1.06
C LEU A 19 -4.48 -0.19 1.72
N VAL A 20 -5.79 -0.05 1.82
CA VAL A 20 -6.40 1.08 2.48
C VAL A 20 -7.47 0.58 3.43
N ASN A 21 -7.66 1.26 4.55
CA ASN A 21 -8.67 0.88 5.51
C ASN A 21 -9.71 1.99 5.62
N ASP A 22 -10.60 1.91 6.59
CA ASP A 22 -11.63 2.93 6.74
C ASP A 22 -11.06 4.19 7.40
N GLU A 23 -10.27 4.01 8.46
CA GLU A 23 -9.70 5.15 9.16
C GLU A 23 -8.23 5.36 8.78
N ASP A 24 -7.69 4.42 8.01
CA ASP A 24 -6.34 4.56 7.49
C ASP A 24 -6.42 4.72 5.98
N GLN A 25 -5.81 5.76 5.46
CA GLN A 25 -6.00 6.13 4.06
C GLN A 25 -4.82 5.73 3.18
N HIS A 26 -3.83 5.06 3.75
CA HIS A 26 -2.72 4.55 2.95
C HIS A 26 -1.90 3.53 3.73
N SER A 27 -1.69 2.36 3.13
CA SER A 27 -0.89 1.33 3.75
C SER A 27 -0.21 0.48 2.69
N LEU A 28 1.09 0.65 2.52
CA LEU A 28 1.86 -0.24 1.68
C LEU A 28 2.14 -1.51 2.46
N TRP A 29 1.34 -2.52 2.20
CA TRP A 29 1.33 -3.74 3.01
C TRP A 29 1.97 -4.88 2.25
N PRO A 30 3.08 -5.42 2.78
CA PRO A 30 3.79 -6.53 2.16
C PRO A 30 2.97 -7.81 2.12
N VAL A 31 3.24 -8.63 1.11
CA VAL A 31 2.54 -9.91 0.97
C VAL A 31 3.10 -10.93 1.96
N PHE A 32 2.70 -12.20 1.78
CA PHE A 32 3.12 -13.30 2.65
C PHE A 32 2.42 -13.23 4.02
N ALA A 33 2.44 -12.05 4.63
CA ALA A 33 1.78 -11.85 5.93
C ALA A 33 0.26 -11.86 5.78
N ASP A 34 -0.43 -12.21 6.85
CA ASP A 34 -1.89 -12.30 6.84
C ASP A 34 -2.53 -10.92 7.00
N ILE A 35 -3.63 -10.71 6.30
CA ILE A 35 -4.32 -9.42 6.30
C ILE A 35 -5.50 -9.45 7.28
N PRO A 36 -5.74 -8.34 8.01
CA PRO A 36 -6.89 -8.21 8.93
C PRO A 36 -8.25 -8.29 8.21
N ALA A 37 -9.29 -7.78 8.85
CA ALA A 37 -10.63 -7.84 8.28
C ALA A 37 -11.21 -6.46 8.05
N GLY A 38 -12.04 -6.33 7.01
CA GLY A 38 -12.68 -5.06 6.72
C GLY A 38 -11.78 -4.13 5.92
N TRP A 39 -10.91 -4.72 5.12
CA TRP A 39 -9.91 -3.97 4.36
C TRP A 39 -10.44 -3.49 3.02
N ARG A 40 -9.61 -2.70 2.34
CA ARG A 40 -9.89 -2.26 0.98
C ARG A 40 -8.60 -2.30 0.16
N VAL A 41 -8.56 -3.17 -0.84
CA VAL A 41 -7.38 -3.29 -1.70
C VAL A 41 -7.55 -2.42 -2.94
N VAL A 42 -6.64 -1.48 -3.13
CA VAL A 42 -6.70 -0.59 -4.27
C VAL A 42 -6.08 -1.23 -5.49
N HIS A 43 -4.97 -1.93 -5.29
CA HIS A 43 -4.26 -2.58 -6.38
C HIS A 43 -3.23 -3.56 -5.83
N GLY A 44 -2.87 -4.56 -6.62
CA GLY A 44 -1.88 -5.54 -6.22
C GLY A 44 -0.47 -4.97 -6.21
N GLU A 45 0.51 -5.83 -6.46
CA GLU A 45 1.89 -5.42 -6.32
C GLU A 45 2.36 -4.69 -7.57
N ALA A 46 2.33 -3.39 -7.48
CA ALA A 46 2.89 -2.50 -8.49
C ALA A 46 4.12 -1.84 -7.93
N SER A 47 4.92 -1.21 -8.80
CA SER A 47 6.19 -0.60 -8.38
C SER A 47 6.02 0.19 -7.07
N ARG A 48 6.89 -0.10 -6.11
CA ARG A 48 6.82 0.50 -4.77
C ARG A 48 6.77 2.03 -4.85
N ALA A 49 7.66 2.60 -5.67
CA ALA A 49 7.71 4.04 -5.88
C ALA A 49 6.42 4.54 -6.50
N ALA A 50 5.86 3.77 -7.42
CA ALA A 50 4.63 4.16 -8.11
C ALA A 50 3.44 4.10 -7.16
N CYS A 51 3.49 3.19 -6.19
CA CYS A 51 2.45 3.09 -5.18
C CYS A 51 2.50 4.31 -4.26
N LEU A 52 3.69 4.63 -3.78
CA LEU A 52 3.88 5.85 -3.00
C LEU A 52 3.45 7.08 -3.81
N ASP A 53 3.85 7.10 -5.08
CA ASP A 53 3.45 8.16 -6.00
C ASP A 53 1.94 8.29 -6.05
N TYR A 54 1.29 7.14 -6.14
CA TYR A 54 -0.15 7.08 -6.25
C TYR A 54 -0.83 7.67 -5.02
N VAL A 55 -0.42 7.22 -3.83
CA VAL A 55 -1.07 7.64 -2.60
C VAL A 55 -0.71 9.09 -2.23
N GLU A 56 0.51 9.50 -2.52
CA GLU A 56 0.96 10.86 -2.22
C GLU A 56 0.31 11.87 -3.14
N LYS A 57 0.18 11.53 -4.41
CA LYS A 57 -0.46 12.42 -5.37
C LYS A 57 -1.97 12.44 -5.20
N ASN A 58 -2.51 11.47 -4.46
CA ASN A 58 -3.91 11.49 -4.06
C ASN A 58 -4.14 12.60 -3.04
N TRP A 59 -3.03 13.12 -2.48
CA TRP A 59 -3.05 14.24 -1.53
C TRP A 59 -3.63 13.78 -0.19
N THR A 60 -3.85 12.49 -0.04
CA THR A 60 -4.46 11.96 1.16
C THR A 60 -3.40 11.59 2.20
N ASP A 61 -2.89 12.62 2.87
CA ASP A 61 -1.89 12.44 3.91
C ASP A 61 -1.77 13.73 4.71
N LEU A 62 -1.09 13.67 5.85
CA LEU A 62 -0.86 14.84 6.67
C LEU A 62 0.07 15.81 5.96
N ARG A 63 1.10 15.26 5.31
CA ARG A 63 2.06 16.07 4.57
C ARG A 63 2.23 15.56 3.14
N PRO A 64 1.36 16.02 2.23
CA PRO A 64 1.45 15.65 0.81
C PRO A 64 2.74 16.18 0.18
N LYS A 65 3.54 15.29 -0.34
CA LYS A 65 4.85 15.65 -0.88
C LYS A 65 5.08 15.00 -2.24
N SER A 66 5.96 15.61 -3.03
CA SER A 66 6.36 15.06 -4.32
C SER A 66 7.60 15.79 -4.79
N LEU A 67 8.76 15.15 -4.63
CA LEU A 67 10.04 15.78 -4.89
C LEU A 67 10.73 15.18 -6.11
N ARG A 68 10.01 14.39 -6.89
CA ARG A 68 10.59 13.76 -8.05
C ARG A 68 9.52 13.49 -9.11
N ASP A 69 9.77 13.96 -10.32
CA ASP A 69 8.87 13.70 -11.43
C ASP A 69 9.65 13.14 -12.62
N ALA A 70 9.89 11.84 -12.59
CA ALA A 70 10.68 11.18 -13.61
C ALA A 70 9.80 10.28 -14.47
N MET A 71 9.71 10.60 -15.75
CA MET A 71 8.95 9.79 -16.68
C MET A 71 9.80 8.63 -17.20
N VAL A 72 9.72 7.51 -16.51
CA VAL A 72 10.44 6.31 -16.91
C VAL A 72 9.50 5.39 -17.69
N GLU A 73 9.87 5.09 -18.92
CA GLU A 73 9.03 4.28 -19.79
C GLU A 73 9.52 2.84 -19.82
N ASP A 74 8.72 1.97 -20.41
CA ASP A 74 9.07 0.56 -20.54
C ASP A 74 8.59 0.04 -21.88
N GLY A 1 -5.38 12.21 20.71
CA GLY A 1 -4.95 10.80 20.69
C GLY A 1 -4.28 10.42 19.38
N SER A 2 -3.58 9.30 19.38
CA SER A 2 -2.91 8.83 18.19
C SER A 2 -2.84 7.31 18.19
N HIS A 3 -3.58 6.67 17.28
CA HIS A 3 -3.50 5.23 17.10
C HIS A 3 -2.11 4.85 16.59
N MET A 4 -1.27 4.37 17.50
CA MET A 4 0.10 4.04 17.15
C MET A 4 0.16 2.76 16.32
N SER A 5 0.13 2.93 15.01
CA SER A 5 0.24 1.80 14.10
C SER A 5 1.64 1.22 14.14
N THR A 6 1.76 -0.09 14.01
CA THR A 6 3.04 -0.75 14.10
C THR A 6 3.69 -0.88 12.72
N ASN A 7 4.95 -0.50 12.62
CA ASN A 7 5.69 -0.59 11.37
C ASN A 7 6.91 -1.49 11.53
N PRO A 8 6.80 -2.74 11.09
CA PRO A 8 7.91 -3.70 11.14
C PRO A 8 8.84 -3.56 9.94
N PHE A 9 8.27 -3.62 8.75
CA PHE A 9 9.05 -3.64 7.52
C PHE A 9 9.34 -2.22 7.03
N ASP A 10 10.63 -1.90 6.89
CA ASP A 10 11.07 -0.65 6.31
C ASP A 10 11.60 -0.91 4.90
N ASP A 11 11.78 -2.18 4.59
CA ASP A 11 12.31 -2.60 3.30
C ASP A 11 11.39 -3.64 2.67
N ASP A 12 11.09 -3.46 1.39
CA ASP A 12 10.18 -4.36 0.68
C ASP A 12 10.83 -5.73 0.48
N ASN A 13 10.53 -6.66 1.38
CA ASN A 13 11.16 -7.98 1.35
C ASN A 13 10.45 -8.90 0.35
N GLY A 14 9.17 -8.66 0.13
CA GLY A 14 8.40 -9.50 -0.77
C GLY A 14 7.49 -8.68 -1.65
N ALA A 15 6.35 -9.25 -2.02
CA ALA A 15 5.37 -8.54 -2.84
C ALA A 15 4.52 -7.65 -1.95
N PHE A 16 4.23 -6.46 -2.44
CA PHE A 16 3.47 -5.47 -1.68
C PHE A 16 2.22 -5.05 -2.44
N PHE A 17 1.17 -4.77 -1.71
CA PHE A 17 -0.08 -4.32 -2.30
C PHE A 17 -0.41 -2.93 -1.78
N VAL A 18 -1.21 -2.21 -2.54
CA VAL A 18 -1.70 -0.92 -2.09
C VAL A 18 -3.03 -1.14 -1.38
N LEU A 19 -2.95 -1.21 -0.07
CA LEU A 19 -4.11 -1.48 0.76
C LEU A 19 -4.57 -0.19 1.41
N VAL A 20 -5.84 -0.11 1.74
CA VAL A 20 -6.32 1.00 2.52
C VAL A 20 -7.39 0.55 3.49
N ASN A 21 -7.24 0.94 4.74
CA ASN A 21 -8.27 0.69 5.73
C ASN A 21 -9.29 1.81 5.65
N ASP A 22 -10.54 1.51 5.98
CA ASP A 22 -11.60 2.51 5.87
C ASP A 22 -11.32 3.69 6.78
N GLU A 23 -10.57 3.45 7.84
CA GLU A 23 -10.24 4.49 8.81
C GLU A 23 -8.85 5.10 8.54
N ASP A 24 -8.24 4.71 7.43
CA ASP A 24 -6.87 5.15 7.14
C ASP A 24 -6.85 5.99 5.85
N GLN A 25 -5.66 6.34 5.39
CA GLN A 25 -5.49 7.12 4.19
C GLN A 25 -4.87 6.27 3.07
N HIS A 26 -3.78 5.58 3.39
CA HIS A 26 -3.12 4.69 2.45
C HIS A 26 -2.12 3.79 3.16
N SER A 27 -2.22 2.49 2.93
CA SER A 27 -1.36 1.53 3.60
C SER A 27 -0.65 0.64 2.59
N LEU A 28 0.63 0.90 2.37
CA LEU A 28 1.45 0.03 1.53
C LEU A 28 1.76 -1.24 2.31
N TRP A 29 0.99 -2.28 2.03
CA TRP A 29 1.00 -3.48 2.84
C TRP A 29 1.52 -4.67 2.04
N PRO A 30 2.66 -5.24 2.45
CA PRO A 30 3.25 -6.41 1.82
C PRO A 30 2.46 -7.67 2.13
N VAL A 31 2.31 -8.55 1.13
CA VAL A 31 1.55 -9.78 1.30
C VAL A 31 2.30 -10.78 2.18
N PHE A 32 3.54 -10.44 2.51
CA PHE A 32 4.35 -11.24 3.40
C PHE A 32 3.75 -11.21 4.81
N ALA A 33 3.02 -10.15 5.10
CA ALA A 33 2.33 -10.01 6.36
C ALA A 33 0.86 -10.39 6.19
N ASP A 34 0.28 -10.93 7.24
CA ASP A 34 -1.11 -11.40 7.17
C ASP A 34 -2.09 -10.23 7.15
N ILE A 35 -3.05 -10.30 6.24
CA ILE A 35 -4.03 -9.23 6.07
C ILE A 35 -5.22 -9.42 7.02
N PRO A 36 -5.55 -8.37 7.79
CA PRO A 36 -6.72 -8.37 8.70
C PRO A 36 -8.05 -8.23 7.94
N ALA A 37 -9.05 -7.60 8.54
CA ALA A 37 -10.29 -7.29 7.84
C ALA A 37 -10.69 -5.84 8.09
N GLY A 38 -11.48 -5.27 7.18
CA GLY A 38 -11.88 -3.87 7.32
C GLY A 38 -11.11 -2.98 6.36
N TRP A 39 -10.73 -3.54 5.23
CA TRP A 39 -9.85 -2.88 4.28
C TRP A 39 -10.39 -2.90 2.86
N ARG A 40 -9.64 -2.31 1.95
CA ARG A 40 -9.91 -2.38 0.53
C ARG A 40 -8.59 -2.29 -0.24
N VAL A 41 -8.38 -3.21 -1.17
CA VAL A 41 -7.20 -3.16 -2.02
C VAL A 41 -7.47 -2.29 -3.24
N VAL A 42 -6.68 -1.23 -3.38
CA VAL A 42 -6.89 -0.29 -4.48
C VAL A 42 -5.84 -0.44 -5.58
N HIS A 43 -4.89 -1.36 -5.36
CA HIS A 43 -3.81 -1.58 -6.31
C HIS A 43 -3.03 -2.82 -5.91
N GLY A 44 -2.64 -3.62 -6.89
CA GLY A 44 -1.94 -4.87 -6.61
C GLY A 44 -0.44 -4.68 -6.51
N GLU A 45 0.30 -5.75 -6.80
CA GLU A 45 1.76 -5.72 -6.68
C GLU A 45 2.42 -5.13 -7.92
N ALA A 46 2.75 -3.86 -7.81
CA ALA A 46 3.53 -3.14 -8.80
C ALA A 46 4.54 -2.28 -8.08
N SER A 47 5.54 -1.76 -8.80
CA SER A 47 6.66 -1.03 -8.20
C SER A 47 6.21 -0.16 -7.01
N ARG A 48 6.88 -0.32 -5.88
CA ARG A 48 6.47 0.31 -4.63
C ARG A 48 6.57 1.83 -4.74
N ALA A 49 7.59 2.30 -5.44
CA ALA A 49 7.75 3.73 -5.69
C ALA A 49 6.55 4.29 -6.44
N ALA A 50 6.08 3.54 -7.44
CA ALA A 50 4.93 3.97 -8.23
C ALA A 50 3.64 3.88 -7.40
N CYS A 51 3.56 2.87 -6.54
CA CYS A 51 2.42 2.72 -5.65
C CYS A 51 2.35 3.88 -4.65
N LEU A 52 3.51 4.22 -4.08
CA LEU A 52 3.62 5.31 -3.15
C LEU A 52 3.24 6.62 -3.84
N ASP A 53 3.74 6.82 -5.04
CA ASP A 53 3.44 8.02 -5.80
C ASP A 53 1.94 8.10 -6.10
N TYR A 54 1.35 6.95 -6.43
CA TYR A 54 -0.08 6.87 -6.71
C TYR A 54 -0.90 7.30 -5.49
N VAL A 55 -0.61 6.74 -4.33
CA VAL A 55 -1.38 7.05 -3.13
C VAL A 55 -1.14 8.48 -2.68
N GLU A 56 0.07 8.96 -2.85
CA GLU A 56 0.44 10.31 -2.44
C GLU A 56 -0.17 11.37 -3.36
N LYS A 57 -0.37 11.02 -4.64
CA LYS A 57 -1.05 11.93 -5.56
C LYS A 57 -2.56 11.93 -5.30
N ASN A 58 -3.03 10.93 -4.56
CA ASN A 58 -4.43 10.85 -4.17
C ASN A 58 -4.62 11.44 -2.78
N TRP A 59 -3.61 12.17 -2.33
CA TRP A 59 -3.63 12.82 -1.03
C TRP A 59 -4.27 14.21 -1.17
N THR A 60 -4.01 15.08 -0.21
CA THR A 60 -4.62 16.42 -0.22
C THR A 60 -3.77 17.41 -1.01
N ASP A 61 -2.60 16.99 -1.46
CA ASP A 61 -1.71 17.88 -2.20
C ASP A 61 -1.84 17.61 -3.70
N LEU A 62 -2.56 18.49 -4.37
CA LEU A 62 -2.83 18.34 -5.81
C LEU A 62 -1.60 18.70 -6.63
N ARG A 63 -1.19 17.80 -7.50
CA ARG A 63 -0.02 18.03 -8.35
C ARG A 63 -0.34 17.69 -9.79
N PRO A 64 0.10 18.54 -10.73
CA PRO A 64 -0.06 18.29 -12.16
C PRO A 64 0.69 17.03 -12.59
N LYS A 65 0.05 16.20 -13.40
CA LYS A 65 0.67 14.97 -13.88
C LYS A 65 1.84 15.28 -14.80
N SER A 66 3.05 15.18 -14.26
CA SER A 66 4.25 15.48 -15.01
C SER A 66 4.95 14.19 -15.46
N LEU A 67 4.22 13.09 -15.38
CA LEU A 67 4.75 11.79 -15.77
C LEU A 67 4.10 11.30 -17.06
N ARG A 68 4.92 11.01 -18.05
CA ARG A 68 4.43 10.49 -19.32
C ARG A 68 4.62 8.98 -19.33
N ASP A 69 3.53 8.25 -19.17
CA ASP A 69 3.57 6.79 -19.21
C ASP A 69 2.14 6.24 -19.17
N ALA A 70 2.00 4.93 -19.25
CA ALA A 70 0.68 4.29 -19.26
C ALA A 70 0.77 2.81 -18.90
N MET A 71 1.96 2.34 -18.53
CA MET A 71 2.14 0.93 -18.21
C MET A 71 2.51 0.74 -16.75
N VAL A 72 1.54 0.35 -15.95
CA VAL A 72 1.74 0.07 -14.55
C VAL A 72 0.50 -0.64 -13.99
N GLU A 73 0.66 -1.93 -13.69
CA GLU A 73 -0.44 -2.80 -13.29
C GLU A 73 -1.39 -2.98 -14.47
N ASP A 74 -1.07 -3.96 -15.31
CA ASP A 74 -1.81 -4.19 -16.53
C ASP A 74 -3.00 -5.10 -16.27
N GLY A 1 0.53 -15.56 11.04
CA GLY A 1 0.67 -15.28 12.49
C GLY A 1 -0.51 -14.52 13.07
N SER A 2 -1.08 -13.62 12.27
CA SER A 2 -2.23 -12.79 12.69
C SER A 2 -1.83 -11.71 13.69
N HIS A 3 -0.74 -11.96 14.42
CA HIS A 3 -0.12 -10.95 15.25
C HIS A 3 1.17 -10.49 14.58
N MET A 4 1.06 -9.51 13.70
CA MET A 4 2.21 -9.05 12.93
C MET A 4 2.78 -7.78 13.53
N SER A 5 3.82 -7.94 14.33
CA SER A 5 4.54 -6.80 14.87
C SER A 5 5.34 -6.13 13.75
N THR A 6 4.81 -5.01 13.26
CA THR A 6 5.42 -4.29 12.15
C THR A 6 6.85 -3.85 12.47
N ASN A 7 7.74 -4.00 11.51
CA ASN A 7 9.13 -3.63 11.69
C ASN A 7 9.43 -2.35 10.90
N PRO A 8 9.45 -1.20 11.57
CA PRO A 8 9.82 0.07 10.97
C PRO A 8 11.28 0.43 11.23
N PHE A 9 11.99 -0.48 11.91
CA PHE A 9 13.38 -0.23 12.28
C PHE A 9 14.31 -0.78 11.20
N ASP A 10 14.27 -2.08 11.02
CA ASP A 10 15.09 -2.73 10.01
C ASP A 10 14.36 -2.74 8.68
N ASP A 11 15.05 -3.08 7.61
CA ASP A 11 14.47 -2.99 6.28
C ASP A 11 14.29 -4.38 5.67
N ASP A 12 13.09 -4.92 5.81
CA ASP A 12 12.73 -6.19 5.20
C ASP A 12 12.19 -5.94 3.79
N ASN A 13 12.30 -6.95 2.93
CA ASN A 13 11.81 -6.81 1.57
C ASN A 13 10.78 -7.89 1.25
N GLY A 14 10.03 -7.65 0.18
CA GLY A 14 9.03 -8.61 -0.25
C GLY A 14 7.97 -7.94 -1.10
N ALA A 15 6.88 -8.64 -1.34
CA ALA A 15 5.79 -8.07 -2.12
C ALA A 15 4.94 -7.13 -1.26
N PHE A 16 4.48 -6.06 -1.86
CA PHE A 16 3.70 -5.03 -1.17
C PHE A 16 2.45 -4.70 -1.97
N PHE A 17 1.37 -4.40 -1.27
CA PHE A 17 0.11 -4.04 -1.92
C PHE A 17 -0.26 -2.59 -1.61
N VAL A 18 -1.16 -2.04 -2.42
CA VAL A 18 -1.73 -0.73 -2.15
C VAL A 18 -2.98 -0.90 -1.29
N LEU A 19 -2.83 -0.75 0.01
CA LEU A 19 -3.90 -1.04 0.94
C LEU A 19 -4.45 0.22 1.58
N VAL A 20 -5.76 0.37 1.52
CA VAL A 20 -6.44 1.46 2.19
C VAL A 20 -7.44 0.89 3.19
N ASN A 21 -7.59 1.54 4.33
CA ASN A 21 -8.48 1.03 5.38
C ASN A 21 -9.59 2.05 5.68
N ASP A 22 -10.31 1.81 6.76
CA ASP A 22 -11.42 2.67 7.14
C ASP A 22 -10.93 4.05 7.58
N GLU A 23 -9.88 4.09 8.38
CA GLU A 23 -9.26 5.36 8.76
C GLU A 23 -7.86 5.49 8.20
N ASP A 24 -7.35 4.42 7.61
CA ASP A 24 -6.01 4.45 7.05
C ASP A 24 -6.07 4.84 5.58
N GLN A 25 -5.66 6.07 5.31
CA GLN A 25 -5.87 6.70 4.01
C GLN A 25 -5.07 6.00 2.92
N HIS A 26 -3.83 5.67 3.21
CA HIS A 26 -2.99 4.95 2.25
C HIS A 26 -1.83 4.27 2.96
N SER A 27 -1.66 2.99 2.70
CA SER A 27 -0.58 2.22 3.32
C SER A 27 -0.01 1.20 2.34
N LEU A 28 1.31 1.11 2.29
CA LEU A 28 1.98 0.07 1.53
C LEU A 28 2.18 -1.14 2.44
N TRP A 29 1.34 -2.14 2.24
CA TRP A 29 1.29 -3.27 3.15
C TRP A 29 1.90 -4.52 2.53
N PRO A 30 2.87 -5.14 3.21
CA PRO A 30 3.52 -6.36 2.73
C PRO A 30 2.54 -7.52 2.62
N VAL A 31 2.58 -8.19 1.47
CA VAL A 31 1.67 -9.29 1.17
C VAL A 31 1.89 -10.47 2.13
N PHE A 32 3.09 -10.54 2.69
CA PHE A 32 3.44 -11.63 3.59
C PHE A 32 3.05 -11.32 5.02
N ALA A 33 2.36 -10.21 5.22
CA ALA A 33 1.86 -9.83 6.52
C ALA A 33 0.35 -10.03 6.58
N ASP A 34 -0.12 -10.68 7.64
CA ASP A 34 -1.53 -10.98 7.80
C ASP A 34 -2.38 -9.72 7.76
N ILE A 35 -3.38 -9.72 6.89
CA ILE A 35 -4.23 -8.55 6.70
C ILE A 35 -5.46 -8.63 7.61
N PRO A 36 -5.77 -7.53 8.32
CA PRO A 36 -6.92 -7.44 9.23
C PRO A 36 -8.27 -7.42 8.48
N ALA A 37 -9.29 -6.78 9.04
CA ALA A 37 -10.56 -6.60 8.35
C ALA A 37 -10.97 -5.12 8.38
N GLY A 38 -11.55 -4.65 7.29
CA GLY A 38 -11.92 -3.24 7.20
C GLY A 38 -11.06 -2.51 6.20
N TRP A 39 -10.60 -3.23 5.18
CA TRP A 39 -9.66 -2.70 4.22
C TRP A 39 -10.19 -2.77 2.79
N ARG A 40 -9.45 -2.17 1.89
CA ARG A 40 -9.73 -2.24 0.47
C ARG A 40 -8.43 -2.18 -0.30
N VAL A 41 -8.19 -3.16 -1.17
CA VAL A 41 -6.98 -3.20 -1.95
C VAL A 41 -7.18 -2.42 -3.25
N VAL A 42 -6.51 -1.28 -3.36
CA VAL A 42 -6.66 -0.44 -4.53
C VAL A 42 -5.89 -1.01 -5.72
N HIS A 43 -4.72 -1.58 -5.42
CA HIS A 43 -3.89 -2.19 -6.45
C HIS A 43 -3.02 -3.27 -5.84
N GLY A 44 -2.70 -4.29 -6.65
CA GLY A 44 -1.86 -5.38 -6.19
C GLY A 44 -0.40 -4.97 -6.09
N GLU A 45 0.48 -5.96 -6.14
CA GLU A 45 1.91 -5.69 -6.00
C GLU A 45 2.49 -5.10 -7.28
N ALA A 46 2.59 -3.79 -7.30
CA ALA A 46 3.17 -3.04 -8.39
C ALA A 46 4.38 -2.27 -7.88
N SER A 47 5.20 -1.76 -8.80
CA SER A 47 6.42 -1.02 -8.46
C SER A 47 6.24 -0.12 -7.22
N ARG A 48 7.15 -0.28 -6.26
CA ARG A 48 7.06 0.41 -4.97
C ARG A 48 6.98 1.93 -5.15
N ALA A 49 7.85 2.48 -6.00
CA ALA A 49 7.89 3.92 -6.24
C ALA A 49 6.57 4.40 -6.84
N ALA A 50 6.05 3.64 -7.78
CA ALA A 50 4.79 3.98 -8.44
C ALA A 50 3.63 3.94 -7.44
N CYS A 51 3.66 2.96 -6.55
CA CYS A 51 2.62 2.82 -5.53
C CYS A 51 2.63 4.00 -4.56
N LEU A 52 3.81 4.39 -4.10
CA LEU A 52 3.94 5.56 -3.23
C LEU A 52 3.42 6.82 -3.92
N ASP A 53 3.86 7.03 -5.15
CA ASP A 53 3.40 8.18 -5.94
C ASP A 53 1.88 8.18 -6.02
N TYR A 54 1.34 7.00 -6.32
CA TYR A 54 -0.09 6.78 -6.46
C TYR A 54 -0.83 7.10 -5.16
N VAL A 55 -0.38 6.53 -4.04
CA VAL A 55 -1.08 6.67 -2.76
C VAL A 55 -1.02 8.10 -2.25
N GLU A 56 0.09 8.77 -2.50
CA GLU A 56 0.26 10.15 -2.05
C GLU A 56 -0.62 11.10 -2.87
N LYS A 57 -0.61 10.94 -4.19
CA LYS A 57 -1.42 11.78 -5.07
C LYS A 57 -2.91 11.47 -4.93
N ASN A 58 -3.22 10.26 -4.49
CA ASN A 58 -4.62 9.86 -4.27
C ASN A 58 -5.09 10.25 -2.88
N TRP A 59 -4.27 11.02 -2.17
CA TRP A 59 -4.63 11.51 -0.86
C TRP A 59 -4.82 13.02 -0.87
N THR A 60 -3.74 13.75 -1.02
CA THR A 60 -3.78 15.20 -1.09
C THR A 60 -2.51 15.71 -1.77
N ASP A 61 -2.68 16.57 -2.77
CA ASP A 61 -1.54 17.04 -3.54
C ASP A 61 -1.47 18.55 -3.53
N LEU A 62 -0.38 19.08 -4.05
CA LEU A 62 -0.18 20.51 -4.20
C LEU A 62 0.47 20.79 -5.55
N ARG A 63 0.39 19.81 -6.43
CA ARG A 63 1.03 19.85 -7.73
C ARG A 63 0.46 18.75 -8.62
N PRO A 64 -0.60 19.06 -9.38
CA PRO A 64 -1.34 18.07 -10.16
C PRO A 64 -0.57 17.56 -11.37
N LYS A 65 0.08 16.43 -11.19
CA LYS A 65 0.74 15.74 -12.28
C LYS A 65 -0.27 14.80 -12.94
N SER A 66 -0.52 15.01 -14.23
CA SER A 66 -1.50 14.22 -14.97
C SER A 66 -1.22 12.73 -14.83
N LEU A 67 -2.10 12.03 -14.14
CA LEU A 67 -1.92 10.61 -13.88
C LEU A 67 -2.90 9.79 -14.70
N ARG A 68 -2.38 9.12 -15.72
CA ARG A 68 -3.19 8.23 -16.53
C ARG A 68 -2.35 7.06 -17.02
N ASP A 69 -2.68 5.88 -16.55
CA ASP A 69 -1.94 4.67 -16.91
C ASP A 69 -2.94 3.56 -17.18
N ALA A 70 -2.45 2.39 -17.56
CA ALA A 70 -3.32 1.25 -17.82
C ALA A 70 -3.90 0.72 -16.51
N MET A 71 -5.10 1.16 -16.19
CA MET A 71 -5.75 0.79 -14.94
C MET A 71 -6.80 -0.27 -15.17
N VAL A 72 -7.20 -0.45 -16.42
CA VAL A 72 -8.19 -1.45 -16.76
C VAL A 72 -7.53 -2.75 -17.21
N GLU A 73 -7.66 -3.77 -16.39
CA GLU A 73 -7.19 -5.09 -16.75
C GLU A 73 -8.38 -6.05 -16.80
N ASP A 74 -8.17 -7.24 -17.34
CA ASP A 74 -9.23 -8.22 -17.43
C ASP A 74 -9.23 -9.09 -16.18
N GLY A 1 10.59 -27.18 16.83
CA GLY A 1 11.29 -25.96 17.31
C GLY A 1 12.67 -26.29 17.86
N SER A 2 13.60 -26.54 16.95
CA SER A 2 14.96 -26.88 17.33
C SER A 2 15.78 -25.61 17.60
N HIS A 3 16.46 -25.57 18.73
CA HIS A 3 17.35 -24.46 19.04
C HIS A 3 18.60 -24.54 18.17
N MET A 4 18.49 -24.02 16.95
CA MET A 4 19.61 -23.99 16.03
C MET A 4 19.84 -22.55 15.58
N SER A 5 20.65 -21.84 16.35
CA SER A 5 20.93 -20.43 16.07
C SER A 5 21.74 -20.28 14.79
N THR A 6 21.02 -20.01 13.70
CA THR A 6 21.61 -19.84 12.38
C THR A 6 20.63 -19.09 11.49
N ASN A 7 21.15 -18.29 10.57
CA ASN A 7 20.30 -17.54 9.67
C ASN A 7 20.30 -18.19 8.29
N PRO A 8 19.26 -18.96 7.97
CA PRO A 8 19.20 -19.73 6.74
C PRO A 8 18.64 -18.94 5.56
N PHE A 9 17.97 -17.84 5.86
CA PHE A 9 17.29 -17.07 4.82
C PHE A 9 17.93 -15.70 4.62
N ASP A 10 17.65 -15.11 3.48
CA ASP A 10 18.11 -13.76 3.18
C ASP A 10 16.90 -12.91 2.80
N ASP A 11 16.99 -11.61 3.01
CA ASP A 11 15.90 -10.70 2.66
C ASP A 11 15.68 -10.68 1.15
N ASP A 12 14.78 -11.56 0.69
CA ASP A 12 14.37 -11.56 -0.70
C ASP A 12 13.29 -10.52 -0.88
N ASN A 13 13.15 -10.00 -2.09
CA ASN A 13 12.20 -8.93 -2.35
C ASN A 13 10.76 -9.44 -2.28
N GLY A 14 10.18 -9.34 -1.09
CA GLY A 14 8.80 -9.71 -0.90
C GLY A 14 7.87 -8.66 -1.46
N ALA A 15 6.93 -9.09 -2.28
CA ALA A 15 5.99 -8.18 -2.91
C ALA A 15 5.10 -7.49 -1.88
N PHE A 16 4.55 -6.36 -2.27
CA PHE A 16 3.73 -5.53 -1.39
C PHE A 16 2.50 -5.07 -2.15
N PHE A 17 1.39 -4.89 -1.45
CA PHE A 17 0.15 -4.48 -2.09
C PHE A 17 -0.25 -3.09 -1.63
N VAL A 18 -1.08 -2.43 -2.43
CA VAL A 18 -1.60 -1.12 -2.07
C VAL A 18 -2.81 -1.29 -1.16
N LEU A 19 -2.59 -1.18 0.13
CA LEU A 19 -3.63 -1.46 1.10
C LEU A 19 -4.12 -0.18 1.76
N VAL A 20 -5.42 0.04 1.75
CA VAL A 20 -6.00 1.19 2.43
C VAL A 20 -6.92 0.73 3.55
N ASN A 21 -6.73 1.30 4.72
CA ASN A 21 -7.58 1.00 5.87
C ASN A 21 -8.62 2.10 6.04
N ASP A 22 -9.74 1.77 6.66
CA ASP A 22 -10.82 2.74 6.85
C ASP A 22 -10.34 3.97 7.62
N GLU A 23 -9.51 3.74 8.63
CA GLU A 23 -8.98 4.83 9.44
C GLU A 23 -7.56 5.18 9.01
N ASP A 24 -7.23 4.90 7.76
CA ASP A 24 -5.91 5.18 7.22
C ASP A 24 -6.04 5.84 5.85
N GLN A 25 -4.96 6.38 5.33
CA GLN A 25 -4.98 7.05 4.05
C GLN A 25 -4.26 6.21 3.00
N HIS A 26 -3.14 5.63 3.39
CA HIS A 26 -2.31 4.85 2.47
C HIS A 26 -1.29 4.00 3.20
N SER A 27 -1.27 2.71 2.88
CA SER A 27 -0.30 1.79 3.47
C SER A 27 0.19 0.78 2.42
N LEU A 28 1.46 0.45 2.48
CA LEU A 28 2.04 -0.56 1.62
C LEU A 28 2.33 -1.81 2.42
N TRP A 29 1.46 -2.81 2.26
CA TRP A 29 1.51 -4.00 3.11
C TRP A 29 2.03 -5.19 2.30
N PRO A 30 3.03 -5.92 2.85
CA PRO A 30 3.62 -7.08 2.17
C PRO A 30 2.62 -8.18 1.85
N VAL A 31 2.87 -8.90 0.76
CA VAL A 31 2.03 -10.01 0.35
C VAL A 31 2.31 -11.23 1.23
N PHE A 32 1.28 -12.05 1.44
CA PHE A 32 1.37 -13.25 2.27
C PHE A 32 1.50 -12.89 3.75
N ALA A 33 1.38 -11.61 4.06
CA ALA A 33 1.38 -11.15 5.43
C ALA A 33 -0.04 -11.11 5.95
N ASP A 34 -0.21 -11.18 7.26
CA ASP A 34 -1.54 -11.19 7.85
C ASP A 34 -2.21 -9.82 7.72
N ILE A 35 -3.47 -9.83 7.34
CA ILE A 35 -4.20 -8.58 7.14
C ILE A 35 -5.37 -8.50 8.12
N PRO A 36 -5.52 -7.36 8.80
CA PRO A 36 -6.65 -7.12 9.72
C PRO A 36 -7.97 -6.96 8.99
N ALA A 37 -8.96 -6.40 9.68
CA ALA A 37 -10.26 -6.15 9.07
C ALA A 37 -10.43 -4.66 8.76
N GLY A 38 -11.36 -4.36 7.86
CA GLY A 38 -11.61 -2.97 7.48
C GLY A 38 -10.64 -2.49 6.42
N TRP A 39 -10.19 -3.41 5.59
CA TRP A 39 -9.18 -3.12 4.59
C TRP A 39 -9.78 -3.02 3.19
N ARG A 40 -9.03 -2.40 2.29
CA ARG A 40 -9.39 -2.34 0.89
C ARG A 40 -8.13 -2.30 0.04
N VAL A 41 -7.94 -3.32 -0.79
CA VAL A 41 -6.79 -3.36 -1.68
C VAL A 41 -7.07 -2.57 -2.96
N VAL A 42 -6.28 -1.53 -3.18
CA VAL A 42 -6.45 -0.69 -4.35
C VAL A 42 -5.83 -1.35 -5.58
N HIS A 43 -4.70 -2.02 -5.36
CA HIS A 43 -4.00 -2.75 -6.41
C HIS A 43 -3.06 -3.75 -5.78
N GLY A 44 -2.73 -4.81 -6.52
CA GLY A 44 -1.84 -5.84 -6.01
C GLY A 44 -0.40 -5.36 -5.87
N GLU A 45 0.53 -6.15 -6.37
CA GLU A 45 1.94 -5.86 -6.17
C GLU A 45 2.47 -4.97 -7.26
N ALA A 46 2.50 -3.71 -6.94
CA ALA A 46 3.10 -2.69 -7.77
C ALA A 46 4.21 -2.01 -7.02
N SER A 47 5.19 -1.48 -7.75
CA SER A 47 6.37 -0.85 -7.13
C SER A 47 5.97 0.11 -6.01
N ARG A 48 6.60 -0.08 -4.85
CA ARG A 48 6.23 0.64 -3.63
C ARG A 48 6.35 2.15 -3.82
N ALA A 49 7.37 2.57 -4.57
CA ALA A 49 7.59 3.98 -4.85
C ALA A 49 6.44 4.54 -5.70
N ALA A 50 6.04 3.80 -6.72
CA ALA A 50 4.95 4.22 -7.59
C ALA A 50 3.62 4.26 -6.83
N CYS A 51 3.47 3.37 -5.86
CA CYS A 51 2.29 3.35 -5.01
C CYS A 51 2.22 4.60 -4.14
N LEU A 52 3.35 4.93 -3.52
CA LEU A 52 3.47 6.19 -2.78
C LEU A 52 3.17 7.37 -3.68
N ASP A 53 3.74 7.36 -4.88
CA ASP A 53 3.50 8.39 -5.87
C ASP A 53 2.00 8.53 -6.15
N TYR A 54 1.35 7.39 -6.37
CA TYR A 54 -0.07 7.34 -6.65
C TYR A 54 -0.88 7.98 -5.53
N VAL A 55 -0.64 7.57 -4.29
CA VAL A 55 -1.46 8.03 -3.17
C VAL A 55 -1.21 9.52 -2.90
N GLU A 56 0.04 9.93 -3.00
CA GLU A 56 0.41 11.32 -2.71
C GLU A 56 -0.08 12.27 -3.81
N LYS A 57 -0.16 11.76 -5.04
CA LYS A 57 -0.68 12.56 -6.15
C LYS A 57 -2.18 12.81 -5.99
N ASN A 58 -2.85 11.93 -5.27
CA ASN A 58 -4.29 12.07 -5.07
C ASN A 58 -4.59 12.84 -3.78
N TRP A 59 -3.83 12.53 -2.73
CA TRP A 59 -3.92 13.23 -1.44
C TRP A 59 -5.20 12.87 -0.66
N THR A 60 -6.33 12.90 -1.34
CA THR A 60 -7.61 12.63 -0.69
C THR A 60 -7.78 11.15 -0.41
N ASP A 61 -8.49 10.84 0.67
CA ASP A 61 -8.69 9.47 1.11
C ASP A 61 -9.67 8.73 0.21
N LEU A 62 -10.58 9.47 -0.40
CA LEU A 62 -11.61 8.87 -1.21
C LEU A 62 -11.34 9.10 -2.69
N ARG A 63 -10.95 8.05 -3.38
CA ARG A 63 -10.74 8.10 -4.81
C ARG A 63 -11.52 7.00 -5.50
N PRO A 64 -12.70 7.33 -6.04
CA PRO A 64 -13.60 6.36 -6.66
C PRO A 64 -13.04 5.81 -7.97
N LYS A 65 -12.83 4.50 -8.01
CA LYS A 65 -12.39 3.83 -9.21
C LYS A 65 -13.43 2.82 -9.67
N SER A 66 -14.38 3.28 -10.45
CA SER A 66 -15.44 2.41 -10.94
C SER A 66 -15.24 2.14 -12.43
N LEU A 67 -14.67 0.99 -12.74
CA LEU A 67 -14.41 0.62 -14.11
C LEU A 67 -14.79 -0.85 -14.33
N ARG A 68 -14.18 -1.72 -13.55
CA ARG A 68 -14.43 -3.15 -13.65
C ARG A 68 -14.02 -3.84 -12.35
N ASP A 69 -14.93 -3.88 -11.40
CA ASP A 69 -14.66 -4.48 -10.11
C ASP A 69 -15.35 -5.83 -10.01
N ALA A 70 -14.60 -6.89 -10.25
CA ALA A 70 -15.15 -8.24 -10.24
C ALA A 70 -14.04 -9.24 -9.96
N MET A 71 -14.42 -10.49 -9.78
CA MET A 71 -13.45 -11.55 -9.52
C MET A 71 -12.90 -12.08 -10.83
N VAL A 72 -11.68 -11.69 -11.17
CA VAL A 72 -11.05 -12.10 -12.41
C VAL A 72 -10.58 -13.55 -12.29
N GLU A 73 -9.76 -13.83 -11.29
CA GLU A 73 -9.29 -15.18 -11.04
C GLU A 73 -10.10 -15.83 -9.94
N ASP A 74 -10.55 -17.05 -10.19
CA ASP A 74 -11.25 -17.83 -9.19
C ASP A 74 -10.32 -18.86 -8.60
N GLY A 1 -12.36 -6.88 13.91
CA GLY A 1 -11.55 -5.67 14.21
C GLY A 1 -10.37 -5.55 13.27
N SER A 2 -9.32 -4.88 13.72
CA SER A 2 -8.11 -4.76 12.93
C SER A 2 -7.05 -5.73 13.43
N HIS A 3 -6.62 -6.64 12.56
CA HIS A 3 -5.59 -7.60 12.91
C HIS A 3 -4.23 -7.09 12.42
N MET A 4 -3.63 -6.22 13.22
CA MET A 4 -2.35 -5.64 12.89
C MET A 4 -1.21 -6.61 13.23
N SER A 5 -0.41 -6.94 12.25
CA SER A 5 0.74 -7.81 12.46
C SER A 5 1.96 -6.97 12.82
N THR A 6 2.47 -7.18 14.02
CA THR A 6 3.63 -6.43 14.49
C THR A 6 4.90 -6.90 13.79
N ASN A 7 5.27 -6.18 12.75
CA ASN A 7 6.50 -6.47 12.00
C ASN A 7 7.61 -5.52 12.45
N PRO A 8 8.70 -6.06 12.99
CA PRO A 8 9.85 -5.26 13.44
C PRO A 8 10.56 -4.54 12.30
N PHE A 9 10.34 -5.03 11.08
CA PHE A 9 10.98 -4.46 9.90
C PHE A 9 10.05 -3.45 9.23
N ASP A 10 10.59 -2.71 8.28
CA ASP A 10 9.83 -1.67 7.59
C ASP A 10 9.65 -2.02 6.11
N ASP A 11 10.42 -3.00 5.66
CA ASP A 11 10.45 -3.38 4.26
C ASP A 11 9.70 -4.69 4.01
N ASP A 12 9.46 -4.98 2.73
CA ASP A 12 8.73 -6.18 2.32
C ASP A 12 9.69 -7.26 1.81
N ASN A 13 9.27 -8.51 1.96
CA ASN A 13 10.10 -9.65 1.59
C ASN A 13 9.66 -10.26 0.26
N GLY A 14 8.39 -10.04 -0.10
CA GLY A 14 7.85 -10.71 -1.27
C GLY A 14 7.21 -9.75 -2.25
N ALA A 15 5.98 -9.41 -1.96
CA ALA A 15 5.21 -8.50 -2.80
C ALA A 15 4.37 -7.58 -1.93
N PHE A 16 4.12 -6.38 -2.40
CA PHE A 16 3.37 -5.38 -1.64
C PHE A 16 2.11 -4.97 -2.38
N PHE A 17 1.05 -4.68 -1.63
CA PHE A 17 -0.21 -4.24 -2.21
C PHE A 17 -0.56 -2.86 -1.68
N VAL A 18 -1.38 -2.13 -2.42
CA VAL A 18 -1.90 -0.85 -1.95
C VAL A 18 -3.18 -1.08 -1.18
N LEU A 19 -3.09 -1.03 0.14
CA LEU A 19 -4.21 -1.36 1.00
C LEU A 19 -4.73 -0.11 1.69
N VAL A 20 -6.05 0.00 1.78
CA VAL A 20 -6.68 1.07 2.53
C VAL A 20 -7.31 0.49 3.79
N ASN A 21 -7.19 1.23 4.88
CA ASN A 21 -7.71 0.80 6.16
C ASN A 21 -9.01 1.53 6.49
N ASP A 22 -9.80 0.95 7.40
CA ASP A 22 -11.06 1.54 7.84
C ASP A 22 -10.90 3.01 8.24
N GLU A 23 -9.87 3.32 9.02
CA GLU A 23 -9.70 4.68 9.51
C GLU A 23 -8.46 5.36 8.94
N ASP A 24 -7.63 4.62 8.20
CA ASP A 24 -6.39 5.21 7.69
C ASP A 24 -6.45 5.35 6.18
N GLN A 25 -5.71 6.32 5.66
CA GLN A 25 -5.81 6.70 4.26
C GLN A 25 -5.19 5.67 3.34
N HIS A 26 -3.94 5.30 3.61
CA HIS A 26 -3.20 4.42 2.72
C HIS A 26 -2.07 3.70 3.44
N SER A 27 -1.89 2.43 3.13
CA SER A 27 -0.80 1.65 3.67
C SER A 27 -0.34 0.61 2.65
N LEU A 28 0.97 0.52 2.43
CA LEU A 28 1.53 -0.51 1.58
C LEU A 28 1.68 -1.79 2.38
N TRP A 29 0.87 -2.78 2.04
CA TRP A 29 0.79 -3.99 2.83
C TRP A 29 1.45 -5.15 2.10
N PRO A 30 2.53 -5.68 2.69
CA PRO A 30 3.24 -6.83 2.13
C PRO A 30 2.43 -8.11 2.22
N VAL A 31 2.48 -8.92 1.16
CA VAL A 31 1.78 -10.21 1.14
C VAL A 31 2.48 -11.20 2.06
N PHE A 32 3.59 -10.75 2.65
CA PHE A 32 4.33 -11.54 3.62
C PHE A 32 3.47 -11.77 4.87
N ALA A 33 2.54 -10.85 5.11
CA ALA A 33 1.62 -10.96 6.23
C ALA A 33 0.22 -11.25 5.74
N ASP A 34 -0.62 -11.80 6.60
CA ASP A 34 -1.98 -12.18 6.22
C ASP A 34 -2.88 -10.96 6.11
N ILE A 35 -3.79 -10.99 5.14
CA ILE A 35 -4.77 -9.92 4.97
C ILE A 35 -5.93 -10.14 5.92
N PRO A 36 -6.12 -9.22 6.89
CA PRO A 36 -7.08 -9.38 7.97
C PRO A 36 -8.52 -8.98 7.60
N ALA A 37 -8.97 -7.83 8.08
CA ALA A 37 -10.34 -7.38 7.86
C ALA A 37 -10.40 -5.86 7.83
N GLY A 38 -11.46 -5.30 7.28
CA GLY A 38 -11.57 -3.86 7.14
C GLY A 38 -10.57 -3.34 6.13
N TRP A 39 -10.25 -4.18 5.16
CA TRP A 39 -9.24 -3.88 4.17
C TRP A 39 -9.86 -3.55 2.82
N ARG A 40 -9.21 -2.68 2.08
CA ARG A 40 -9.64 -2.33 0.75
C ARG A 40 -8.43 -2.31 -0.19
N VAL A 41 -8.41 -3.23 -1.14
CA VAL A 41 -7.30 -3.31 -2.09
C VAL A 41 -7.53 -2.37 -3.26
N VAL A 42 -6.71 -1.34 -3.36
CA VAL A 42 -6.83 -0.38 -4.45
C VAL A 42 -5.94 -0.78 -5.63
N HIS A 43 -4.81 -1.38 -5.32
CA HIS A 43 -3.84 -1.74 -6.34
C HIS A 43 -3.02 -2.95 -5.89
N GLY A 44 -2.66 -3.80 -6.85
CA GLY A 44 -1.87 -4.98 -6.53
C GLY A 44 -0.38 -4.70 -6.48
N GLU A 45 0.41 -5.73 -6.79
CA GLU A 45 1.85 -5.61 -6.64
C GLU A 45 2.50 -5.09 -7.90
N ALA A 46 2.75 -3.82 -7.85
CA ALA A 46 3.47 -3.10 -8.88
C ALA A 46 4.46 -2.17 -8.21
N SER A 47 5.42 -1.64 -8.99
CA SER A 47 6.53 -0.84 -8.46
C SER A 47 6.16 -0.04 -7.21
N ARG A 48 6.97 -0.20 -6.17
CA ARG A 48 6.69 0.38 -4.86
C ARG A 48 6.70 1.91 -4.93
N ALA A 49 7.59 2.45 -5.74
CA ALA A 49 7.67 3.90 -5.93
C ALA A 49 6.41 4.43 -6.58
N ALA A 50 5.86 3.65 -7.51
CA ALA A 50 4.63 4.02 -8.20
C ALA A 50 3.44 3.97 -7.25
N CYS A 51 3.40 2.94 -6.42
CA CYS A 51 2.34 2.80 -5.42
C CYS A 51 2.37 3.95 -4.42
N LEU A 52 3.55 4.21 -3.86
CA LEU A 52 3.75 5.33 -2.94
C LEU A 52 3.32 6.65 -3.58
N ASP A 53 3.79 6.89 -4.79
CA ASP A 53 3.46 8.12 -5.49
C ASP A 53 1.96 8.23 -5.71
N TYR A 54 1.35 7.12 -6.09
CA TYR A 54 -0.09 7.06 -6.34
C TYR A 54 -0.86 7.46 -5.09
N VAL A 55 -0.47 6.92 -3.93
CA VAL A 55 -1.16 7.25 -2.68
C VAL A 55 -0.82 8.68 -2.23
N GLU A 56 0.41 9.12 -2.47
CA GLU A 56 0.83 10.48 -2.10
C GLU A 56 0.11 11.54 -2.91
N LYS A 57 -0.28 11.22 -4.13
CA LYS A 57 -0.99 12.18 -4.97
C LYS A 57 -2.50 12.20 -4.73
N ASN A 58 -3.03 11.18 -4.06
CA ASN A 58 -4.49 10.99 -4.03
C ASN A 58 -5.13 11.22 -2.66
N TRP A 59 -4.42 11.84 -1.71
CA TRP A 59 -5.02 12.16 -0.41
C TRP A 59 -5.99 13.34 -0.52
N THR A 60 -6.24 13.77 -1.76
CA THR A 60 -7.06 14.95 -2.04
C THR A 60 -8.46 14.85 -1.40
N ASP A 61 -8.99 13.64 -1.34
CA ASP A 61 -10.35 13.44 -0.83
C ASP A 61 -10.39 13.39 0.69
N LEU A 62 -9.23 13.40 1.33
CA LEU A 62 -9.15 13.31 2.77
C LEU A 62 -9.25 14.69 3.42
N ARG A 63 -8.19 15.48 3.30
CA ARG A 63 -8.16 16.81 3.88
C ARG A 63 -7.04 17.65 3.29
N PRO A 64 -7.39 18.80 2.70
CA PRO A 64 -6.42 19.73 2.12
C PRO A 64 -5.72 20.56 3.18
N LYS A 65 -4.72 21.34 2.76
CA LYS A 65 -3.94 22.21 3.66
C LYS A 65 -3.14 21.42 4.70
N SER A 66 -3.18 20.10 4.62
CA SER A 66 -2.46 19.27 5.57
C SER A 66 -1.21 18.70 4.94
N LEU A 67 -0.06 19.16 5.43
CA LEU A 67 1.23 18.69 4.97
C LEU A 67 2.29 19.08 5.98
N ARG A 68 3.55 18.75 5.71
CA ARG A 68 4.63 19.16 6.59
C ARG A 68 5.83 19.59 5.76
N ASP A 69 6.89 19.99 6.44
CA ASP A 69 8.09 20.47 5.78
C ASP A 69 8.87 19.30 5.19
N ALA A 70 9.64 19.61 4.17
CA ALA A 70 10.62 18.67 3.63
C ALA A 70 11.99 19.32 3.70
N MET A 71 12.56 19.34 4.90
CA MET A 71 13.78 20.07 5.16
C MET A 71 14.98 19.44 4.46
N VAL A 72 15.89 20.29 4.02
CA VAL A 72 17.10 19.84 3.35
C VAL A 72 18.19 19.53 4.37
N GLU A 73 19.09 18.62 4.03
CA GLU A 73 20.15 18.25 4.93
C GLU A 73 21.40 19.07 4.61
N ASP A 74 21.59 20.14 5.35
CA ASP A 74 22.77 20.97 5.18
C ASP A 74 23.36 21.29 6.54
#